data_3TZ3
#
_entry.id   3TZ3
#
_cell.length_a   246.850
_cell.length_b   123.370
_cell.length_c   145.100
_cell.angle_alpha   90.000
_cell.angle_beta   94.410
_cell.angle_gamma   90.000
#
_symmetry.space_group_name_H-M   'C 1 2 1'
#
loop_
_entity.id
_entity.type
_entity.pdbx_description
1 polymer 'Acetyl-CoA carboxylase'
2 non-polymer 6-{[1-(anthracen-9-ylcarbonyl)piperidin-4-yl]methyl}-2-methylquinoline
3 water water
#
_entity_poly.entity_id   1
_entity_poly.type   'polypeptide(L)'
_entity_poly.pdbx_seq_one_letter_code
;MASGSMHLRPIATPYPVKEWLQPKRYKAHLMGTTYVYDFPELFRQASSSQWKNFSADVKLTDDFFISNELIEDENGELTE
VEREPGANAIGMVAFKITVKTPEYPRGRQFVVVANDITFKIGSFGPQEDEFFNKVTEYARKRGIPRIYLAANSGARIGMA
EEIVPLFQVAWNDAANPDKGFQYLYLTSEGMETLKKFDKENSVLTERTVINGEERFVIKTIIGSEDGLGVECLRGSGLIA
GATSRAYHDIFTITLVTCRSVGIGAYLVRLGQRAIQVEGQPIILTGASALNKVLGREVYTSNLQLGGTQIMYNNGVSHLT
AVDDLAGVEKIVEWMSYVPAKRNMPVPILETKDTWDRPVDFTPTNDETYDVRWMIEGRETESGFEYGLFDKGSFFETLSG
WAKGVVVGRARLGGIPLGVIGVETRTVENLIPADPANPNSAETLIQQAGQVWFPNSAFKTAQAINDFNNGEQLPMMILAN
WRGFSGGQRDMFNEVLKYGSFIVDALVDYKQPIIIYIPPTGELRGGSWVVVDPTINADQMEMYADVNARAGVLEPEGTVE
IKFRREKLLDTMNRLDDKYRELRSQLSNKSLAPEVHQQISKQLADRERELLPIYGQISLQFADLHDRSSRMVAKGVISKE
LEWTEARRFFFWRLRRRLNEEYLIKRLSHQVGEASRLEKIARIRSWYPASVDHEDDRQVATWIEENYKTLDDKLKGLKLE
SFAQDLAKKIRSDHDNAIDGLSEVIKMLSTDDKEKLLKTLKLEHHHHHH
;
_entity_poly.pdbx_strand_id   A,B,C
#
loop_
_chem_comp.id
_chem_comp.type
_chem_comp.name
_chem_comp.formula
B36 non-polymer 6-{[1-(anthracen-9-ylcarbonyl)piperidin-4-yl]methyl}-2-methylquinoline 'C31 H28 N2 O'
#
# COMPACT_ATOMS: atom_id res chain seq x y z
N LEU A 8 -42.05 -60.72 -37.59
CA LEU A 8 -40.97 -59.76 -37.82
C LEU A 8 -41.06 -59.01 -39.14
N ARG A 9 -41.25 -57.69 -39.04
CA ARG A 9 -41.33 -56.78 -40.17
C ARG A 9 -40.58 -55.48 -39.80
N PRO A 10 -39.56 -55.05 -40.56
CA PRO A 10 -39.01 -55.68 -41.77
C PRO A 10 -37.91 -56.74 -41.52
N ILE A 11 -37.78 -57.65 -42.46
CA ILE A 11 -36.72 -58.66 -42.41
C ILE A 11 -35.40 -58.05 -42.95
N ALA A 12 -34.25 -58.74 -42.75
CA ALA A 12 -32.93 -58.34 -43.25
C ALA A 12 -32.36 -56.94 -42.88
N THR A 13 -32.77 -56.38 -41.74
CA THR A 13 -32.21 -55.11 -41.29
C THR A 13 -30.78 -55.32 -40.70
N PRO A 14 -29.87 -54.30 -40.74
CA PRO A 14 -28.51 -54.49 -40.19
C PRO A 14 -28.44 -54.80 -38.69
N TYR A 15 -29.28 -54.11 -37.88
CA TYR A 15 -29.37 -54.28 -36.44
C TYR A 15 -30.79 -54.70 -36.03
N PRO A 16 -31.09 -55.14 -34.76
CA PRO A 16 -32.45 -55.61 -34.45
C PRO A 16 -33.58 -54.57 -34.55
N VAL A 17 -34.76 -55.06 -34.97
CA VAL A 17 -35.96 -54.23 -35.13
C VAL A 17 -36.53 -53.93 -33.73
N LYS A 18 -36.14 -52.80 -33.14
CA LYS A 18 -36.59 -52.39 -31.82
C LYS A 18 -38.14 -52.36 -31.68
N GLU A 19 -38.86 -51.95 -32.74
CA GLU A 19 -40.34 -51.88 -32.77
C GLU A 19 -41.00 -53.28 -32.73
N TRP A 20 -40.23 -54.33 -32.95
CA TRP A 20 -40.64 -55.73 -32.92
C TRP A 20 -40.28 -56.31 -31.54
N LEU A 21 -39.00 -56.11 -31.10
CA LEU A 21 -38.48 -56.49 -29.79
C LEU A 21 -39.44 -56.01 -28.69
N GLN A 22 -39.95 -54.77 -28.83
CA GLN A 22 -40.96 -54.21 -27.96
C GLN A 22 -42.07 -53.62 -28.85
N PRO A 23 -43.18 -54.35 -29.08
CA PRO A 23 -44.23 -53.84 -29.98
C PRO A 23 -44.90 -52.57 -29.50
N LYS A 24 -44.80 -52.26 -28.19
CA LYS A 24 -45.37 -51.07 -27.59
C LYS A 24 -44.69 -49.83 -28.13
N ARG A 25 -43.43 -49.98 -28.62
CA ARG A 25 -42.67 -48.90 -29.25
C ARG A 25 -43.39 -48.50 -30.53
N TYR A 26 -43.85 -49.51 -31.30
CA TYR A 26 -44.59 -49.33 -32.54
C TYR A 26 -45.98 -48.71 -32.31
N LYS A 27 -46.66 -49.11 -31.21
CA LYS A 27 -47.98 -48.53 -30.86
C LYS A 27 -47.85 -47.04 -30.64
N ALA A 28 -46.79 -46.65 -29.89
CA ALA A 28 -46.48 -45.26 -29.58
C ALA A 28 -46.21 -44.51 -30.87
N HIS A 29 -45.42 -45.10 -31.75
CA HIS A 29 -45.09 -44.51 -33.05
C HIS A 29 -46.33 -44.31 -33.91
N LEU A 30 -47.24 -45.31 -33.95
CA LEU A 30 -48.48 -45.23 -34.74
C LEU A 30 -49.39 -44.10 -34.26
N MET A 31 -49.28 -43.73 -32.97
CA MET A 31 -50.03 -42.62 -32.35
C MET A 31 -49.32 -41.26 -32.42
N GLY A 32 -48.25 -41.21 -33.23
CA GLY A 32 -47.49 -40.00 -33.50
C GLY A 32 -46.65 -39.45 -32.36
N THR A 33 -46.16 -40.36 -31.50
CA THR A 33 -45.34 -39.97 -30.38
C THR A 33 -44.17 -40.95 -30.15
N THR A 34 -43.12 -40.48 -29.42
CA THR A 34 -41.97 -41.25 -28.95
C THR A 34 -42.47 -42.23 -27.88
N TYR A 35 -41.90 -43.42 -27.86
CA TYR A 35 -42.18 -44.42 -26.85
C TYR A 35 -41.56 -43.92 -25.55
N VAL A 36 -42.32 -43.94 -24.44
CA VAL A 36 -41.94 -43.49 -23.09
C VAL A 36 -40.47 -43.83 -22.74
N TYR A 37 -40.09 -45.12 -22.88
CA TYR A 37 -38.75 -45.64 -22.61
C TYR A 37 -37.63 -45.11 -23.50
N ASP A 38 -37.99 -44.47 -24.64
CA ASP A 38 -37.04 -43.84 -25.56
C ASP A 38 -36.76 -42.38 -25.21
N PHE A 39 -37.60 -41.72 -24.38
CA PHE A 39 -37.44 -40.32 -23.92
C PHE A 39 -36.09 -40.04 -23.25
N PRO A 40 -35.59 -40.85 -22.29
CA PRO A 40 -34.25 -40.61 -21.75
C PRO A 40 -33.14 -40.44 -22.81
N GLU A 41 -33.21 -41.19 -23.93
CA GLU A 41 -32.26 -41.09 -25.04
C GLU A 41 -32.32 -39.72 -25.70
N LEU A 42 -33.55 -39.13 -25.84
CA LEU A 42 -33.74 -37.79 -26.39
C LEU A 42 -33.10 -36.79 -25.46
N PHE A 43 -33.12 -37.05 -24.13
CA PHE A 43 -32.47 -36.21 -23.13
C PHE A 43 -30.95 -36.30 -23.25
N ARG A 44 -30.41 -37.50 -23.60
CA ARG A 44 -28.98 -37.71 -23.83
C ARG A 44 -28.56 -36.98 -25.09
N GLN A 45 -29.32 -37.14 -26.20
CA GLN A 45 -29.08 -36.44 -27.46
C GLN A 45 -29.05 -34.90 -27.29
N ALA A 46 -30.03 -34.35 -26.56
CA ALA A 46 -30.16 -32.92 -26.28
C ALA A 46 -29.02 -32.37 -25.39
N SER A 47 -28.67 -33.11 -24.33
CA SER A 47 -27.59 -32.79 -23.38
C SER A 47 -26.25 -32.76 -24.09
N SER A 48 -26.03 -33.71 -25.05
CA SER A 48 -24.85 -33.79 -25.89
C SER A 48 -24.79 -32.59 -26.83
N SER A 49 -25.94 -32.17 -27.41
CA SER A 49 -26.03 -31.00 -28.29
C SER A 49 -25.67 -29.75 -27.52
N GLN A 50 -26.17 -29.64 -26.27
CA GLN A 50 -25.88 -28.55 -25.33
C GLN A 50 -24.34 -28.37 -25.25
N TRP A 51 -23.60 -29.47 -25.11
CA TRP A 51 -22.14 -29.45 -25.06
C TRP A 51 -21.50 -29.01 -26.35
N LYS A 52 -21.98 -29.53 -27.50
CA LYS A 52 -21.43 -29.16 -28.81
C LYS A 52 -21.61 -27.69 -29.16
N ASN A 53 -22.75 -27.11 -28.75
CA ASN A 53 -23.06 -25.70 -28.98
C ASN A 53 -22.27 -24.81 -28.04
N PHE A 54 -21.88 -25.32 -26.86
CA PHE A 54 -21.09 -24.61 -25.84
C PHE A 54 -19.59 -24.66 -26.20
N SER A 55 -19.00 -25.85 -26.23
CA SER A 55 -17.61 -26.02 -26.62
C SER A 55 -17.57 -27.22 -27.54
N ALA A 56 -17.43 -26.95 -28.85
CA ALA A 56 -17.40 -27.96 -29.90
C ALA A 56 -16.31 -29.02 -29.68
N ASP A 57 -15.21 -28.64 -29.01
CA ASP A 57 -14.07 -29.50 -28.75
C ASP A 57 -14.17 -30.46 -27.56
N VAL A 58 -15.26 -30.37 -26.76
CA VAL A 58 -15.43 -31.27 -25.60
C VAL A 58 -15.58 -32.72 -26.00
N LYS A 59 -14.73 -33.56 -25.38
CA LYS A 59 -14.75 -35.00 -25.57
C LYS A 59 -15.69 -35.55 -24.50
N LEU A 60 -16.88 -35.95 -24.95
CA LEU A 60 -17.95 -36.42 -24.08
C LEU A 60 -18.01 -37.93 -24.05
N THR A 61 -18.17 -38.51 -22.86
CA THR A 61 -18.32 -39.96 -22.71
C THR A 61 -19.78 -40.27 -22.30
N ASP A 62 -20.09 -41.55 -22.03
CA ASP A 62 -21.44 -41.94 -21.66
C ASP A 62 -21.84 -41.69 -20.19
N ASP A 63 -20.85 -41.59 -19.28
CA ASP A 63 -21.01 -41.32 -17.84
C ASP A 63 -21.42 -39.87 -17.54
N PHE A 64 -21.51 -39.02 -18.59
CA PHE A 64 -21.94 -37.63 -18.50
C PHE A 64 -23.46 -37.59 -18.27
N PHE A 65 -24.15 -38.65 -18.69
CA PHE A 65 -25.60 -38.79 -18.60
C PHE A 65 -25.98 -40.15 -18.03
N ILE A 66 -26.81 -40.15 -17.00
CA ILE A 66 -27.31 -41.36 -16.36
C ILE A 66 -28.82 -41.18 -16.16
N SER A 67 -29.58 -42.15 -16.69
CA SER A 67 -31.01 -42.20 -16.53
C SER A 67 -31.29 -43.49 -15.76
N ASN A 68 -32.07 -43.41 -14.67
CA ASN A 68 -32.41 -44.53 -13.81
C ASN A 68 -33.89 -44.49 -13.56
N GLU A 69 -34.61 -45.50 -14.05
CA GLU A 69 -36.05 -45.56 -13.86
C GLU A 69 -36.38 -45.69 -12.38
N LEU A 70 -37.42 -44.98 -11.94
CA LEU A 70 -37.91 -45.01 -10.57
C LEU A 70 -39.19 -45.80 -10.58
N ILE A 71 -39.32 -46.72 -9.64
CA ILE A 71 -40.54 -47.51 -9.46
C ILE A 71 -40.79 -47.62 -7.98
N GLU A 72 -42.03 -47.86 -7.59
CA GLU A 72 -42.38 -48.02 -6.19
C GLU A 72 -41.99 -49.43 -5.72
N ASP A 73 -41.32 -49.52 -4.55
CA ASP A 73 -40.97 -50.80 -3.92
C ASP A 73 -42.20 -51.40 -3.20
N GLU A 74 -42.02 -52.55 -2.52
CA GLU A 74 -43.05 -53.29 -1.74
C GLU A 74 -43.85 -52.39 -0.78
N ASN A 75 -43.20 -51.35 -0.22
CA ASN A 75 -43.77 -50.39 0.73
C ASN A 75 -44.20 -49.05 0.08
N GLY A 76 -44.27 -49.04 -1.26
CA GLY A 76 -44.65 -47.86 -2.04
C GLY A 76 -43.59 -46.77 -2.05
N GLU A 77 -42.37 -47.12 -1.65
CA GLU A 77 -41.22 -46.22 -1.63
C GLU A 77 -40.48 -46.27 -2.97
N LEU A 78 -40.27 -45.10 -3.61
CA LEU A 78 -39.59 -45.01 -4.89
C LEU A 78 -38.12 -45.46 -4.82
N THR A 79 -37.70 -46.37 -5.71
CA THR A 79 -36.30 -46.84 -5.83
C THR A 79 -35.91 -46.94 -7.29
N GLU A 80 -34.61 -46.95 -7.54
CA GLU A 80 -34.07 -47.03 -8.88
C GLU A 80 -34.01 -48.47 -9.37
N VAL A 81 -34.31 -48.65 -10.68
CA VAL A 81 -34.29 -49.97 -11.34
C VAL A 81 -33.66 -49.90 -12.71
N GLU A 82 -33.15 -51.05 -13.13
CA GLU A 82 -32.57 -51.30 -14.43
C GLU A 82 -33.34 -52.53 -14.90
N ARG A 83 -34.31 -52.28 -15.77
CA ARG A 83 -35.20 -53.34 -16.28
C ARG A 83 -35.48 -53.09 -17.74
N GLU A 84 -36.10 -54.05 -18.39
CA GLU A 84 -36.43 -53.90 -19.80
C GLU A 84 -37.60 -52.95 -20.03
N PRO A 85 -37.59 -52.17 -21.13
CA PRO A 85 -38.72 -51.26 -21.41
C PRO A 85 -40.02 -52.04 -21.62
N GLY A 86 -41.13 -51.51 -21.14
CA GLY A 86 -42.42 -52.15 -21.29
C GLY A 86 -42.84 -53.11 -20.19
N ALA A 87 -42.07 -53.19 -19.08
CA ALA A 87 -42.40 -54.06 -17.95
C ALA A 87 -43.23 -53.29 -16.90
N ASN A 88 -43.61 -52.02 -17.22
CA ASN A 88 -44.41 -51.19 -16.33
C ASN A 88 -45.80 -51.79 -16.15
N ALA A 89 -46.16 -52.03 -14.88
CA ALA A 89 -47.47 -52.58 -14.52
C ALA A 89 -48.50 -51.44 -14.39
N ILE A 90 -48.05 -50.17 -14.35
CA ILE A 90 -48.90 -48.96 -14.32
C ILE A 90 -48.65 -48.07 -15.57
N GLY A 91 -49.59 -47.21 -15.90
CA GLY A 91 -49.50 -46.33 -17.08
C GLY A 91 -48.73 -45.04 -16.92
N MET A 92 -47.96 -44.92 -15.83
CA MET A 92 -47.15 -43.74 -15.51
C MET A 92 -45.74 -44.24 -15.24
N VAL A 93 -44.76 -43.54 -15.79
CA VAL A 93 -43.37 -43.94 -15.71
C VAL A 93 -42.49 -42.76 -15.33
N ALA A 94 -41.41 -43.00 -14.57
CA ALA A 94 -40.49 -41.93 -14.14
C ALA A 94 -39.03 -42.35 -14.16
N PHE A 95 -38.16 -41.38 -14.42
CA PHE A 95 -36.72 -41.55 -14.48
C PHE A 95 -36.03 -40.49 -13.69
N LYS A 96 -34.99 -40.83 -12.94
CA LYS A 96 -34.13 -39.86 -12.26
C LYS A 96 -32.91 -39.69 -13.21
N ILE A 97 -32.71 -38.45 -13.70
CA ILE A 97 -31.63 -38.10 -14.61
C ILE A 97 -30.53 -37.31 -13.92
N THR A 98 -29.27 -37.75 -14.10
CA THR A 98 -28.09 -37.11 -13.55
C THR A 98 -27.26 -36.82 -14.75
N VAL A 99 -27.11 -35.51 -15.06
CA VAL A 99 -26.41 -35.06 -16.26
C VAL A 99 -25.36 -33.98 -15.98
N LYS A 100 -24.17 -34.12 -16.58
CA LYS A 100 -23.11 -33.12 -16.51
C LYS A 100 -23.41 -32.13 -17.66
N THR A 101 -23.77 -30.90 -17.34
CA THR A 101 -24.12 -29.90 -18.35
C THR A 101 -23.07 -28.78 -18.33
N PRO A 102 -22.98 -27.86 -19.33
CA PRO A 102 -21.99 -26.77 -19.23
C PRO A 102 -22.09 -25.92 -17.95
N GLU A 103 -23.30 -25.72 -17.39
CA GLU A 103 -23.57 -24.96 -16.14
C GLU A 103 -23.22 -25.80 -14.92
N TYR A 104 -23.49 -27.11 -14.98
CA TYR A 104 -23.22 -28.05 -13.89
C TYR A 104 -22.31 -29.18 -14.35
N PRO A 105 -21.03 -28.89 -14.59
CA PRO A 105 -20.11 -29.92 -15.13
C PRO A 105 -19.85 -31.14 -14.23
N ARG A 106 -20.11 -31.02 -12.94
CA ARG A 106 -19.94 -32.13 -12.00
C ARG A 106 -21.26 -32.90 -11.89
N GLY A 107 -22.34 -32.37 -12.52
CA GLY A 107 -23.66 -32.99 -12.59
C GLY A 107 -24.80 -32.23 -11.94
N ARG A 108 -26.03 -32.40 -12.50
CA ARG A 108 -27.31 -31.85 -12.01
C ARG A 108 -28.37 -32.94 -12.10
N GLN A 109 -29.34 -32.93 -11.18
CA GLN A 109 -30.40 -33.93 -11.21
C GLN A 109 -31.81 -33.36 -11.39
N PHE A 110 -32.71 -34.18 -11.94
CA PHE A 110 -34.12 -33.89 -12.19
C PHE A 110 -34.88 -35.19 -12.45
N VAL A 111 -36.21 -35.16 -12.19
CA VAL A 111 -37.08 -36.30 -12.50
C VAL A 111 -37.89 -36.03 -13.78
N VAL A 112 -38.10 -37.10 -14.55
CA VAL A 112 -38.95 -37.07 -15.73
C VAL A 112 -40.12 -38.01 -15.45
N VAL A 113 -41.38 -37.51 -15.35
CA VAL A 113 -42.62 -38.32 -15.19
C VAL A 113 -43.26 -38.32 -16.55
N ALA A 114 -43.86 -39.42 -16.95
CA ALA A 114 -44.50 -39.45 -18.25
C ALA A 114 -45.61 -40.45 -18.26
N ASN A 115 -46.63 -40.20 -19.09
CA ASN A 115 -47.71 -41.16 -19.28
C ASN A 115 -47.20 -42.23 -20.26
N ASP A 116 -47.73 -43.44 -20.19
CA ASP A 116 -47.37 -44.43 -21.21
C ASP A 116 -48.59 -44.52 -22.09
N ILE A 117 -48.55 -43.83 -23.26
CA ILE A 117 -49.67 -43.81 -24.20
C ILE A 117 -50.13 -45.22 -24.60
N THR A 118 -49.20 -46.21 -24.53
CA THR A 118 -49.46 -47.62 -24.85
C THR A 118 -50.08 -48.41 -23.67
N PHE A 119 -50.17 -47.79 -22.48
CA PHE A 119 -50.81 -48.46 -21.34
C PHE A 119 -52.19 -47.87 -21.13
N LYS A 120 -53.24 -48.64 -21.52
CA LYS A 120 -54.65 -48.23 -21.39
C LYS A 120 -54.84 -46.78 -21.87
N ILE A 121 -54.39 -46.49 -23.11
CA ILE A 121 -54.44 -45.22 -23.83
C ILE A 121 -53.84 -44.00 -23.11
N GLY A 122 -52.98 -44.24 -22.13
CA GLY A 122 -52.34 -43.18 -21.35
C GLY A 122 -53.30 -42.55 -20.35
N SER A 123 -54.43 -43.25 -20.10
CA SER A 123 -55.47 -42.80 -19.16
C SER A 123 -54.94 -42.76 -17.71
N PHE A 124 -55.56 -41.94 -16.86
CA PHE A 124 -55.15 -41.82 -15.48
C PHE A 124 -56.07 -42.61 -14.57
N GLY A 125 -55.55 -43.70 -14.03
CA GLY A 125 -56.27 -44.49 -13.04
C GLY A 125 -55.72 -44.10 -11.68
N PRO A 126 -56.27 -44.61 -10.56
CA PRO A 126 -55.74 -44.24 -9.23
C PRO A 126 -54.24 -44.53 -8.99
N GLN A 127 -53.73 -45.61 -9.61
CA GLN A 127 -52.33 -46.03 -9.46
C GLN A 127 -51.35 -45.12 -10.18
N GLU A 128 -51.77 -44.54 -11.33
CA GLU A 128 -50.96 -43.60 -12.10
C GLU A 128 -50.90 -42.29 -11.31
N ASP A 129 -52.07 -41.89 -10.74
CA ASP A 129 -52.27 -40.69 -9.92
C ASP A 129 -51.41 -40.79 -8.67
N GLU A 130 -51.52 -41.91 -7.92
CA GLU A 130 -50.71 -42.12 -6.71
C GLU A 130 -49.23 -42.04 -7.03
N PHE A 131 -48.78 -42.69 -8.14
CA PHE A 131 -47.38 -42.65 -8.56
C PHE A 131 -46.91 -41.26 -8.97
N PHE A 132 -47.71 -40.53 -9.80
CA PHE A 132 -47.39 -39.18 -10.25
C PHE A 132 -47.21 -38.27 -9.05
N ASN A 133 -48.11 -38.37 -8.07
CA ASN A 133 -48.01 -37.64 -6.81
C ASN A 133 -46.73 -38.01 -6.03
N LYS A 134 -46.42 -39.30 -5.90
CA LYS A 134 -45.20 -39.77 -5.22
C LYS A 134 -43.89 -39.24 -5.88
N VAL A 135 -43.89 -39.13 -7.23
CA VAL A 135 -42.74 -38.61 -7.99
C VAL A 135 -42.61 -37.12 -7.74
N THR A 136 -43.74 -36.39 -7.76
CA THR A 136 -43.80 -34.95 -7.49
C THR A 136 -43.18 -34.66 -6.13
N GLU A 137 -43.62 -35.38 -5.10
CA GLU A 137 -43.14 -35.31 -3.72
C GLU A 137 -41.67 -35.66 -3.56
N TYR A 138 -41.19 -36.66 -4.30
CA TYR A 138 -39.80 -37.11 -4.37
C TYR A 138 -38.93 -35.94 -4.86
N ALA A 139 -39.33 -35.28 -5.98
CA ALA A 139 -38.63 -34.15 -6.55
C ALA A 139 -38.66 -32.95 -5.61
N ARG A 140 -39.87 -32.59 -5.09
CA ARG A 140 -40.09 -31.50 -4.13
C ARG A 140 -39.26 -31.63 -2.85
N LYS A 141 -39.25 -32.84 -2.22
CA LYS A 141 -38.43 -33.11 -1.02
C LYS A 141 -36.94 -32.82 -1.33
N ARG A 142 -36.49 -33.18 -2.54
CA ARG A 142 -35.11 -33.00 -2.97
C ARG A 142 -34.80 -31.64 -3.55
N GLY A 143 -35.83 -30.88 -3.88
CA GLY A 143 -35.70 -29.56 -4.50
C GLY A 143 -35.33 -29.58 -5.97
N ILE A 144 -35.31 -30.76 -6.57
CA ILE A 144 -34.88 -30.95 -7.97
C ILE A 144 -36.03 -30.74 -8.96
N PRO A 145 -35.75 -30.25 -10.19
CA PRO A 145 -36.84 -29.99 -11.15
C PRO A 145 -37.69 -31.21 -11.50
N ARG A 146 -38.97 -30.98 -11.84
CA ARG A 146 -39.88 -32.06 -12.26
C ARG A 146 -40.41 -31.76 -13.67
N ILE A 147 -39.94 -32.57 -14.64
CA ILE A 147 -40.35 -32.55 -16.06
C ILE A 147 -41.49 -33.55 -16.21
N TYR A 148 -42.63 -33.12 -16.74
CA TYR A 148 -43.73 -34.02 -17.03
C TYR A 148 -43.90 -34.12 -18.57
N LEU A 149 -43.98 -35.33 -19.08
CA LEU A 149 -44.22 -35.57 -20.50
C LEU A 149 -45.67 -36.06 -20.63
N ALA A 150 -46.55 -35.20 -21.14
CA ALA A 150 -47.98 -35.50 -21.26
C ALA A 150 -48.33 -36.13 -22.58
N ALA A 151 -48.92 -37.30 -22.51
CA ALA A 151 -49.38 -38.12 -23.64
C ALA A 151 -50.48 -38.98 -23.05
N ASN A 152 -51.69 -38.41 -22.94
CA ASN A 152 -52.79 -39.10 -22.26
C ASN A 152 -54.20 -38.96 -22.86
N SER A 153 -55.13 -39.72 -22.26
CA SER A 153 -56.57 -39.78 -22.53
C SER A 153 -57.41 -39.22 -21.35
N GLY A 154 -56.74 -38.58 -20.39
CA GLY A 154 -57.37 -38.04 -19.19
C GLY A 154 -57.71 -39.15 -18.22
N ALA A 155 -58.63 -38.88 -17.27
CA ALA A 155 -59.05 -39.86 -16.27
C ALA A 155 -59.59 -41.11 -16.97
N ARG A 156 -59.30 -42.28 -16.38
CA ARG A 156 -59.73 -43.59 -16.86
C ARG A 156 -61.24 -43.69 -16.67
N ILE A 157 -61.93 -44.30 -17.65
CA ILE A 157 -63.38 -44.49 -17.58
C ILE A 157 -63.75 -45.96 -17.75
N GLY A 158 -64.64 -46.43 -16.88
CA GLY A 158 -65.07 -47.81 -16.91
C GLY A 158 -66.49 -48.04 -16.44
N MET A 159 -66.90 -49.31 -16.51
CA MET A 159 -68.18 -49.81 -16.07
C MET A 159 -67.95 -51.17 -15.41
N ALA A 160 -68.87 -51.59 -14.53
CA ALA A 160 -68.78 -52.89 -13.90
C ALA A 160 -69.21 -53.94 -14.94
N GLU A 161 -68.22 -54.33 -15.77
CA GLU A 161 -68.35 -55.24 -16.91
C GLU A 161 -68.83 -56.64 -16.54
N GLU A 162 -68.80 -56.97 -15.23
CA GLU A 162 -69.29 -58.24 -14.72
C GLU A 162 -70.82 -58.23 -14.57
N ILE A 163 -71.42 -57.04 -14.39
CA ILE A 163 -72.86 -56.87 -14.25
C ILE A 163 -73.51 -56.81 -15.65
N VAL A 164 -72.71 -56.48 -16.67
CA VAL A 164 -73.12 -56.40 -18.07
C VAL A 164 -73.81 -57.71 -18.52
N PRO A 165 -73.21 -58.93 -18.36
CA PRO A 165 -73.94 -60.14 -18.78
C PRO A 165 -74.94 -60.68 -17.75
N LEU A 166 -74.99 -60.10 -16.54
CA LEU A 166 -75.87 -60.60 -15.47
C LEU A 166 -77.20 -59.89 -15.30
N PHE A 167 -77.22 -58.56 -15.48
CA PHE A 167 -78.42 -57.74 -15.28
C PHE A 167 -79.65 -58.18 -16.06
N GLN A 168 -80.83 -57.88 -15.50
CA GLN A 168 -82.13 -58.21 -16.06
C GLN A 168 -82.98 -56.94 -16.05
N VAL A 169 -84.03 -56.87 -16.88
CA VAL A 169 -84.87 -55.68 -16.93
C VAL A 169 -86.31 -55.98 -16.63
N ALA A 170 -86.90 -55.21 -15.70
CA ALA A 170 -88.32 -55.35 -15.29
C ALA A 170 -89.19 -54.51 -16.21
N TRP A 171 -89.62 -55.16 -17.32
CA TRP A 171 -90.46 -54.59 -18.39
C TRP A 171 -91.85 -54.29 -17.89
N ASN A 172 -92.47 -53.22 -18.45
CA ASN A 172 -93.83 -52.83 -18.12
C ASN A 172 -94.78 -53.90 -18.66
N ASP A 173 -94.49 -54.37 -19.89
CA ASP A 173 -95.18 -55.44 -20.61
C ASP A 173 -94.10 -56.13 -21.43
N ALA A 174 -93.84 -57.41 -21.11
CA ALA A 174 -92.79 -58.21 -21.74
C ALA A 174 -92.95 -58.42 -23.25
N ALA A 175 -94.21 -58.52 -23.73
CA ALA A 175 -94.55 -58.72 -25.15
C ALA A 175 -94.16 -57.52 -26.02
N ASN A 176 -94.27 -56.29 -25.45
CA ASN A 176 -93.92 -55.03 -26.12
C ASN A 176 -92.82 -54.28 -25.35
N PRO A 177 -91.54 -54.54 -25.68
CA PRO A 177 -90.43 -53.88 -24.95
C PRO A 177 -90.44 -52.37 -24.99
N ASP A 178 -90.80 -51.75 -26.14
CA ASP A 178 -90.83 -50.29 -26.26
C ASP A 178 -91.94 -49.59 -25.45
N LYS A 179 -92.74 -50.36 -24.68
CA LYS A 179 -93.75 -49.81 -23.79
C LYS A 179 -93.10 -49.26 -22.49
N GLY A 180 -91.82 -49.60 -22.28
CA GLY A 180 -90.99 -49.16 -21.18
C GLY A 180 -90.51 -50.23 -20.23
N PHE A 181 -89.74 -49.81 -19.20
CA PHE A 181 -89.22 -50.63 -18.10
C PHE A 181 -89.25 -49.87 -16.77
N GLN A 182 -89.32 -50.60 -15.64
CA GLN A 182 -89.40 -50.08 -14.27
C GLN A 182 -88.06 -49.92 -13.52
N TYR A 183 -87.19 -50.95 -13.62
CA TYR A 183 -85.88 -51.03 -12.97
C TYR A 183 -85.02 -52.13 -13.60
N LEU A 184 -83.76 -52.23 -13.17
CA LEU A 184 -82.82 -53.28 -13.56
C LEU A 184 -82.65 -54.18 -12.33
N TYR A 185 -82.43 -55.48 -12.53
CA TYR A 185 -82.31 -56.44 -11.42
C TYR A 185 -81.40 -57.62 -11.71
N LEU A 186 -81.13 -58.40 -10.66
CA LEU A 186 -80.36 -59.63 -10.73
C LEU A 186 -81.21 -60.77 -10.22
N THR A 187 -80.98 -61.97 -10.75
CA THR A 187 -81.69 -63.16 -10.29
C THR A 187 -80.80 -63.83 -9.23
N SER A 188 -81.30 -64.89 -8.57
CA SER A 188 -80.53 -65.66 -7.58
C SER A 188 -79.25 -66.20 -8.29
N GLU A 189 -79.40 -66.55 -9.59
CA GLU A 189 -78.36 -67.05 -10.50
C GLU A 189 -77.27 -65.99 -10.68
N GLY A 190 -77.70 -64.75 -10.93
CA GLY A 190 -76.82 -63.60 -11.06
C GLY A 190 -76.10 -63.31 -9.76
N MET A 191 -76.86 -63.29 -8.65
CA MET A 191 -76.35 -63.07 -7.28
C MET A 191 -75.29 -64.09 -6.91
N GLU A 192 -75.52 -65.37 -7.26
CA GLU A 192 -74.60 -66.47 -6.98
C GLU A 192 -73.36 -66.36 -7.85
N THR A 193 -73.51 -65.96 -9.15
CA THR A 193 -72.40 -65.78 -10.09
C THR A 193 -71.35 -64.83 -9.48
N LEU A 194 -71.83 -63.69 -8.92
CA LEU A 194 -71.02 -62.68 -8.23
C LEU A 194 -70.40 -63.26 -6.95
N LYS A 195 -71.20 -63.98 -6.12
CA LYS A 195 -70.79 -64.64 -4.88
C LYS A 195 -69.62 -65.61 -5.12
N LYS A 196 -69.72 -66.41 -6.22
CA LYS A 196 -68.76 -67.41 -6.71
C LYS A 196 -67.40 -66.81 -7.05
N PHE A 197 -67.38 -65.61 -7.65
CA PHE A 197 -66.14 -64.93 -8.09
C PHE A 197 -65.62 -63.88 -7.10
N ASP A 198 -66.21 -63.87 -5.88
CA ASP A 198 -65.94 -62.92 -4.78
C ASP A 198 -66.15 -61.45 -5.20
N LYS A 199 -67.18 -61.25 -6.02
CA LYS A 199 -67.59 -59.96 -6.57
C LYS A 199 -68.97 -59.59 -5.99
N GLU A 200 -69.21 -60.00 -4.72
CA GLU A 200 -70.44 -59.75 -3.97
C GLU A 200 -70.68 -58.25 -3.75
N ASN A 201 -69.58 -57.49 -3.64
CA ASN A 201 -69.51 -56.03 -3.40
C ASN A 201 -69.70 -55.21 -4.70
N SER A 202 -69.85 -55.88 -5.87
CA SER A 202 -70.02 -55.25 -7.19
C SER A 202 -71.32 -54.47 -7.35
N VAL A 203 -72.37 -54.88 -6.63
CA VAL A 203 -73.66 -54.17 -6.67
C VAL A 203 -74.24 -53.98 -5.26
N LEU A 204 -75.23 -53.07 -5.16
CA LEU A 204 -76.03 -52.79 -3.98
C LEU A 204 -77.45 -53.13 -4.40
N THR A 205 -77.98 -54.23 -3.84
CA THR A 205 -79.29 -54.73 -4.23
C THR A 205 -80.34 -54.63 -3.12
N GLU A 206 -81.61 -54.80 -3.50
CA GLU A 206 -82.74 -54.75 -2.59
C GLU A 206 -83.73 -55.81 -3.06
N ARG A 207 -83.86 -56.89 -2.27
CA ARG A 207 -84.73 -58.02 -2.56
C ARG A 207 -86.22 -57.68 -2.47
N THR A 208 -87.01 -58.18 -3.46
CA THR A 208 -88.48 -58.13 -3.56
C THR A 208 -88.93 -59.36 -4.32
N VAL A 209 -90.19 -59.74 -4.14
CA VAL A 209 -90.77 -60.89 -4.86
C VAL A 209 -91.88 -60.39 -5.80
N ILE A 210 -91.67 -60.58 -7.11
CA ILE A 210 -92.61 -60.16 -8.13
C ILE A 210 -93.16 -61.38 -8.85
N ASN A 211 -94.48 -61.63 -8.64
CA ASN A 211 -95.24 -62.75 -9.22
C ASN A 211 -94.51 -64.09 -9.09
N GLY A 212 -94.09 -64.39 -7.86
CA GLY A 212 -93.39 -65.63 -7.50
C GLY A 212 -91.88 -65.57 -7.61
N GLU A 213 -91.36 -64.74 -8.56
CA GLU A 213 -89.93 -64.55 -8.81
C GLU A 213 -89.30 -63.60 -7.78
N GLU A 214 -88.17 -64.04 -7.19
CA GLU A 214 -87.35 -63.33 -6.24
C GLU A 214 -86.34 -62.56 -7.07
N ARG A 215 -86.55 -61.23 -7.20
CA ARG A 215 -85.65 -60.33 -7.93
C ARG A 215 -84.89 -59.42 -6.97
N PHE A 216 -83.60 -59.16 -7.30
CA PHE A 216 -82.68 -58.35 -6.53
C PHE A 216 -82.43 -57.07 -7.30
N VAL A 217 -83.24 -56.04 -6.97
CA VAL A 217 -83.27 -54.71 -7.58
C VAL A 217 -81.92 -54.02 -7.46
N ILE A 218 -81.26 -53.71 -8.59
CA ILE A 218 -79.99 -53.00 -8.58
C ILE A 218 -80.26 -51.56 -8.21
N LYS A 219 -79.69 -51.13 -7.08
CA LYS A 219 -79.89 -49.79 -6.55
C LYS A 219 -78.67 -48.91 -6.82
N THR A 220 -77.49 -49.54 -6.93
CA THR A 220 -76.19 -48.92 -7.25
C THR A 220 -75.27 -49.99 -7.84
N ILE A 221 -74.55 -49.66 -8.92
CA ILE A 221 -73.54 -50.54 -9.52
C ILE A 221 -72.18 -49.97 -9.07
N ILE A 222 -71.45 -50.72 -8.23
CA ILE A 222 -70.13 -50.31 -7.72
C ILE A 222 -68.99 -50.82 -8.60
N GLY A 223 -68.95 -52.14 -8.85
CA GLY A 223 -67.92 -52.77 -9.67
C GLY A 223 -66.73 -53.29 -8.88
N SER A 224 -66.08 -54.32 -9.42
CA SER A 224 -64.92 -54.97 -8.79
C SER A 224 -63.61 -54.29 -9.17
N GLU A 225 -63.49 -53.94 -10.47
CA GLU A 225 -62.32 -53.29 -11.03
C GLU A 225 -62.23 -51.86 -10.50
N ASP A 226 -61.06 -51.49 -9.96
CA ASP A 226 -60.82 -50.13 -9.46
C ASP A 226 -60.45 -49.23 -10.64
N GLY A 227 -60.91 -47.99 -10.61
CA GLY A 227 -60.59 -47.04 -11.65
C GLY A 227 -61.63 -46.93 -12.74
N LEU A 228 -62.94 -46.84 -12.36
CA LEU A 228 -64.05 -46.70 -13.31
C LEU A 228 -64.64 -45.28 -13.37
N GLY A 229 -64.65 -44.58 -12.24
CA GLY A 229 -65.27 -43.27 -12.15
C GLY A 229 -64.68 -42.32 -11.13
N VAL A 230 -65.47 -42.00 -10.07
CA VAL A 230 -65.14 -41.01 -9.03
C VAL A 230 -63.77 -41.10 -8.40
N GLU A 231 -63.27 -42.35 -8.19
CA GLU A 231 -61.92 -42.61 -7.66
C GLU A 231 -60.86 -42.05 -8.60
N CYS A 232 -61.16 -41.99 -9.92
CA CYS A 232 -60.24 -41.42 -10.93
C CYS A 232 -60.25 -39.93 -10.85
N LEU A 233 -61.44 -39.35 -10.51
CA LEU A 233 -61.63 -37.91 -10.32
C LEU A 233 -60.96 -37.45 -9.00
N ARG A 234 -61.01 -38.30 -7.95
CA ARG A 234 -60.31 -38.05 -6.69
C ARG A 234 -58.81 -37.98 -6.96
N GLY A 235 -58.27 -39.00 -7.62
CA GLY A 235 -56.86 -39.08 -7.97
C GLY A 235 -56.39 -37.91 -8.80
N SER A 236 -57.23 -37.45 -9.74
CA SER A 236 -56.94 -36.33 -10.64
C SER A 236 -56.79 -35.07 -9.81
N GLY A 237 -57.72 -34.87 -8.85
CA GLY A 237 -57.73 -33.76 -7.91
C GLY A 237 -56.44 -33.72 -7.12
N LEU A 238 -56.05 -34.88 -6.56
CA LEU A 238 -54.79 -35.03 -5.82
C LEU A 238 -53.59 -34.57 -6.63
N ILE A 239 -53.46 -35.05 -7.87
CA ILE A 239 -52.35 -34.61 -8.73
C ILE A 239 -52.43 -33.17 -9.22
N ALA A 240 -53.67 -32.60 -9.31
CA ALA A 240 -53.86 -31.17 -9.65
C ALA A 240 -53.34 -30.28 -8.50
N GLY A 241 -53.64 -30.65 -7.27
CA GLY A 241 -53.21 -29.96 -6.07
C GLY A 241 -51.72 -30.09 -5.86
N ALA A 242 -51.21 -31.31 -6.09
CA ALA A 242 -49.79 -31.66 -6.03
C ALA A 242 -48.98 -30.78 -6.95
N THR A 243 -49.45 -30.59 -8.19
CA THR A 243 -48.78 -29.77 -9.23
C THR A 243 -48.83 -28.30 -8.92
N SER A 244 -49.97 -27.83 -8.39
CA SER A 244 -50.19 -26.44 -7.96
C SER A 244 -49.12 -26.07 -6.92
N ARG A 245 -48.88 -26.97 -5.94
CA ARG A 245 -47.92 -26.88 -4.86
C ARG A 245 -46.48 -26.98 -5.38
N ALA A 246 -46.23 -27.91 -6.30
CA ALA A 246 -44.88 -28.09 -6.88
C ALA A 246 -44.39 -26.85 -7.65
N TYR A 247 -45.32 -26.13 -8.39
CA TYR A 247 -44.95 -24.91 -9.15
C TYR A 247 -44.27 -23.83 -8.28
N HIS A 248 -44.72 -23.72 -7.01
CA HIS A 248 -44.20 -22.78 -6.00
C HIS A 248 -42.95 -23.26 -5.27
N ASP A 249 -42.50 -24.47 -5.56
CA ASP A 249 -41.46 -25.15 -4.81
C ASP A 249 -40.28 -25.54 -5.63
N ILE A 250 -40.50 -26.05 -6.83
CA ILE A 250 -39.45 -26.57 -7.72
C ILE A 250 -39.72 -26.11 -9.15
N PHE A 251 -38.74 -26.33 -10.02
CA PHE A 251 -38.93 -25.96 -11.41
C PHE A 251 -39.84 -27.02 -12.02
N THR A 252 -40.97 -26.58 -12.57
CA THR A 252 -41.92 -27.49 -13.20
C THR A 252 -42.08 -27.09 -14.69
N ILE A 253 -41.92 -28.07 -15.56
CA ILE A 253 -42.11 -27.90 -16.99
C ILE A 253 -42.85 -29.11 -17.50
N THR A 254 -43.62 -28.93 -18.59
CA THR A 254 -44.40 -30.00 -19.23
C THR A 254 -44.22 -29.94 -20.77
N LEU A 255 -43.99 -31.10 -21.44
CA LEU A 255 -43.93 -31.20 -22.91
C LEU A 255 -45.16 -32.02 -23.36
N VAL A 256 -45.99 -31.43 -24.26
CA VAL A 256 -47.21 -32.08 -24.75
C VAL A 256 -46.81 -32.82 -26.00
N THR A 257 -46.80 -34.14 -25.90
CA THR A 257 -46.46 -35.02 -27.04
C THR A 257 -47.57 -36.01 -27.13
N CYS A 258 -48.37 -35.97 -28.21
CA CYS A 258 -49.62 -36.72 -28.38
C CYS A 258 -50.64 -35.94 -27.55
N ARG A 259 -51.92 -36.09 -27.81
CA ARG A 259 -52.94 -35.42 -26.97
C ARG A 259 -52.61 -35.34 -25.41
N SER A 260 -53.20 -34.32 -24.71
CA SER A 260 -53.28 -34.13 -23.24
C SER A 260 -54.73 -33.72 -23.01
N VAL A 261 -55.51 -34.65 -22.40
CA VAL A 261 -56.95 -34.56 -22.19
C VAL A 261 -57.34 -34.41 -20.70
N GLY A 262 -58.34 -33.56 -20.43
CA GLY A 262 -58.92 -33.35 -19.10
C GLY A 262 -57.94 -33.03 -18.02
N ILE A 263 -57.72 -33.96 -17.06
CA ILE A 263 -56.69 -33.75 -16.03
C ILE A 263 -55.32 -33.46 -16.70
N GLY A 264 -55.02 -34.15 -17.82
CA GLY A 264 -53.83 -33.94 -18.62
C GLY A 264 -53.65 -32.48 -19.01
N ALA A 265 -54.74 -31.80 -19.44
CA ALA A 265 -54.77 -30.37 -19.79
C ALA A 265 -54.54 -29.48 -18.58
N TYR A 266 -55.18 -29.80 -17.44
CA TYR A 266 -55.00 -29.02 -16.20
C TYR A 266 -53.60 -29.13 -15.66
N LEU A 267 -53.00 -30.33 -15.77
CA LEU A 267 -51.62 -30.58 -15.39
C LEU A 267 -50.67 -29.72 -16.19
N VAL A 268 -50.95 -29.59 -17.51
CA VAL A 268 -50.13 -28.75 -18.41
C VAL A 268 -50.07 -27.33 -17.84
N ARG A 269 -51.26 -26.75 -17.58
CA ARG A 269 -51.43 -25.42 -17.02
C ARG A 269 -50.91 -25.30 -15.56
N LEU A 270 -51.28 -26.22 -14.64
CA LEU A 270 -50.83 -26.17 -13.23
C LEU A 270 -49.30 -26.11 -13.01
N GLY A 271 -48.54 -26.77 -13.88
CA GLY A 271 -47.09 -26.77 -13.88
C GLY A 271 -46.55 -25.51 -14.55
N GLN A 272 -47.46 -24.73 -15.16
CA GLN A 272 -47.28 -23.42 -15.85
C GLN A 272 -46.47 -23.46 -17.09
N ARG A 273 -45.15 -23.72 -16.97
CA ARG A 273 -44.18 -23.81 -18.08
C ARG A 273 -44.52 -24.99 -18.97
N ALA A 274 -44.90 -24.71 -20.25
CA ALA A 274 -45.32 -25.75 -21.20
C ALA A 274 -44.83 -25.54 -22.64
N ILE A 275 -44.37 -26.63 -23.26
CA ILE A 275 -43.93 -26.70 -24.65
C ILE A 275 -44.91 -27.66 -25.36
N GLN A 276 -45.57 -27.20 -26.43
CA GLN A 276 -46.56 -28.00 -27.14
C GLN A 276 -46.05 -28.46 -28.49
N VAL A 277 -46.08 -29.75 -28.77
CA VAL A 277 -45.60 -30.24 -30.07
C VAL A 277 -46.70 -29.97 -31.10
N GLU A 278 -46.32 -29.38 -32.23
CA GLU A 278 -47.23 -29.04 -33.31
C GLU A 278 -48.10 -30.24 -33.69
N GLY A 279 -49.41 -30.07 -33.65
CA GLY A 279 -50.33 -31.12 -34.02
C GLY A 279 -50.80 -32.02 -32.88
N GLN A 280 -50.33 -31.77 -31.63
CA GLN A 280 -50.73 -32.53 -30.43
C GLN A 280 -51.69 -31.64 -29.59
N PRO A 281 -53.03 -31.94 -29.56
CA PRO A 281 -53.96 -31.04 -28.86
C PRO A 281 -53.98 -31.09 -27.34
N ILE A 282 -54.29 -29.95 -26.72
CA ILE A 282 -54.52 -29.83 -25.28
C ILE A 282 -56.02 -29.58 -25.17
N ILE A 283 -56.78 -30.62 -24.82
CA ILE A 283 -58.23 -30.50 -24.76
C ILE A 283 -58.85 -30.89 -23.42
N LEU A 284 -60.12 -30.52 -23.26
CA LEU A 284 -61.00 -30.88 -22.16
C LEU A 284 -62.00 -31.84 -22.85
N THR A 285 -63.26 -31.47 -23.06
CA THR A 285 -64.19 -32.34 -23.81
C THR A 285 -63.82 -32.26 -25.29
N GLY A 286 -63.60 -33.41 -25.94
CA GLY A 286 -63.23 -33.47 -27.35
C GLY A 286 -64.32 -32.97 -28.28
N ALA A 287 -63.93 -32.60 -29.53
CA ALA A 287 -64.83 -32.08 -30.57
C ALA A 287 -66.04 -32.94 -30.83
N SER A 288 -65.85 -34.27 -30.98
CA SER A 288 -66.92 -35.23 -31.26
C SER A 288 -67.97 -35.20 -30.16
N ALA A 289 -67.54 -35.29 -28.88
CA ALA A 289 -68.42 -35.23 -27.71
C ALA A 289 -69.20 -33.92 -27.66
N LEU A 290 -68.52 -32.78 -27.90
CA LEU A 290 -69.14 -31.45 -27.92
C LEU A 290 -70.22 -31.33 -28.98
N ASN A 291 -69.96 -31.92 -30.18
CA ASN A 291 -70.93 -31.90 -31.26
C ASN A 291 -72.19 -32.65 -30.86
N LYS A 292 -72.03 -33.77 -30.14
CA LYS A 292 -73.13 -34.60 -29.60
C LYS A 292 -73.94 -33.83 -28.53
N VAL A 293 -73.28 -33.01 -27.70
CA VAL A 293 -73.94 -32.18 -26.69
C VAL A 293 -74.72 -31.04 -27.38
N LEU A 294 -74.07 -30.35 -28.33
CA LEU A 294 -74.66 -29.22 -29.06
C LEU A 294 -75.76 -29.66 -30.05
N GLY A 295 -75.77 -30.95 -30.40
CA GLY A 295 -76.72 -31.57 -31.33
C GLY A 295 -76.58 -31.10 -32.77
N ARG A 296 -75.36 -30.66 -33.13
CA ARG A 296 -75.03 -30.11 -34.44
C ARG A 296 -73.54 -30.37 -34.70
N GLU A 297 -73.14 -30.52 -35.97
CA GLU A 297 -71.75 -30.75 -36.34
C GLU A 297 -70.94 -29.43 -36.37
N VAL A 298 -70.72 -28.84 -35.16
CA VAL A 298 -70.04 -27.57 -34.85
C VAL A 298 -68.53 -27.59 -35.06
N TYR A 299 -67.84 -28.59 -34.48
CA TYR A 299 -66.39 -28.70 -34.56
C TYR A 299 -65.91 -29.73 -35.57
N THR A 300 -64.65 -29.58 -36.03
CA THR A 300 -64.03 -30.41 -37.06
C THR A 300 -63.02 -31.41 -36.48
N SER A 301 -62.14 -30.92 -35.59
CA SER A 301 -61.09 -31.73 -34.95
C SER A 301 -60.83 -31.26 -33.53
N ASN A 302 -60.04 -32.03 -32.78
CA ASN A 302 -59.60 -31.65 -31.44
C ASN A 302 -58.60 -30.51 -31.51
N LEU A 303 -57.85 -30.41 -32.63
CA LEU A 303 -56.85 -29.36 -32.86
C LEU A 303 -57.49 -27.98 -32.97
N GLN A 304 -58.73 -27.94 -33.44
CA GLN A 304 -59.51 -26.73 -33.54
C GLN A 304 -59.76 -26.19 -32.12
N LEU A 305 -59.98 -27.09 -31.12
CA LEU A 305 -60.20 -26.77 -29.70
C LEU A 305 -58.90 -26.51 -28.91
N GLY A 306 -57.90 -27.38 -29.06
CA GLY A 306 -56.66 -27.28 -28.32
C GLY A 306 -55.32 -27.40 -29.03
N GLY A 307 -55.28 -27.08 -30.32
CA GLY A 307 -54.03 -27.07 -31.07
C GLY A 307 -53.17 -25.87 -30.70
N THR A 308 -51.97 -25.74 -31.31
CA THR A 308 -51.07 -24.63 -31.02
C THR A 308 -51.66 -23.26 -31.38
N GLN A 309 -52.54 -23.20 -32.43
CA GLN A 309 -53.19 -21.95 -32.83
C GLN A 309 -54.17 -21.45 -31.76
N ILE A 310 -54.38 -22.27 -30.71
CA ILE A 310 -55.18 -21.94 -29.55
C ILE A 310 -54.21 -21.70 -28.37
N MET A 311 -53.54 -22.75 -27.91
CA MET A 311 -52.70 -22.75 -26.72
C MET A 311 -51.47 -21.90 -26.72
N TYR A 312 -50.78 -21.81 -27.86
CA TYR A 312 -49.58 -20.96 -28.01
C TYR A 312 -50.01 -19.50 -28.09
N ASN A 313 -51.12 -19.20 -28.79
CA ASN A 313 -51.72 -17.86 -28.90
C ASN A 313 -52.35 -17.38 -27.58
N ASN A 314 -52.82 -18.32 -26.74
CA ASN A 314 -53.43 -18.19 -25.41
C ASN A 314 -52.39 -17.78 -24.38
N GLY A 315 -51.20 -18.33 -24.51
CA GLY A 315 -50.14 -18.21 -23.54
C GLY A 315 -50.16 -19.39 -22.58
N VAL A 316 -51.00 -20.44 -22.90
CA VAL A 316 -51.06 -21.68 -22.10
C VAL A 316 -49.78 -22.46 -22.43
N SER A 317 -49.41 -22.45 -23.75
CA SER A 317 -48.19 -23.03 -24.31
C SER A 317 -47.18 -21.91 -24.44
N HIS A 318 -46.08 -22.03 -23.68
CA HIS A 318 -45.00 -21.05 -23.66
C HIS A 318 -44.19 -21.05 -24.93
N LEU A 319 -44.07 -22.22 -25.58
CA LEU A 319 -43.32 -22.47 -26.80
C LEU A 319 -43.95 -23.62 -27.52
N THR A 320 -43.73 -23.69 -28.84
CA THR A 320 -44.11 -24.84 -29.67
C THR A 320 -42.82 -25.58 -30.04
N ALA A 321 -42.96 -26.82 -30.49
CA ALA A 321 -41.87 -27.70 -30.88
C ALA A 321 -42.32 -28.43 -32.12
N VAL A 322 -41.40 -28.56 -33.05
CA VAL A 322 -41.59 -29.18 -34.35
C VAL A 322 -41.76 -30.70 -34.27
N ASP A 323 -41.10 -31.33 -33.27
CA ASP A 323 -41.15 -32.75 -32.95
C ASP A 323 -40.68 -32.93 -31.48
N ASP A 324 -40.83 -34.15 -30.90
CA ASP A 324 -40.46 -34.49 -29.51
C ASP A 324 -39.02 -34.13 -29.14
N LEU A 325 -38.03 -34.39 -30.04
CA LEU A 325 -36.64 -34.03 -29.77
C LEU A 325 -36.51 -32.52 -29.63
N ALA A 326 -37.23 -31.73 -30.48
CA ALA A 326 -37.18 -30.27 -30.42
C ALA A 326 -37.68 -29.79 -29.06
N GLY A 327 -38.79 -30.37 -28.59
CA GLY A 327 -39.35 -30.08 -27.29
C GLY A 327 -38.37 -30.43 -26.18
N VAL A 328 -37.71 -31.62 -26.28
CA VAL A 328 -36.71 -32.03 -25.28
C VAL A 328 -35.55 -31.05 -25.23
N GLU A 329 -35.06 -30.65 -26.42
CA GLU A 329 -33.99 -29.68 -26.57
C GLU A 329 -34.35 -28.34 -25.90
N LYS A 330 -35.60 -27.85 -26.11
CA LYS A 330 -36.13 -26.63 -25.47
C LYS A 330 -36.22 -26.74 -23.92
N ILE A 331 -36.63 -27.91 -23.35
CA ILE A 331 -36.63 -28.14 -21.90
C ILE A 331 -35.17 -27.99 -21.38
N VAL A 332 -34.26 -28.72 -22.03
CA VAL A 332 -32.83 -28.75 -21.73
C VAL A 332 -32.26 -27.30 -21.68
N GLU A 333 -32.54 -26.50 -22.74
CA GLU A 333 -32.14 -25.10 -22.91
C GLU A 333 -32.77 -24.22 -21.83
N TRP A 334 -34.07 -24.38 -21.54
CA TRP A 334 -34.75 -23.63 -20.51
C TRP A 334 -34.07 -23.88 -19.14
N MET A 335 -33.77 -25.12 -18.83
CA MET A 335 -33.14 -25.57 -17.57
C MET A 335 -31.73 -25.03 -17.35
N SER A 336 -31.04 -24.63 -18.46
CA SER A 336 -29.68 -24.11 -18.39
C SER A 336 -29.61 -22.77 -17.61
N TYR A 337 -30.79 -22.19 -17.34
CA TYR A 337 -30.90 -20.91 -16.66
C TYR A 337 -31.28 -21.08 -15.23
N VAL A 338 -31.66 -22.29 -14.85
CA VAL A 338 -32.29 -22.62 -13.56
C VAL A 338 -31.33 -23.32 -12.59
N PRO A 339 -31.35 -22.96 -11.29
CA PRO A 339 -30.49 -23.66 -10.32
C PRO A 339 -30.66 -25.19 -10.35
N ALA A 340 -29.58 -25.95 -10.02
CA ALA A 340 -29.60 -27.43 -9.99
C ALA A 340 -30.68 -27.95 -9.08
N LYS A 341 -30.89 -27.25 -7.95
CA LYS A 341 -31.95 -27.55 -6.99
C LYS A 341 -32.42 -26.31 -6.27
N ARG A 342 -33.58 -26.39 -5.60
CA ARG A 342 -34.18 -25.28 -4.87
C ARG A 342 -33.19 -24.68 -3.88
N ASN A 343 -33.09 -23.35 -3.89
CA ASN A 343 -32.22 -22.54 -3.02
C ASN A 343 -30.72 -22.59 -3.28
N MET A 344 -30.33 -23.26 -4.36
CA MET A 344 -28.94 -23.28 -4.78
C MET A 344 -28.73 -22.00 -5.64
N PRO A 345 -27.53 -21.40 -5.66
CA PRO A 345 -27.35 -20.19 -6.49
C PRO A 345 -27.65 -20.43 -7.96
N VAL A 346 -28.13 -19.35 -8.65
CA VAL A 346 -28.43 -19.34 -10.11
C VAL A 346 -27.16 -19.79 -10.89
N PRO A 347 -27.29 -20.63 -11.95
CA PRO A 347 -26.09 -21.13 -12.62
C PRO A 347 -25.32 -20.14 -13.51
N ILE A 348 -24.15 -19.72 -13.04
CA ILE A 348 -23.29 -18.80 -13.80
C ILE A 348 -22.64 -19.57 -14.98
N LEU A 349 -22.86 -19.08 -16.22
CA LEU A 349 -22.27 -19.63 -17.43
C LEU A 349 -21.66 -18.52 -18.27
N GLU A 350 -20.36 -18.31 -18.12
CA GLU A 350 -19.67 -17.27 -18.88
C GLU A 350 -19.34 -17.87 -20.25
N THR A 351 -19.61 -17.08 -21.34
CA THR A 351 -19.32 -17.46 -22.72
C THR A 351 -18.35 -16.46 -23.37
N LYS A 352 -18.11 -16.57 -24.70
CA LYS A 352 -17.21 -15.71 -25.52
C LYS A 352 -17.49 -14.22 -25.30
N ASP A 353 -18.76 -13.88 -24.99
CA ASP A 353 -19.25 -12.53 -24.72
C ASP A 353 -19.04 -12.11 -23.26
N THR A 354 -17.84 -11.59 -22.98
CA THR A 354 -17.39 -11.09 -21.68
C THR A 354 -18.27 -9.87 -21.25
N TRP A 355 -18.44 -9.66 -19.92
CA TRP A 355 -19.17 -8.50 -19.32
C TRP A 355 -18.55 -7.15 -19.76
N ASP A 356 -17.24 -7.16 -20.03
CA ASP A 356 -16.45 -5.97 -20.27
C ASP A 356 -16.35 -5.49 -21.72
N ARG A 357 -17.45 -4.88 -22.14
CA ARG A 357 -17.63 -4.25 -23.44
C ARG A 357 -18.82 -3.26 -23.36
N PRO A 358 -18.87 -2.25 -24.24
CA PRO A 358 -20.06 -1.40 -24.29
C PRO A 358 -21.21 -2.12 -25.07
N VAL A 359 -22.42 -1.57 -25.01
CA VAL A 359 -23.60 -2.06 -25.74
C VAL A 359 -23.56 -1.37 -27.14
N ASP A 360 -23.58 -2.15 -28.24
CA ASP A 360 -23.52 -1.56 -29.59
C ASP A 360 -24.86 -1.04 -30.06
N PHE A 361 -25.89 -1.89 -30.10
CA PHE A 361 -27.20 -1.47 -30.57
C PHE A 361 -27.85 -0.46 -29.63
N THR A 362 -28.08 0.75 -30.18
CA THR A 362 -28.71 1.86 -29.48
C THR A 362 -29.96 2.31 -30.27
N PRO A 363 -31.17 2.34 -29.64
CA PRO A 363 -32.37 2.81 -30.37
C PRO A 363 -32.32 4.32 -30.66
N THR A 364 -33.02 4.76 -31.71
CA THR A 364 -33.12 6.18 -32.06
C THR A 364 -34.61 6.56 -32.05
N ASN A 365 -34.93 7.85 -31.89
CA ASN A 365 -36.34 8.26 -31.83
C ASN A 365 -37.01 8.24 -33.21
N ASP A 366 -36.25 8.61 -34.23
CA ASP A 366 -36.67 8.68 -35.63
C ASP A 366 -36.80 7.30 -36.32
N GLU A 367 -36.21 6.23 -35.73
CA GLU A 367 -36.23 4.89 -36.31
C GLU A 367 -36.89 3.83 -35.44
N THR A 368 -37.73 3.01 -36.10
CA THR A 368 -38.43 1.88 -35.49
C THR A 368 -37.39 0.77 -35.22
N TYR A 369 -37.52 0.09 -34.08
CA TYR A 369 -36.61 -0.98 -33.73
C TYR A 369 -37.37 -2.14 -33.14
N ASP A 370 -36.71 -3.29 -33.10
CA ASP A 370 -37.20 -4.50 -32.45
C ASP A 370 -36.46 -4.49 -31.12
N VAL A 371 -37.20 -4.51 -30.00
CA VAL A 371 -36.64 -4.50 -28.64
C VAL A 371 -35.66 -5.66 -28.41
N ARG A 372 -35.86 -6.77 -29.11
CA ARG A 372 -34.98 -7.95 -29.05
C ARG A 372 -33.54 -7.58 -29.43
N TRP A 373 -33.35 -6.57 -30.30
CA TRP A 373 -32.05 -6.02 -30.71
C TRP A 373 -31.34 -5.39 -29.51
N MET A 374 -32.08 -4.73 -28.61
CA MET A 374 -31.49 -4.11 -27.43
C MET A 374 -31.09 -5.17 -26.44
N ILE A 375 -31.86 -6.26 -26.42
CA ILE A 375 -31.65 -7.39 -25.54
C ILE A 375 -30.46 -8.25 -25.98
N GLU A 376 -30.50 -8.76 -27.21
CA GLU A 376 -29.50 -9.72 -27.69
C GLU A 376 -28.61 -9.24 -28.80
N GLY A 377 -28.89 -8.05 -29.32
CA GLY A 377 -28.11 -7.52 -30.43
C GLY A 377 -28.72 -7.90 -31.77
N ARG A 378 -28.07 -7.44 -32.83
CA ARG A 378 -28.51 -7.70 -34.20
C ARG A 378 -27.40 -7.75 -35.23
N GLU A 379 -27.60 -8.63 -36.21
CA GLU A 379 -26.66 -8.76 -37.32
C GLU A 379 -26.94 -7.64 -38.30
N THR A 380 -25.87 -7.02 -38.81
CA THR A 380 -25.91 -5.98 -39.84
C THR A 380 -24.87 -6.35 -40.90
N GLU A 381 -24.81 -5.58 -42.00
CA GLU A 381 -23.84 -5.82 -43.08
C GLU A 381 -22.43 -5.50 -42.57
N SER A 382 -22.30 -4.45 -41.73
CA SER A 382 -21.04 -4.01 -41.12
C SER A 382 -20.54 -4.95 -39.99
N GLY A 383 -21.44 -5.82 -39.48
CA GLY A 383 -21.12 -6.79 -38.44
C GLY A 383 -22.18 -6.90 -37.35
N PHE A 384 -21.88 -7.71 -36.32
CA PHE A 384 -22.82 -7.88 -35.22
C PHE A 384 -22.77 -6.71 -34.22
N GLU A 385 -23.97 -6.13 -33.93
CA GLU A 385 -24.13 -5.07 -32.95
C GLU A 385 -24.57 -5.77 -31.70
N TYR A 386 -23.70 -5.85 -30.71
CA TYR A 386 -24.02 -6.49 -29.45
C TYR A 386 -25.13 -5.72 -28.73
N GLY A 387 -25.90 -6.42 -27.90
CA GLY A 387 -26.97 -5.77 -27.14
C GLY A 387 -26.54 -5.73 -25.69
N LEU A 388 -27.50 -5.55 -24.78
CA LEU A 388 -27.28 -5.48 -23.35
C LEU A 388 -26.81 -6.83 -22.79
N PHE A 389 -27.40 -7.92 -23.29
CA PHE A 389 -27.13 -9.27 -22.81
C PHE A 389 -26.16 -10.06 -23.67
N ASP A 390 -25.65 -11.21 -23.15
CA ASP A 390 -24.68 -12.12 -23.77
C ASP A 390 -25.18 -12.62 -25.12
N LYS A 391 -24.35 -12.50 -26.18
CA LYS A 391 -24.68 -12.94 -27.54
C LYS A 391 -25.19 -14.40 -27.53
N GLY A 392 -26.38 -14.57 -28.10
CA GLY A 392 -27.07 -15.85 -28.24
C GLY A 392 -27.66 -16.42 -26.97
N SER A 393 -27.78 -15.60 -25.90
CA SER A 393 -28.34 -16.07 -24.62
C SER A 393 -29.85 -15.76 -24.47
N PHE A 394 -30.45 -15.03 -25.43
CA PHE A 394 -31.87 -14.73 -25.31
C PHE A 394 -32.77 -15.86 -25.71
N PHE A 395 -33.40 -16.47 -24.68
CA PHE A 395 -34.34 -17.57 -24.81
C PHE A 395 -35.72 -17.01 -24.50
N GLU A 396 -36.48 -16.63 -25.55
CA GLU A 396 -37.81 -16.04 -25.47
C GLU A 396 -38.85 -17.08 -25.19
N THR A 397 -39.81 -16.77 -24.29
CA THR A 397 -40.91 -17.64 -23.90
C THR A 397 -42.21 -16.84 -23.98
N LEU A 398 -43.36 -17.53 -24.08
CA LEU A 398 -44.71 -16.96 -24.26
C LEU A 398 -44.73 -16.13 -25.55
N SER A 399 -43.89 -16.52 -26.52
CA SER A 399 -43.70 -15.80 -27.76
C SER A 399 -44.91 -15.71 -28.71
N GLY A 400 -45.89 -16.56 -28.53
CA GLY A 400 -47.09 -16.59 -29.37
C GLY A 400 -48.25 -15.78 -28.85
N TRP A 401 -48.18 -15.35 -27.57
CA TRP A 401 -49.22 -14.60 -26.86
C TRP A 401 -48.78 -13.20 -26.51
N ALA A 402 -49.75 -12.26 -26.51
CA ALA A 402 -49.59 -10.85 -26.10
C ALA A 402 -48.22 -10.32 -26.46
N LYS A 403 -47.93 -10.33 -27.78
CA LYS A 403 -46.66 -9.94 -28.37
C LYS A 403 -46.16 -8.50 -28.08
N GLY A 404 -46.98 -7.69 -27.40
CA GLY A 404 -46.65 -6.34 -26.97
C GLY A 404 -45.57 -6.30 -25.89
N VAL A 405 -45.48 -7.36 -25.08
CA VAL A 405 -44.43 -7.56 -24.07
C VAL A 405 -43.53 -8.67 -24.59
N VAL A 406 -42.22 -8.51 -24.40
CA VAL A 406 -41.26 -9.51 -24.81
C VAL A 406 -40.66 -10.13 -23.55
N VAL A 407 -40.90 -11.43 -23.31
CA VAL A 407 -40.37 -12.11 -22.14
C VAL A 407 -39.47 -13.26 -22.51
N GLY A 408 -38.37 -13.38 -21.77
CA GLY A 408 -37.43 -14.48 -21.95
C GLY A 408 -36.38 -14.54 -20.87
N ARG A 409 -35.46 -15.49 -21.00
CA ARG A 409 -34.32 -15.65 -20.11
C ARG A 409 -33.11 -15.14 -20.92
N ALA A 410 -32.06 -14.66 -20.21
CA ALA A 410 -30.82 -14.22 -20.80
C ALA A 410 -29.67 -14.36 -19.82
N ARG A 411 -28.45 -14.02 -20.26
CA ARG A 411 -27.28 -14.03 -19.41
C ARG A 411 -26.56 -12.65 -19.49
N LEU A 412 -26.04 -12.17 -18.35
CA LEU A 412 -25.36 -10.86 -18.24
C LEU A 412 -23.95 -11.17 -17.74
N GLY A 413 -23.03 -11.34 -18.68
CA GLY A 413 -21.64 -11.75 -18.44
C GLY A 413 -21.55 -13.07 -17.71
N GLY A 414 -22.55 -13.92 -17.92
CA GLY A 414 -22.66 -15.24 -17.29
C GLY A 414 -23.87 -15.45 -16.42
N ILE A 415 -24.35 -14.39 -15.70
CA ILE A 415 -25.48 -14.35 -14.77
C ILE A 415 -26.82 -14.61 -15.48
N PRO A 416 -27.56 -15.67 -15.09
CA PRO A 416 -28.86 -15.91 -15.72
C PRO A 416 -29.96 -15.06 -15.07
N LEU A 417 -30.86 -14.54 -15.89
CA LEU A 417 -31.93 -13.70 -15.34
C LEU A 417 -33.12 -13.67 -16.27
N GLY A 418 -34.24 -13.23 -15.70
CA GLY A 418 -35.46 -13.05 -16.46
C GLY A 418 -35.46 -11.64 -17.04
N VAL A 419 -35.88 -11.51 -18.29
CA VAL A 419 -35.90 -10.23 -18.98
C VAL A 419 -37.34 -9.93 -19.47
N ILE A 420 -37.84 -8.69 -19.23
CA ILE A 420 -39.11 -8.18 -19.74
C ILE A 420 -38.81 -6.90 -20.50
N GLY A 421 -39.16 -6.89 -21.78
CA GLY A 421 -39.00 -5.75 -22.68
C GLY A 421 -40.33 -5.36 -23.30
N VAL A 422 -40.38 -4.15 -23.90
CA VAL A 422 -41.61 -3.62 -24.51
C VAL A 422 -41.51 -3.56 -26.03
N GLU A 423 -42.47 -4.20 -26.72
CA GLU A 423 -42.58 -4.16 -28.16
C GLU A 423 -43.16 -2.79 -28.53
N THR A 424 -42.36 -1.97 -29.23
CA THR A 424 -42.72 -0.62 -29.65
C THR A 424 -43.65 -0.59 -30.84
N ARG A 425 -43.58 -1.63 -31.68
CA ARG A 425 -44.41 -1.79 -32.86
C ARG A 425 -45.85 -2.19 -32.50
N THR A 426 -46.84 -1.73 -33.29
CA THR A 426 -48.24 -2.09 -33.12
C THR A 426 -48.35 -3.60 -33.30
N VAL A 427 -49.05 -4.26 -32.39
CA VAL A 427 -49.23 -5.70 -32.42
C VAL A 427 -50.66 -6.01 -32.87
N GLU A 428 -50.79 -6.98 -33.79
CA GLU A 428 -52.07 -7.48 -34.31
C GLU A 428 -52.31 -8.90 -33.83
N ASN A 429 -53.55 -9.19 -33.41
CA ASN A 429 -53.98 -10.52 -32.97
C ASN A 429 -55.23 -10.90 -33.74
N LEU A 430 -55.33 -12.17 -34.14
CA LEU A 430 -56.51 -12.62 -34.87
C LEU A 430 -57.38 -13.51 -34.01
N ILE A 431 -58.41 -12.89 -33.43
CA ILE A 431 -59.40 -13.57 -32.62
C ILE A 431 -60.24 -14.36 -33.64
N PRO A 432 -60.23 -15.70 -33.54
CA PRO A 432 -60.97 -16.51 -34.51
C PRO A 432 -62.50 -16.44 -34.36
N ALA A 433 -63.22 -16.88 -35.42
CA ALA A 433 -64.68 -16.92 -35.39
C ALA A 433 -65.11 -18.13 -34.60
N ASP A 434 -66.12 -17.94 -33.72
CA ASP A 434 -66.67 -19.01 -32.90
C ASP A 434 -67.51 -19.93 -33.79
N PRO A 435 -67.14 -21.24 -33.93
CA PRO A 435 -67.91 -22.14 -34.80
C PRO A 435 -69.34 -22.40 -34.31
N ALA A 436 -69.53 -22.23 -33.00
CA ALA A 436 -70.80 -22.41 -32.31
C ALA A 436 -71.78 -21.27 -32.58
N ASN A 437 -71.27 -20.11 -33.04
CA ASN A 437 -72.12 -18.97 -33.33
C ASN A 437 -72.13 -18.63 -34.83
N PRO A 438 -73.29 -18.82 -35.48
CA PRO A 438 -73.38 -18.54 -36.93
C PRO A 438 -73.25 -17.06 -37.29
N ASN A 439 -73.55 -16.19 -36.30
CA ASN A 439 -73.45 -14.73 -36.44
C ASN A 439 -72.14 -14.23 -35.79
N SER A 440 -71.04 -14.98 -36.08
CA SER A 440 -69.69 -14.70 -35.58
C SER A 440 -68.69 -14.76 -36.74
N ALA A 441 -67.82 -13.74 -36.78
CA ALA A 441 -66.75 -13.59 -37.76
C ALA A 441 -65.44 -13.32 -37.00
N GLU A 442 -64.31 -13.66 -37.65
CA GLU A 442 -63.00 -13.43 -37.06
C GLU A 442 -62.76 -11.93 -36.99
N THR A 443 -62.07 -11.49 -35.93
CA THR A 443 -61.78 -10.06 -35.72
C THR A 443 -60.29 -9.85 -35.53
N LEU A 444 -59.76 -8.79 -36.15
CA LEU A 444 -58.35 -8.43 -36.04
C LEU A 444 -58.24 -7.26 -35.07
N ILE A 445 -57.47 -7.48 -33.98
CA ILE A 445 -57.32 -6.52 -32.91
C ILE A 445 -55.96 -5.88 -32.95
N GLN A 446 -55.95 -4.57 -33.12
CA GLN A 446 -54.70 -3.84 -33.13
C GLN A 446 -54.48 -3.26 -31.77
N GLN A 447 -53.27 -3.36 -31.27
CA GLN A 447 -52.91 -2.80 -29.97
C GLN A 447 -51.66 -1.93 -30.12
N ALA A 448 -51.83 -0.63 -29.75
CA ALA A 448 -50.77 0.36 -29.76
C ALA A 448 -49.55 -0.15 -28.98
N GLY A 449 -48.36 0.20 -29.44
CA GLY A 449 -47.13 -0.17 -28.77
C GLY A 449 -46.93 0.70 -27.55
N GLN A 450 -46.15 0.20 -26.58
CA GLN A 450 -45.85 0.88 -25.32
C GLN A 450 -47.08 1.19 -24.44
N VAL A 451 -48.21 0.47 -24.67
CA VAL A 451 -49.48 0.61 -23.92
C VAL A 451 -49.85 -0.77 -23.37
N TRP A 452 -50.08 -0.88 -22.04
CA TRP A 452 -50.48 -2.13 -21.41
C TRP A 452 -51.95 -2.38 -21.67
N PHE A 453 -52.24 -3.59 -22.15
CA PHE A 453 -53.59 -4.05 -22.42
C PHE A 453 -53.86 -5.22 -21.46
N PRO A 454 -55.11 -5.67 -21.31
CA PRO A 454 -55.36 -6.81 -20.42
C PRO A 454 -54.38 -7.99 -20.62
N ASN A 455 -54.20 -8.42 -21.89
CA ASN A 455 -53.33 -9.56 -22.27
C ASN A 455 -51.87 -9.35 -21.95
N SER A 456 -51.31 -8.17 -22.32
CA SER A 456 -49.93 -7.84 -22.03
C SER A 456 -49.62 -7.64 -20.54
N ALA A 457 -50.61 -7.15 -19.75
CA ALA A 457 -50.45 -6.99 -18.29
C ALA A 457 -50.48 -8.35 -17.62
N PHE A 458 -51.30 -9.25 -18.14
CA PHE A 458 -51.42 -10.63 -17.69
C PHE A 458 -50.09 -11.37 -17.95
N LYS A 459 -49.55 -11.23 -19.16
CA LYS A 459 -48.28 -11.82 -19.56
C LYS A 459 -47.14 -11.34 -18.65
N THR A 460 -47.15 -10.03 -18.27
CA THR A 460 -46.13 -9.39 -17.44
C THR A 460 -46.14 -10.01 -16.07
N ALA A 461 -47.30 -10.12 -15.41
CA ALA A 461 -47.46 -10.74 -14.10
C ALA A 461 -47.04 -12.18 -14.16
N GLN A 462 -47.47 -12.90 -15.19
CA GLN A 462 -47.17 -14.31 -15.41
C GLN A 462 -45.66 -14.52 -15.49
N ALA A 463 -44.97 -13.72 -16.33
CA ALA A 463 -43.53 -13.79 -16.51
C ALA A 463 -42.79 -13.59 -15.18
N ILE A 464 -43.20 -12.60 -14.38
CA ILE A 464 -42.64 -12.26 -13.08
C ILE A 464 -42.75 -13.45 -12.15
N ASN A 465 -43.94 -14.06 -12.14
CA ASN A 465 -44.17 -15.22 -11.29
C ASN A 465 -43.37 -16.43 -11.70
N ASP A 466 -43.30 -16.66 -13.02
CA ASP A 466 -42.59 -17.78 -13.61
C ASP A 466 -41.11 -17.67 -13.44
N PHE A 467 -40.59 -16.45 -13.32
CA PHE A 467 -39.18 -16.23 -13.03
C PHE A 467 -38.91 -16.50 -11.56
N ASN A 468 -39.85 -16.14 -10.69
CA ASN A 468 -39.69 -16.24 -9.25
C ASN A 468 -39.77 -17.64 -8.71
N ASN A 469 -40.92 -18.31 -8.98
CA ASN A 469 -41.23 -19.67 -8.56
C ASN A 469 -40.41 -20.65 -9.39
N GLY A 470 -39.78 -21.58 -8.70
CA GLY A 470 -38.99 -22.62 -9.36
C GLY A 470 -37.71 -22.15 -10.02
N GLU A 471 -37.82 -21.21 -11.01
CA GLU A 471 -36.65 -20.61 -11.68
C GLU A 471 -35.74 -19.86 -10.69
N GLN A 472 -36.33 -19.13 -9.70
CA GLN A 472 -35.64 -18.41 -8.63
C GLN A 472 -34.55 -17.53 -9.19
N LEU A 473 -34.89 -16.82 -10.29
CA LEU A 473 -34.01 -15.94 -11.05
C LEU A 473 -34.14 -14.45 -10.69
N PRO A 474 -33.04 -13.64 -10.83
CA PRO A 474 -33.19 -12.19 -10.70
C PRO A 474 -33.93 -11.71 -11.95
N MET A 475 -34.35 -10.44 -11.93
CA MET A 475 -35.08 -9.95 -13.07
C MET A 475 -34.72 -8.55 -13.46
N MET A 476 -34.84 -8.26 -14.76
CA MET A 476 -34.73 -6.95 -15.33
C MET A 476 -35.95 -6.64 -16.19
N ILE A 477 -36.66 -5.54 -15.84
CA ILE A 477 -37.75 -5.03 -16.64
C ILE A 477 -37.22 -3.75 -17.31
N LEU A 478 -37.09 -3.79 -18.65
CA LEU A 478 -36.68 -2.68 -19.52
C LEU A 478 -37.98 -1.87 -19.73
N ALA A 479 -38.47 -1.24 -18.63
CA ALA A 479 -39.73 -0.49 -18.49
C ALA A 479 -39.91 0.62 -19.49
N ASN A 480 -40.91 0.52 -20.35
CA ASN A 480 -41.15 1.49 -21.40
C ASN A 480 -42.62 1.51 -21.82
N TRP A 481 -43.48 1.90 -20.90
CA TRP A 481 -44.91 1.95 -21.16
C TRP A 481 -45.46 3.34 -20.93
N ARG A 482 -46.35 3.78 -21.83
CA ARG A 482 -47.05 5.08 -21.76
C ARG A 482 -48.15 5.04 -20.69
N GLY A 483 -48.69 3.85 -20.45
CA GLY A 483 -49.72 3.59 -19.46
C GLY A 483 -50.54 2.37 -19.78
N PHE A 484 -51.70 2.26 -19.16
CA PHE A 484 -52.64 1.18 -19.41
C PHE A 484 -53.67 1.73 -20.35
N SER A 485 -54.29 0.87 -21.15
CA SER A 485 -55.40 1.24 -22.02
C SER A 485 -56.64 1.51 -21.15
N GLY A 486 -57.06 2.76 -21.05
CA GLY A 486 -58.19 3.20 -20.25
C GLY A 486 -59.51 3.30 -21.01
N GLY A 487 -59.50 2.83 -22.25
CA GLY A 487 -60.70 2.83 -23.09
C GLY A 487 -61.80 1.91 -22.58
N GLN A 488 -63.01 2.06 -23.17
CA GLN A 488 -64.16 1.27 -22.76
C GLN A 488 -63.99 -0.24 -22.89
N ARG A 489 -63.55 -0.73 -24.08
CA ARG A 489 -63.32 -2.15 -24.33
C ARG A 489 -62.36 -2.76 -23.34
N ASP A 490 -61.16 -2.12 -23.18
CA ASP A 490 -60.11 -2.60 -22.27
C ASP A 490 -60.44 -2.50 -20.80
N MET A 491 -61.29 -1.52 -20.42
CA MET A 491 -61.75 -1.37 -19.03
C MET A 491 -62.77 -2.44 -18.72
N PHE A 492 -63.70 -2.71 -19.68
CA PHE A 492 -64.68 -3.77 -19.58
C PHE A 492 -63.96 -5.11 -19.51
N ASN A 493 -62.89 -5.28 -20.30
CA ASN A 493 -62.09 -6.51 -20.29
C ASN A 493 -61.14 -6.61 -19.09
N GLU A 494 -61.46 -5.89 -18.00
CA GLU A 494 -60.80 -5.96 -16.69
C GLU A 494 -59.30 -5.64 -16.64
N VAL A 495 -58.84 -4.63 -17.40
CA VAL A 495 -57.41 -4.24 -17.38
C VAL A 495 -56.86 -3.99 -15.95
N LEU A 496 -57.68 -3.44 -15.06
CA LEU A 496 -57.34 -3.15 -13.67
C LEU A 496 -56.96 -4.37 -12.88
N LYS A 497 -57.59 -5.51 -13.21
CA LYS A 497 -57.35 -6.80 -12.56
C LYS A 497 -55.96 -7.30 -12.92
N TYR A 498 -55.60 -7.25 -14.23
CA TYR A 498 -54.32 -7.75 -14.73
C TYR A 498 -53.16 -6.87 -14.35
N GLY A 499 -53.41 -5.55 -14.29
CA GLY A 499 -52.46 -4.54 -13.85
C GLY A 499 -52.12 -4.78 -12.39
N SER A 500 -53.14 -5.14 -11.60
CA SER A 500 -53.00 -5.44 -10.18
C SER A 500 -52.19 -6.71 -9.90
N PHE A 501 -52.29 -7.72 -10.79
CA PHE A 501 -51.51 -8.95 -10.72
C PHE A 501 -50.02 -8.65 -10.81
N ILE A 502 -49.61 -7.59 -11.56
CA ILE A 502 -48.21 -7.17 -11.70
C ILE A 502 -47.70 -6.80 -10.30
N VAL A 503 -48.41 -5.91 -9.59
CA VAL A 503 -48.08 -5.50 -8.23
C VAL A 503 -47.86 -6.72 -7.31
N ASP A 504 -48.82 -7.64 -7.29
CA ASP A 504 -48.81 -8.90 -6.50
C ASP A 504 -47.59 -9.77 -6.80
N ALA A 505 -47.23 -9.89 -8.08
CA ALA A 505 -46.09 -10.68 -8.54
C ALA A 505 -44.74 -10.11 -8.05
N LEU A 506 -44.62 -8.78 -7.99
CA LEU A 506 -43.48 -8.02 -7.52
C LEU A 506 -43.40 -8.10 -5.98
N VAL A 507 -44.55 -8.02 -5.27
CA VAL A 507 -44.58 -8.15 -3.80
C VAL A 507 -43.97 -9.51 -3.39
N ASP A 508 -44.30 -10.57 -4.13
CA ASP A 508 -43.88 -11.95 -3.90
C ASP A 508 -42.44 -12.28 -4.35
N TYR A 509 -41.81 -11.38 -5.10
CA TYR A 509 -40.47 -11.61 -5.65
C TYR A 509 -39.35 -11.76 -4.60
N LYS A 510 -38.53 -12.82 -4.71
CA LYS A 510 -37.51 -13.12 -3.69
C LYS A 510 -36.03 -12.97 -4.09
N GLN A 511 -35.79 -12.53 -5.34
CA GLN A 511 -34.45 -12.34 -5.91
C GLN A 511 -34.26 -10.89 -6.41
N PRO A 512 -33.01 -10.39 -6.56
CA PRO A 512 -32.83 -9.01 -7.04
C PRO A 512 -33.68 -8.63 -8.26
N ILE A 513 -34.30 -7.43 -8.21
CA ILE A 513 -35.05 -6.85 -9.35
C ILE A 513 -34.36 -5.57 -9.79
N ILE A 514 -34.33 -5.32 -11.11
CA ILE A 514 -33.77 -4.09 -11.72
C ILE A 514 -34.83 -3.57 -12.68
N ILE A 515 -35.33 -2.34 -12.45
CA ILE A 515 -36.26 -1.66 -13.34
C ILE A 515 -35.39 -0.61 -14.02
N TYR A 516 -35.35 -0.62 -15.35
CA TYR A 516 -34.51 0.31 -16.09
C TYR A 516 -35.27 0.91 -17.28
N ILE A 517 -35.56 2.23 -17.23
CA ILE A 517 -36.24 2.94 -18.32
C ILE A 517 -35.14 3.16 -19.35
N PRO A 518 -35.19 2.46 -20.50
CA PRO A 518 -34.07 2.53 -21.45
C PRO A 518 -33.95 3.84 -22.26
N PRO A 519 -32.88 4.02 -23.10
CA PRO A 519 -32.84 5.23 -23.96
C PRO A 519 -34.05 5.22 -24.91
N THR A 520 -34.62 6.43 -25.21
CA THR A 520 -35.83 6.65 -26.03
C THR A 520 -37.09 6.16 -25.30
N GLY A 521 -36.89 5.58 -24.10
CA GLY A 521 -37.94 5.00 -23.27
C GLY A 521 -38.73 5.99 -22.45
N GLU A 522 -39.92 5.57 -22.00
CA GLU A 522 -40.80 6.38 -21.14
C GLU A 522 -41.59 5.56 -20.14
N LEU A 523 -41.98 6.16 -19.03
CA LEU A 523 -42.77 5.48 -18.02
C LEU A 523 -43.70 6.53 -17.41
N ARG A 524 -45.01 6.41 -17.70
CA ARG A 524 -46.01 7.41 -17.26
C ARG A 524 -47.09 6.80 -16.41
N GLY A 525 -47.81 7.67 -15.68
CA GLY A 525 -48.95 7.36 -14.83
C GLY A 525 -48.97 5.98 -14.22
N GLY A 526 -50.05 5.25 -14.50
CA GLY A 526 -50.26 3.89 -13.98
C GLY A 526 -49.17 2.89 -14.30
N SER A 527 -48.41 3.11 -15.40
CA SER A 527 -47.33 2.23 -15.78
C SER A 527 -46.21 2.31 -14.77
N TRP A 528 -45.92 3.53 -14.26
CA TRP A 528 -44.91 3.69 -13.22
C TRP A 528 -45.41 3.03 -11.92
N VAL A 529 -46.63 3.42 -11.45
CA VAL A 529 -47.27 2.95 -10.22
C VAL A 529 -46.99 1.50 -9.91
N VAL A 530 -47.34 0.65 -10.87
CA VAL A 530 -47.34 -0.81 -10.94
C VAL A 530 -45.95 -1.48 -10.96
N VAL A 531 -44.89 -0.72 -11.23
CA VAL A 531 -43.53 -1.24 -11.34
C VAL A 531 -42.52 -0.49 -10.40
N ASP A 532 -43.02 0.38 -9.51
CA ASP A 532 -42.18 1.19 -8.61
C ASP A 532 -41.45 0.36 -7.56
N PRO A 533 -40.14 0.65 -7.30
CA PRO A 533 -39.40 -0.13 -6.29
C PRO A 533 -39.92 -0.16 -4.85
N THR A 534 -40.91 0.70 -4.46
CA THR A 534 -41.46 0.70 -3.09
C THR A 534 -42.46 -0.43 -2.86
N ILE A 535 -42.91 -1.07 -3.99
CA ILE A 535 -43.77 -2.26 -3.97
C ILE A 535 -42.98 -3.38 -3.26
N ASN A 536 -41.66 -3.41 -3.47
CA ASN A 536 -40.79 -4.37 -2.81
C ASN A 536 -39.40 -3.75 -2.62
N ALA A 537 -39.24 -2.92 -1.60
CA ALA A 537 -37.98 -2.24 -1.30
C ALA A 537 -36.79 -3.19 -1.06
N ASP A 538 -37.04 -4.38 -0.57
CA ASP A 538 -36.07 -5.43 -0.29
C ASP A 538 -35.35 -5.91 -1.53
N GLN A 539 -36.09 -6.08 -2.65
CA GLN A 539 -35.51 -6.60 -3.89
C GLN A 539 -35.38 -5.59 -5.01
N MET A 540 -36.32 -4.61 -5.05
CA MET A 540 -36.40 -3.68 -6.16
C MET A 540 -35.48 -2.51 -6.12
N GLU A 541 -35.13 -2.06 -7.33
CA GLU A 541 -34.21 -0.97 -7.61
C GLU A 541 -34.58 -0.34 -8.95
N MET A 542 -34.66 0.99 -9.03
CA MET A 542 -34.97 1.63 -10.31
C MET A 542 -33.85 2.51 -10.86
N TYR A 543 -33.72 2.45 -12.18
CA TYR A 543 -32.74 3.20 -12.95
C TYR A 543 -33.41 3.82 -14.16
N ALA A 544 -32.94 4.96 -14.59
CA ALA A 544 -33.44 5.59 -15.80
C ALA A 544 -32.28 6.06 -16.63
N ASP A 545 -32.37 5.85 -17.95
CA ASP A 545 -31.33 6.30 -18.87
C ASP A 545 -31.41 7.79 -18.96
N VAL A 546 -30.29 8.41 -19.36
CA VAL A 546 -30.23 9.86 -19.57
C VAL A 546 -31.17 10.32 -20.70
N ASN A 547 -31.57 9.39 -21.58
CA ASN A 547 -32.48 9.61 -22.71
C ASN A 547 -33.89 9.09 -22.50
N ALA A 548 -34.17 8.70 -21.27
CA ALA A 548 -35.48 8.26 -20.84
C ALA A 548 -36.33 9.48 -20.40
N ARG A 549 -37.64 9.28 -20.30
CA ARG A 549 -38.59 10.30 -19.83
C ARG A 549 -39.54 9.64 -18.86
N ALA A 550 -40.10 10.40 -17.91
CA ALA A 550 -41.07 9.90 -16.95
C ALA A 550 -41.75 11.05 -16.22
N GLY A 551 -43.07 10.93 -16.08
CA GLY A 551 -43.94 11.87 -15.39
C GLY A 551 -45.34 11.29 -15.26
N VAL A 552 -46.23 11.96 -14.51
CA VAL A 552 -47.63 11.52 -14.33
C VAL A 552 -48.28 11.41 -15.72
N LEU A 553 -48.20 12.51 -16.50
CA LEU A 553 -48.71 12.61 -17.87
C LEU A 553 -47.53 12.81 -18.81
N GLU A 554 -47.81 12.87 -20.11
CA GLU A 554 -46.82 13.17 -21.14
C GLU A 554 -46.87 14.70 -21.34
N PRO A 555 -45.84 15.35 -21.93
CA PRO A 555 -45.89 16.82 -22.11
C PRO A 555 -47.19 17.38 -22.66
N GLU A 556 -47.90 16.63 -23.54
CA GLU A 556 -49.17 17.09 -24.11
C GLU A 556 -50.29 17.22 -23.06
N GLY A 557 -50.32 16.29 -22.11
CA GLY A 557 -51.26 16.26 -21.00
C GLY A 557 -50.96 17.28 -19.93
N THR A 558 -49.64 17.39 -19.54
CA THR A 558 -49.13 18.34 -18.55
C THR A 558 -49.56 19.76 -18.96
N VAL A 559 -49.37 20.08 -20.26
CA VAL A 559 -49.72 21.34 -20.92
C VAL A 559 -51.22 21.57 -20.83
N GLU A 560 -52.00 20.58 -21.26
CA GLU A 560 -53.46 20.63 -21.27
C GLU A 560 -54.04 20.96 -19.87
N ILE A 561 -53.45 20.38 -18.82
CA ILE A 561 -53.91 20.58 -17.45
C ILE A 561 -53.30 21.78 -16.73
N LYS A 562 -51.96 21.97 -16.83
CA LYS A 562 -51.23 23.01 -16.09
C LYS A 562 -50.72 24.29 -16.82
N PHE A 563 -50.59 24.27 -18.16
CA PHE A 563 -50.11 25.42 -18.96
C PHE A 563 -51.20 25.77 -19.98
N ARG A 564 -52.37 26.16 -19.46
CA ARG A 564 -53.56 26.47 -20.24
C ARG A 564 -53.46 27.80 -21.03
N ARG A 565 -54.56 28.19 -21.73
CA ARG A 565 -54.63 29.40 -22.59
C ARG A 565 -54.18 30.72 -21.92
N GLU A 566 -54.66 30.99 -20.70
CA GLU A 566 -54.33 32.21 -19.95
C GLU A 566 -52.83 32.28 -19.63
N LYS A 567 -52.24 31.17 -19.12
CA LYS A 567 -50.82 31.05 -18.78
C LYS A 567 -49.97 31.27 -20.02
N LEU A 568 -50.42 30.74 -21.17
CA LEU A 568 -49.79 30.84 -22.47
C LEU A 568 -49.84 32.28 -23.02
N LEU A 569 -50.96 32.99 -22.83
CA LEU A 569 -51.07 34.38 -23.29
C LEU A 569 -50.23 35.33 -22.45
N ASP A 570 -50.15 35.08 -21.11
CA ASP A 570 -49.32 35.83 -20.16
C ASP A 570 -47.85 35.65 -20.56
N THR A 571 -47.49 34.44 -21.07
CA THR A 571 -46.16 34.09 -21.59
C THR A 571 -45.88 34.90 -22.88
N MET A 572 -46.89 35.05 -23.78
CA MET A 572 -46.79 35.86 -25.00
C MET A 572 -46.57 37.34 -24.63
N ASN A 573 -47.30 37.80 -23.59
CA ASN A 573 -47.20 39.16 -23.04
C ASN A 573 -45.80 39.41 -22.47
N ARG A 574 -45.16 38.37 -21.92
CA ARG A 574 -43.82 38.47 -21.34
C ARG A 574 -42.71 38.43 -22.41
N LEU A 575 -42.80 37.44 -23.32
CA LEU A 575 -41.81 37.12 -24.34
C LEU A 575 -41.93 37.79 -25.72
N ASP A 576 -43.15 38.14 -26.16
CA ASP A 576 -43.31 38.77 -27.48
C ASP A 576 -43.44 40.29 -27.39
N ASP A 577 -42.46 40.98 -28.00
CA ASP A 577 -42.40 42.45 -28.01
C ASP A 577 -43.63 43.06 -28.71
N LYS A 578 -44.14 42.40 -29.77
CA LYS A 578 -45.33 42.81 -30.52
C LYS A 578 -46.62 42.63 -29.72
N TYR A 579 -46.76 41.47 -28.97
CA TYR A 579 -47.92 41.16 -28.13
C TYR A 579 -48.08 42.15 -26.95
N ARG A 580 -46.93 42.64 -26.43
CA ARG A 580 -46.85 43.57 -25.31
C ARG A 580 -46.95 45.02 -25.83
N LYS A 601 -58.45 44.09 -30.00
CA LYS A 601 -58.90 43.94 -31.38
C LYS A 601 -57.76 43.45 -32.29
N GLN A 602 -56.63 44.18 -32.27
CA GLN A 602 -55.42 43.93 -33.06
C GLN A 602 -54.57 42.74 -32.54
N LEU A 603 -54.78 42.31 -31.27
CA LEU A 603 -54.00 41.27 -30.56
C LEU A 603 -54.38 39.83 -30.85
N ALA A 604 -55.65 39.58 -31.19
CA ALA A 604 -56.16 38.25 -31.52
C ALA A 604 -55.48 37.71 -32.79
N ASP A 605 -54.99 38.63 -33.63
CA ASP A 605 -54.29 38.37 -34.88
C ASP A 605 -52.87 37.80 -34.60
N ARG A 606 -52.12 38.43 -33.65
CA ARG A 606 -50.77 38.02 -33.23
C ARG A 606 -50.88 36.72 -32.44
N GLU A 607 -51.96 36.58 -31.67
CA GLU A 607 -52.28 35.39 -30.89
C GLU A 607 -52.34 34.17 -31.83
N ARG A 608 -53.07 34.28 -32.97
CA ARG A 608 -53.21 33.24 -34.00
C ARG A 608 -51.87 32.82 -34.63
N GLU A 609 -50.98 33.81 -34.85
CA GLU A 609 -49.67 33.61 -35.44
C GLU A 609 -48.73 32.93 -34.46
N LEU A 610 -48.71 33.41 -33.19
CA LEU A 610 -47.84 32.91 -32.11
C LEU A 610 -48.18 31.51 -31.54
N LEU A 611 -49.47 31.25 -31.25
CA LEU A 611 -49.94 30.00 -30.66
C LEU A 611 -49.24 28.68 -31.08
N PRO A 612 -48.99 28.39 -32.38
CA PRO A 612 -48.31 27.13 -32.73
C PRO A 612 -46.90 26.97 -32.17
N ILE A 613 -46.11 28.04 -32.14
CA ILE A 613 -44.75 27.99 -31.62
C ILE A 613 -44.76 28.08 -30.12
N TYR A 614 -45.74 28.79 -29.56
CA TYR A 614 -45.90 28.93 -28.12
C TYR A 614 -46.37 27.61 -27.49
N GLY A 615 -47.14 26.84 -28.26
CA GLY A 615 -47.58 25.50 -27.91
C GLY A 615 -46.38 24.58 -27.81
N GLN A 616 -45.44 24.76 -28.74
CA GLN A 616 -44.15 24.07 -28.78
C GLN A 616 -43.26 24.42 -27.58
N ILE A 617 -43.23 25.72 -27.18
CA ILE A 617 -42.47 26.24 -26.04
C ILE A 617 -42.96 25.55 -24.76
N SER A 618 -44.31 25.51 -24.58
CA SER A 618 -44.94 24.91 -23.41
C SER A 618 -44.65 23.42 -23.33
N LEU A 619 -44.62 22.74 -24.50
CA LEU A 619 -44.33 21.29 -24.64
C LEU A 619 -42.91 21.02 -24.21
N GLN A 620 -42.00 21.93 -24.52
CA GLN A 620 -40.60 21.83 -24.13
C GLN A 620 -40.40 22.11 -22.63
N PHE A 621 -41.11 23.14 -22.12
CA PHE A 621 -41.12 23.51 -20.70
C PHE A 621 -41.53 22.29 -19.84
N ALA A 622 -42.61 21.60 -20.25
CA ALA A 622 -43.09 20.41 -19.58
C ALA A 622 -42.02 19.35 -19.66
N ASP A 623 -41.57 18.99 -20.89
CA ASP A 623 -40.56 17.96 -21.13
C ASP A 623 -39.33 18.07 -20.25
N LEU A 624 -38.99 19.29 -19.85
CA LEU A 624 -37.80 19.52 -19.03
C LEU A 624 -37.92 19.05 -17.59
N HIS A 625 -39.14 18.71 -17.17
CA HIS A 625 -39.39 18.17 -15.83
C HIS A 625 -39.31 16.66 -15.88
N ASP A 626 -39.53 16.04 -17.06
CA ASP A 626 -39.56 14.58 -17.32
C ASP A 626 -38.16 13.90 -17.43
N ARG A 627 -37.10 14.60 -17.08
CA ARG A 627 -35.74 14.09 -17.22
C ARG A 627 -35.26 13.24 -16.05
N SER A 628 -34.31 12.30 -16.33
CA SER A 628 -33.69 11.45 -15.32
C SER A 628 -33.02 12.25 -14.17
N SER A 629 -32.56 13.46 -14.47
CA SER A 629 -31.93 14.36 -13.51
C SER A 629 -32.88 14.79 -12.39
N ARG A 630 -34.20 14.88 -12.69
CA ARG A 630 -35.24 15.24 -11.72
C ARG A 630 -35.58 14.01 -10.92
N MET A 631 -35.50 12.83 -11.57
CA MET A 631 -35.75 11.52 -10.98
C MET A 631 -34.73 11.27 -9.91
N VAL A 632 -33.43 11.47 -10.23
CA VAL A 632 -32.28 11.40 -9.33
C VAL A 632 -32.46 12.39 -8.16
N ALA A 633 -32.70 13.69 -8.48
CA ALA A 633 -32.92 14.77 -7.51
C ALA A 633 -34.06 14.47 -6.55
N LYS A 634 -35.15 13.90 -7.05
CA LYS A 634 -36.31 13.58 -6.25
C LYS A 634 -36.23 12.20 -5.59
N GLY A 635 -35.06 11.54 -5.75
CA GLY A 635 -34.72 10.23 -5.17
C GLY A 635 -35.64 9.10 -5.52
N VAL A 636 -36.14 9.07 -6.77
CA VAL A 636 -37.07 8.01 -7.21
C VAL A 636 -36.38 6.90 -8.05
N ILE A 637 -35.08 7.11 -8.37
CA ILE A 637 -34.22 6.17 -9.11
C ILE A 637 -32.88 6.08 -8.36
N SER A 638 -32.26 4.89 -8.35
CA SER A 638 -30.99 4.66 -7.64
C SER A 638 -29.85 5.43 -8.28
N LYS A 639 -29.86 5.53 -9.62
CA LYS A 639 -28.87 6.19 -10.45
C LYS A 639 -29.45 6.49 -11.84
N GLU A 640 -28.93 7.53 -12.52
CA GLU A 640 -29.24 7.79 -13.93
C GLU A 640 -28.11 7.14 -14.71
N LEU A 641 -28.42 6.39 -15.78
CA LEU A 641 -27.39 5.64 -16.53
C LEU A 641 -27.20 6.01 -18.00
N GLU A 642 -26.09 5.57 -18.59
CA GLU A 642 -25.78 5.71 -20.00
C GLU A 642 -25.82 4.33 -20.58
N TRP A 643 -26.78 4.09 -21.50
CA TRP A 643 -27.02 2.84 -22.20
C TRP A 643 -25.78 2.07 -22.63
N THR A 644 -24.89 2.68 -23.40
CA THR A 644 -23.67 1.97 -23.82
C THR A 644 -22.85 1.46 -22.64
N GLU A 645 -23.06 2.07 -21.46
CA GLU A 645 -22.32 1.67 -20.29
C GLU A 645 -23.09 0.75 -19.31
N ALA A 646 -24.35 0.39 -19.67
CA ALA A 646 -25.27 -0.42 -18.85
C ALA A 646 -24.90 -1.87 -18.61
N ARG A 647 -24.29 -2.53 -19.60
CA ARG A 647 -23.87 -3.93 -19.44
C ARG A 647 -22.85 -4.04 -18.29
N ARG A 648 -21.81 -3.18 -18.32
CA ARG A 648 -20.77 -3.09 -17.32
C ARG A 648 -21.35 -2.71 -15.96
N PHE A 649 -22.27 -1.75 -15.92
CA PHE A 649 -22.88 -1.35 -14.65
C PHE A 649 -23.73 -2.46 -14.04
N PHE A 650 -24.70 -2.99 -14.83
CA PHE A 650 -25.62 -4.03 -14.41
C PHE A 650 -24.98 -5.30 -13.99
N PHE A 651 -23.90 -5.75 -14.71
CA PHE A 651 -23.12 -6.96 -14.42
C PHE A 651 -22.64 -6.90 -12.98
N TRP A 652 -21.77 -5.92 -12.66
CA TRP A 652 -21.29 -5.75 -11.29
C TRP A 652 -22.38 -5.45 -10.28
N ARG A 653 -23.44 -4.71 -10.65
CA ARG A 653 -24.49 -4.41 -9.66
C ARG A 653 -25.22 -5.71 -9.22
N LEU A 654 -25.60 -6.56 -10.17
CA LEU A 654 -26.24 -7.84 -9.94
C LEU A 654 -25.27 -8.80 -9.20
N ARG A 655 -23.97 -8.88 -9.67
CA ARG A 655 -22.93 -9.71 -9.04
C ARG A 655 -22.72 -9.28 -7.60
N ARG A 656 -22.67 -7.97 -7.33
CA ARG A 656 -22.59 -7.48 -5.95
C ARG A 656 -23.81 -7.94 -5.09
N ARG A 657 -25.01 -7.69 -5.65
CA ARG A 657 -26.31 -7.94 -5.06
C ARG A 657 -26.58 -9.43 -4.80
N LEU A 658 -26.07 -10.31 -5.68
CA LEU A 658 -26.20 -11.77 -5.53
C LEU A 658 -25.36 -12.22 -4.33
N ASN A 659 -24.17 -11.62 -4.16
CA ASN A 659 -23.26 -11.89 -3.05
C ASN A 659 -23.84 -11.42 -1.73
N GLU A 660 -24.38 -10.18 -1.69
CA GLU A 660 -25.02 -9.61 -0.50
C GLU A 660 -26.25 -10.40 -0.04
N GLU A 661 -27.16 -10.79 -1.02
CA GLU A 661 -28.36 -11.61 -0.79
C GLU A 661 -27.98 -12.93 -0.11
N TYR A 662 -26.89 -13.58 -0.59
CA TYR A 662 -26.35 -14.82 -0.03
C TYR A 662 -26.01 -14.62 1.43
N LEU A 663 -25.34 -13.51 1.77
CA LEU A 663 -24.95 -13.17 3.13
C LEU A 663 -26.15 -12.85 4.02
N ILE A 664 -27.20 -12.23 3.46
CA ILE A 664 -28.44 -11.91 4.21
C ILE A 664 -29.10 -13.21 4.65
N LYS A 665 -29.11 -14.23 3.76
CA LYS A 665 -29.69 -15.55 3.98
C LYS A 665 -28.95 -16.33 5.05
N ARG A 666 -27.62 -16.32 5.01
CA ARG A 666 -26.79 -16.98 6.03
C ARG A 666 -27.01 -16.30 7.39
N LEU A 667 -27.21 -14.98 7.39
CA LEU A 667 -27.44 -14.25 8.62
C LEU A 667 -28.83 -14.54 9.19
N SER A 668 -29.83 -14.78 8.31
CA SER A 668 -31.20 -15.08 8.70
C SER A 668 -31.29 -16.32 9.61
N HIS A 669 -30.49 -17.36 9.30
CA HIS A 669 -30.40 -18.60 10.08
C HIS A 669 -29.84 -18.33 11.47
N GLN A 670 -28.72 -17.56 11.56
CA GLN A 670 -28.03 -17.19 12.80
C GLN A 670 -28.88 -16.45 13.84
N VAL A 671 -29.09 -15.14 13.65
CA VAL A 671 -29.89 -14.28 14.55
C VAL A 671 -31.33 -14.79 14.76
N GLY A 672 -31.98 -15.24 13.68
CA GLY A 672 -33.36 -15.72 13.73
C GLY A 672 -34.41 -14.63 13.68
N GLU A 673 -34.15 -13.48 14.36
CA GLU A 673 -35.08 -12.34 14.38
C GLU A 673 -34.45 -10.94 14.31
N ALA A 674 -34.61 -10.30 13.13
CA ALA A 674 -34.12 -8.97 12.79
C ALA A 674 -34.57 -8.59 11.37
N SER A 675 -34.74 -7.28 11.11
CA SER A 675 -35.15 -6.74 9.81
C SER A 675 -34.06 -6.89 8.75
N ARG A 676 -34.41 -6.72 7.46
CA ARG A 676 -33.46 -6.79 6.35
C ARG A 676 -32.36 -5.75 6.54
N LEU A 677 -32.76 -4.52 6.91
CA LEU A 677 -31.91 -3.37 7.16
C LEU A 677 -30.89 -3.64 8.25
N GLU A 678 -31.30 -4.35 9.32
CA GLU A 678 -30.46 -4.74 10.45
C GLU A 678 -29.43 -5.78 10.00
N LYS A 679 -29.86 -6.70 9.12
CA LYS A 679 -29.03 -7.78 8.56
C LYS A 679 -27.98 -7.19 7.63
N ILE A 680 -28.41 -6.38 6.66
CA ILE A 680 -27.51 -5.77 5.69
C ILE A 680 -26.48 -4.82 6.30
N ALA A 681 -26.90 -4.05 7.31
CA ALA A 681 -26.08 -3.09 8.04
C ALA A 681 -24.97 -3.83 8.77
N ARG A 682 -25.32 -4.99 9.34
CA ARG A 682 -24.43 -5.90 10.05
C ARG A 682 -23.40 -6.51 9.07
N ILE A 683 -23.87 -7.03 7.90
CA ILE A 683 -23.01 -7.60 6.85
C ILE A 683 -22.03 -6.53 6.36
N ARG A 684 -22.55 -5.31 6.08
CA ARG A 684 -21.74 -4.20 5.60
C ARG A 684 -20.76 -3.66 6.62
N SER A 685 -21.01 -3.92 7.91
CA SER A 685 -20.11 -3.51 9.00
C SER A 685 -18.89 -4.45 9.05
N TRP A 686 -18.98 -5.60 8.39
CA TRP A 686 -17.86 -6.56 8.34
C TRP A 686 -16.83 -6.20 7.27
N TYR A 687 -17.27 -5.40 6.27
CA TYR A 687 -16.43 -4.93 5.16
C TYR A 687 -15.33 -4.06 5.76
N PRO A 688 -14.06 -4.16 5.28
CA PRO A 688 -13.01 -3.28 5.81
C PRO A 688 -13.40 -1.81 5.60
N ALA A 689 -12.83 -0.92 6.43
CA ALA A 689 -13.12 0.51 6.41
C ALA A 689 -12.85 1.14 5.05
N SER A 690 -11.84 0.62 4.35
CA SER A 690 -11.42 1.05 3.04
C SER A 690 -12.37 0.70 1.92
N VAL A 691 -13.21 -0.32 2.12
CA VAL A 691 -14.15 -0.72 1.07
C VAL A 691 -15.27 0.32 0.94
N ASP A 692 -15.50 0.84 -0.29
CA ASP A 692 -16.57 1.77 -0.61
C ASP A 692 -17.79 0.90 -0.78
N HIS A 693 -18.79 1.08 0.11
CA HIS A 693 -20.04 0.33 0.07
C HIS A 693 -20.80 0.56 -1.25
N GLU A 694 -20.57 1.68 -1.90
CA GLU A 694 -21.20 2.05 -3.17
C GLU A 694 -20.50 1.46 -4.41
N ASP A 695 -19.28 0.86 -4.24
CA ASP A 695 -18.54 0.22 -5.35
C ASP A 695 -18.97 -1.23 -5.40
N ASP A 696 -19.73 -1.60 -6.44
CA ASP A 696 -20.25 -2.95 -6.62
C ASP A 696 -19.15 -3.93 -6.92
N ARG A 697 -18.20 -3.54 -7.82
CA ARG A 697 -17.11 -4.40 -8.20
C ARG A 697 -16.19 -4.73 -7.03
N GLN A 698 -15.96 -3.77 -6.15
CA GLN A 698 -15.08 -3.94 -5.00
C GLN A 698 -15.72 -4.81 -3.96
N VAL A 699 -17.02 -4.57 -3.71
CA VAL A 699 -17.82 -5.27 -2.73
C VAL A 699 -17.93 -6.72 -3.12
N ALA A 700 -18.22 -7.03 -4.40
CA ALA A 700 -18.29 -8.43 -4.86
C ALA A 700 -16.89 -9.09 -4.76
N THR A 701 -15.86 -8.39 -5.22
CA THR A 701 -14.48 -8.87 -5.16
C THR A 701 -14.07 -9.24 -3.71
N TRP A 702 -14.46 -8.42 -2.74
CA TRP A 702 -14.12 -8.68 -1.34
C TRP A 702 -14.83 -9.88 -0.77
N ILE A 703 -16.19 -9.97 -1.02
CA ILE A 703 -17.02 -11.05 -0.56
C ILE A 703 -16.47 -12.37 -1.11
N GLU A 704 -16.27 -12.45 -2.45
CA GLU A 704 -15.70 -13.66 -3.08
C GLU A 704 -14.29 -14.04 -2.58
N GLU A 705 -13.49 -13.05 -2.20
CA GLU A 705 -12.16 -13.31 -1.65
C GLU A 705 -12.24 -13.81 -0.20
N ASN A 706 -13.41 -13.62 0.47
CA ASN A 706 -13.61 -13.90 1.90
C ASN A 706 -14.79 -14.78 2.33
N TYR A 707 -15.45 -15.47 1.38
CA TYR A 707 -16.58 -16.37 1.69
C TYR A 707 -16.30 -17.27 2.90
N LYS A 708 -15.13 -17.95 2.93
CA LYS A 708 -14.73 -18.85 4.02
C LYS A 708 -14.41 -18.08 5.29
N THR A 709 -13.86 -16.84 5.18
CA THR A 709 -13.59 -15.99 6.36
C THR A 709 -14.90 -15.45 6.95
N LEU A 710 -15.87 -15.17 6.08
CA LEU A 710 -17.22 -14.72 6.44
C LEU A 710 -17.99 -15.88 7.07
N ASP A 711 -17.72 -17.13 6.59
CA ASP A 711 -18.35 -18.35 7.11
C ASP A 711 -17.95 -18.55 8.58
N ASP A 712 -16.68 -18.27 8.92
CA ASP A 712 -16.13 -18.35 10.29
C ASP A 712 -16.79 -17.31 11.18
N LYS A 713 -17.05 -16.11 10.61
CA LYS A 713 -17.68 -14.99 11.30
C LYS A 713 -19.08 -15.45 11.70
N LEU A 714 -19.89 -15.93 10.72
CA LEU A 714 -21.25 -16.45 10.94
C LEU A 714 -21.27 -17.62 11.95
N LYS A 715 -20.32 -18.57 11.83
CA LYS A 715 -20.22 -19.70 12.76
C LYS A 715 -19.93 -19.25 14.21
N GLY A 716 -19.21 -18.14 14.38
CA GLY A 716 -18.89 -17.57 15.68
C GLY A 716 -20.08 -16.87 16.31
N LEU A 717 -21.01 -16.45 15.47
CA LEU A 717 -22.26 -15.81 15.86
C LEU A 717 -23.21 -16.81 16.53
N LYS A 718 -22.95 -18.15 16.39
CA LYS A 718 -23.69 -19.25 17.02
C LYS A 718 -23.27 -19.31 18.53
N LEU A 719 -23.62 -18.22 19.24
CA LEU A 719 -23.42 -17.93 20.64
C LEU A 719 -24.84 -17.52 21.03
N GLU A 720 -25.81 -18.45 20.77
CA GLU A 720 -27.25 -18.23 20.91
C GLU A 720 -28.06 -18.89 22.02
N SER A 721 -28.82 -18.02 22.74
CA SER A 721 -29.78 -18.28 23.80
C SER A 721 -30.61 -17.00 24.03
N LEU B 8 -15.05 -28.26 0.50
CA LEU B 8 -15.55 -26.92 0.17
C LEU B 8 -16.40 -26.28 1.25
N ARG B 9 -15.91 -25.13 1.77
CA ARG B 9 -16.60 -24.35 2.80
C ARG B 9 -16.49 -22.87 2.46
N PRO B 10 -17.60 -22.12 2.29
CA PRO B 10 -19.01 -22.53 2.39
C PRO B 10 -19.61 -23.08 1.09
N ILE B 11 -20.61 -23.93 1.21
CA ILE B 11 -21.30 -24.44 0.03
C ILE B 11 -22.35 -23.39 -0.43
N ALA B 12 -22.95 -23.57 -1.63
CA ALA B 12 -24.02 -22.71 -2.19
C ALA B 12 -23.71 -21.21 -2.38
N THR B 13 -22.46 -20.83 -2.59
CA THR B 13 -22.15 -19.42 -2.83
C THR B 13 -22.49 -19.01 -4.27
N PRO B 14 -22.83 -17.71 -4.57
CA PRO B 14 -23.15 -17.31 -5.96
C PRO B 14 -22.00 -17.49 -6.98
N TYR B 15 -20.78 -17.17 -6.58
CA TYR B 15 -19.57 -17.28 -7.40
C TYR B 15 -18.52 -18.16 -6.69
N PRO B 16 -17.42 -18.62 -7.37
CA PRO B 16 -16.46 -19.53 -6.71
C PRO B 16 -15.80 -19.06 -5.43
N VAL B 17 -15.59 -20.02 -4.49
CA VAL B 17 -14.93 -19.78 -3.22
C VAL B 17 -13.42 -19.72 -3.49
N LYS B 18 -12.89 -18.50 -3.73
CA LYS B 18 -11.48 -18.26 -4.01
C LYS B 18 -10.56 -18.85 -2.92
N GLU B 19 -10.97 -18.79 -1.64
CA GLU B 19 -10.18 -19.30 -0.51
C GLU B 19 -10.05 -20.82 -0.49
N TRP B 20 -10.87 -21.53 -1.29
CA TRP B 20 -10.90 -22.98 -1.47
C TRP B 20 -10.08 -23.32 -2.73
N LEU B 21 -10.35 -22.60 -3.85
CA LEU B 21 -9.64 -22.72 -5.12
C LEU B 21 -8.14 -22.63 -4.87
N GLN B 22 -7.73 -21.72 -3.99
CA GLN B 22 -6.35 -21.57 -3.56
C GLN B 22 -6.37 -21.44 -2.01
N PRO B 23 -6.11 -22.55 -1.28
CA PRO B 23 -6.17 -22.52 0.19
C PRO B 23 -5.20 -21.58 0.86
N LYS B 24 -4.12 -21.19 0.13
CA LYS B 24 -3.12 -20.26 0.62
C LYS B 24 -3.72 -18.87 0.82
N ARG B 25 -4.86 -18.59 0.14
CA ARG B 25 -5.57 -17.30 0.29
C ARG B 25 -6.12 -17.25 1.70
N TYR B 26 -6.67 -18.38 2.13
CA TYR B 26 -7.26 -18.57 3.44
C TYR B 26 -6.21 -18.51 4.55
N LYS B 27 -5.01 -19.10 4.31
CA LYS B 27 -3.91 -19.03 5.27
C LYS B 27 -3.51 -17.58 5.52
N ALA B 28 -3.40 -16.79 4.44
CA ALA B 28 -3.02 -15.37 4.49
C ALA B 28 -3.99 -14.61 5.38
N HIS B 29 -5.28 -14.76 5.07
CA HIS B 29 -6.38 -14.16 5.77
C HIS B 29 -6.39 -14.54 7.23
N LEU B 30 -6.18 -15.85 7.56
CA LEU B 30 -6.17 -16.31 8.97
C LEU B 30 -5.07 -15.62 9.78
N MET B 31 -4.00 -15.16 9.11
CA MET B 31 -2.86 -14.43 9.69
C MET B 31 -3.05 -12.90 9.66
N GLY B 32 -4.29 -12.46 9.35
CA GLY B 32 -4.67 -11.05 9.29
C GLY B 32 -4.03 -10.19 8.22
N THR B 33 -3.71 -10.79 7.06
CA THR B 33 -3.13 -10.09 5.92
C THR B 33 -3.75 -10.52 4.60
N THR B 34 -3.57 -9.70 3.55
CA THR B 34 -4.05 -9.94 2.20
C THR B 34 -3.14 -10.98 1.55
N TYR B 35 -3.73 -11.92 0.79
CA TYR B 35 -2.97 -12.90 0.02
C TYR B 35 -2.18 -12.09 -1.05
N VAL B 36 -0.89 -12.38 -1.15
CA VAL B 36 0.02 -11.70 -2.06
C VAL B 36 -0.51 -11.50 -3.51
N TYR B 37 -1.11 -12.52 -4.11
CA TYR B 37 -1.61 -12.44 -5.48
C TYR B 37 -2.82 -11.54 -5.63
N ASP B 38 -3.47 -11.21 -4.49
CA ASP B 38 -4.62 -10.33 -4.44
C ASP B 38 -4.20 -8.86 -4.30
N PHE B 39 -2.94 -8.61 -3.94
CA PHE B 39 -2.42 -7.24 -3.82
C PHE B 39 -2.54 -6.41 -5.14
N PRO B 40 -2.16 -6.93 -6.34
CA PRO B 40 -2.38 -6.13 -7.57
C PRO B 40 -3.80 -5.60 -7.70
N GLU B 41 -4.81 -6.39 -7.26
CA GLU B 41 -6.21 -5.96 -7.27
C GLU B 41 -6.45 -4.73 -6.38
N LEU B 42 -5.78 -4.67 -5.20
CA LEU B 42 -5.88 -3.52 -4.30
C LEU B 42 -5.31 -2.32 -4.98
N PHE B 43 -4.25 -2.51 -5.82
CA PHE B 43 -3.63 -1.43 -6.59
C PHE B 43 -4.59 -0.96 -7.69
N ARG B 44 -5.40 -1.88 -8.29
CA ARG B 44 -6.39 -1.52 -9.29
C ARG B 44 -7.51 -0.73 -8.62
N GLN B 45 -8.02 -1.22 -7.46
CA GLN B 45 -9.06 -0.54 -6.68
C GLN B 45 -8.65 0.90 -6.31
N ALA B 46 -7.41 1.09 -5.82
CA ALA B 46 -6.84 2.36 -5.40
C ALA B 46 -6.64 3.32 -6.58
N SER B 47 -6.10 2.81 -7.70
CA SER B 47 -5.88 3.57 -8.93
C SER B 47 -7.20 4.08 -9.50
N SER B 48 -8.27 3.24 -9.44
CA SER B 48 -9.62 3.59 -9.86
C SER B 48 -10.20 4.67 -8.96
N SER B 49 -9.95 4.58 -7.61
CA SER B 49 -10.40 5.59 -6.64
C SER B 49 -9.73 6.92 -6.93
N GLN B 50 -8.43 6.89 -7.26
CA GLN B 50 -7.62 8.05 -7.66
C GLN B 50 -8.37 8.80 -8.79
N TRP B 51 -8.88 8.09 -9.79
CA TRP B 51 -9.63 8.67 -10.89
C TRP B 51 -10.94 9.26 -10.47
N LYS B 52 -11.72 8.54 -9.63
CA LYS B 52 -13.03 9.04 -9.16
C LYS B 52 -12.93 10.31 -8.30
N ASN B 53 -11.87 10.43 -7.50
CA ASN B 53 -11.60 11.60 -6.66
C ASN B 53 -11.10 12.78 -7.50
N PHE B 54 -10.44 12.50 -8.64
CA PHE B 54 -9.91 13.50 -9.57
C PHE B 54 -11.05 14.01 -10.49
N SER B 55 -11.63 13.14 -11.30
CA SER B 55 -12.74 13.50 -12.19
C SER B 55 -13.73 12.38 -12.10
N ALA B 56 -14.82 12.61 -11.34
CA ALA B 56 -15.88 11.63 -11.12
C ALA B 56 -16.50 11.08 -12.41
N ASP B 57 -16.48 11.87 -13.48
CA ASP B 57 -17.06 11.54 -14.77
C ASP B 57 -16.22 10.66 -15.70
N VAL B 58 -14.97 10.35 -15.33
CA VAL B 58 -14.10 9.50 -16.15
C VAL B 58 -14.62 8.09 -16.31
N LYS B 59 -14.74 7.65 -17.56
CA LYS B 59 -15.16 6.30 -17.91
C LYS B 59 -13.88 5.48 -17.99
N LEU B 60 -13.68 4.63 -16.98
CA LEU B 60 -12.47 3.83 -16.87
C LEU B 60 -12.69 2.41 -17.36
N THR B 61 -11.77 1.90 -18.20
CA THR B 61 -11.79 0.52 -18.70
C THR B 61 -10.63 -0.27 -18.05
N ASP B 62 -10.63 -1.60 -18.18
CA ASP B 62 -9.62 -2.45 -17.54
C ASP B 62 -8.17 -2.31 -18.03
N ASP B 63 -7.97 -1.80 -19.26
CA ASP B 63 -6.66 -1.56 -19.90
C ASP B 63 -5.90 -0.36 -19.29
N PHE B 64 -6.55 0.35 -18.34
CA PHE B 64 -5.96 1.46 -17.59
C PHE B 64 -4.92 0.92 -16.60
N PHE B 65 -5.07 -0.35 -16.19
CA PHE B 65 -4.23 -1.02 -15.20
C PHE B 65 -3.83 -2.42 -15.71
N ILE B 66 -2.54 -2.72 -15.69
CA ILE B 66 -1.96 -4.00 -16.09
C ILE B 66 -0.94 -4.41 -15.05
N SER B 67 -1.11 -5.60 -14.50
CA SER B 67 -0.19 -6.18 -13.55
C SER B 67 0.35 -7.47 -14.23
N ASN B 68 1.68 -7.65 -14.25
CA ASN B 68 2.37 -8.78 -14.88
C ASN B 68 3.38 -9.28 -13.90
N GLU B 69 3.20 -10.52 -13.42
CA GLU B 69 4.14 -11.11 -12.47
C GLU B 69 5.50 -11.30 -13.11
N LEU B 70 6.55 -11.01 -12.35
CA LEU B 70 7.94 -11.18 -12.80
C LEU B 70 8.49 -12.40 -12.10
N ILE B 71 9.13 -13.28 -12.83
CA ILE B 71 9.79 -14.47 -12.30
C ILE B 71 11.13 -14.60 -12.99
N GLU B 72 12.07 -15.28 -12.35
CA GLU B 72 13.38 -15.51 -12.94
C GLU B 72 13.29 -16.65 -13.98
N ASP B 73 13.86 -16.43 -15.19
CA ASP B 73 13.93 -17.46 -16.22
C ASP B 73 15.04 -18.45 -15.89
N GLU B 74 15.27 -19.43 -16.78
CA GLU B 74 16.31 -20.49 -16.66
C GLU B 74 17.72 -19.93 -16.32
N ASN B 75 18.04 -18.72 -16.82
CA ASN B 75 19.32 -18.03 -16.63
C ASN B 75 19.28 -16.96 -15.53
N GLY B 76 18.24 -17.00 -14.68
CA GLY B 76 18.05 -16.08 -13.57
C GLY B 76 17.66 -14.67 -14.00
N GLU B 77 17.27 -14.52 -15.26
CA GLU B 77 16.84 -13.24 -15.83
C GLU B 77 15.32 -13.05 -15.63
N LEU B 78 14.91 -11.91 -15.05
CA LEU B 78 13.49 -11.62 -14.81
C LEU B 78 12.69 -11.49 -16.10
N THR B 79 11.55 -12.23 -16.20
CA THR B 79 10.59 -12.14 -17.32
C THR B 79 9.17 -12.12 -16.81
N GLU B 80 8.26 -11.63 -17.64
CA GLU B 80 6.85 -11.54 -17.30
C GLU B 80 6.14 -12.87 -17.53
N VAL B 81 5.19 -13.20 -16.63
CA VAL B 81 4.39 -14.44 -16.70
C VAL B 81 2.94 -14.19 -16.35
N GLU B 82 2.07 -15.07 -16.88
CA GLU B 82 0.66 -15.10 -16.56
C GLU B 82 0.43 -16.53 -16.13
N ARG B 83 0.37 -16.72 -14.81
CA ARG B 83 0.21 -18.04 -14.22
C ARG B 83 -0.78 -17.96 -13.07
N GLU B 84 -1.16 -19.12 -12.55
CA GLU B 84 -2.10 -19.16 -11.45
C GLU B 84 -1.45 -18.74 -10.13
N PRO B 85 -2.22 -18.04 -9.24
CA PRO B 85 -1.66 -17.66 -7.93
C PRO B 85 -1.26 -18.88 -7.12
N GLY B 86 -0.17 -18.78 -6.37
CA GLY B 86 0.28 -19.89 -5.55
C GLY B 86 1.23 -20.89 -6.18
N ALA B 87 1.68 -20.66 -7.43
CA ALA B 87 2.64 -21.53 -8.14
C ALA B 87 4.10 -21.09 -7.89
N ASN B 88 4.28 -20.10 -7.00
CA ASN B 88 5.59 -19.59 -6.64
C ASN B 88 6.38 -20.68 -5.90
N ALA B 89 7.57 -21.00 -6.42
CA ALA B 89 8.49 -21.97 -5.87
C ALA B 89 9.38 -21.31 -4.78
N ILE B 90 9.38 -19.95 -4.70
CA ILE B 90 10.10 -19.16 -3.68
C ILE B 90 9.11 -18.30 -2.86
N GLY B 91 9.52 -17.86 -1.68
CA GLY B 91 8.67 -17.07 -0.79
C GLY B 91 8.62 -15.58 -1.02
N MET B 92 9.10 -15.13 -2.19
CA MET B 92 9.17 -13.72 -2.59
C MET B 92 8.53 -13.62 -3.96
N VAL B 93 7.70 -12.61 -4.16
CA VAL B 93 6.93 -12.47 -5.41
C VAL B 93 6.98 -11.01 -5.87
N ALA B 94 6.95 -10.79 -7.20
CA ALA B 94 7.00 -9.45 -7.78
C ALA B 94 6.13 -9.28 -9.00
N PHE B 95 5.62 -8.06 -9.17
CA PHE B 95 4.74 -7.68 -10.28
C PHE B 95 5.20 -6.40 -10.89
N LYS B 96 5.16 -6.30 -12.23
CA LYS B 96 5.42 -5.05 -12.92
C LYS B 96 4.02 -4.45 -13.21
N ILE B 97 3.74 -3.26 -12.64
CA ILE B 97 2.47 -2.55 -12.80
C ILE B 97 2.56 -1.38 -13.77
N THR B 98 1.65 -1.31 -14.74
CA THR B 98 1.56 -0.24 -15.73
C THR B 98 0.16 0.31 -15.55
N VAL B 99 0.07 1.54 -15.03
CA VAL B 99 -1.21 2.18 -14.71
C VAL B 99 -1.34 3.58 -15.29
N LYS B 100 -2.52 3.89 -15.87
CA LYS B 100 -2.85 5.23 -16.38
C LYS B 100 -3.42 5.99 -15.16
N THR B 101 -2.72 6.99 -14.66
CA THR B 101 -3.15 7.75 -13.47
C THR B 101 -3.51 9.19 -13.91
N PRO B 102 -4.20 10.03 -13.09
CA PRO B 102 -4.47 11.42 -13.52
C PRO B 102 -3.22 12.22 -13.93
N GLU B 103 -2.05 11.97 -13.29
CA GLU B 103 -0.74 12.62 -13.58
C GLU B 103 -0.10 12.01 -14.81
N TYR B 104 -0.25 10.70 -15.02
CA TYR B 104 0.32 9.99 -16.16
C TYR B 104 -0.79 9.26 -16.93
N PRO B 105 -1.65 10.01 -17.65
CA PRO B 105 -2.78 9.38 -18.35
C PRO B 105 -2.42 8.39 -19.46
N ARG B 106 -1.18 8.45 -19.98
CA ARG B 106 -0.72 7.52 -21.01
C ARG B 106 -0.07 6.31 -20.35
N GLY B 107 0.12 6.38 -19.02
CA GLY B 107 0.68 5.30 -18.19
C GLY B 107 1.98 5.59 -17.47
N ARG B 108 2.15 4.94 -16.29
CA ARG B 108 3.35 4.97 -15.43
C ARG B 108 3.67 3.55 -14.95
N GLN B 109 4.95 3.23 -14.76
CA GLN B 109 5.32 1.89 -14.32
C GLN B 109 6.07 1.89 -12.97
N PHE B 110 5.96 0.76 -12.25
CA PHE B 110 6.60 0.48 -10.97
C PHE B 110 6.55 -1.02 -10.67
N VAL B 111 7.51 -1.49 -9.83
CA VAL B 111 7.52 -2.88 -9.38
C VAL B 111 6.98 -3.01 -7.95
N VAL B 112 6.27 -4.09 -7.69
CA VAL B 112 5.77 -4.44 -6.37
C VAL B 112 6.47 -5.76 -5.98
N VAL B 113 7.33 -5.77 -4.93
CA VAL B 113 7.98 -6.97 -4.36
C VAL B 113 7.21 -7.29 -3.09
N ALA B 114 6.96 -8.54 -2.81
CA ALA B 114 6.26 -8.87 -1.60
C ALA B 114 6.68 -10.21 -1.09
N ASN B 115 6.61 -10.41 0.24
CA ASN B 115 6.88 -11.71 0.85
C ASN B 115 5.60 -12.53 0.69
N ASP B 116 5.72 -13.87 0.61
CA ASP B 116 4.49 -14.68 0.60
C ASP B 116 4.42 -15.24 2.01
N ILE B 117 3.57 -14.64 2.88
CA ILE B 117 3.45 -15.06 4.28
C ILE B 117 3.13 -16.52 4.38
N THR B 118 2.49 -17.10 3.33
CA THR B 118 2.12 -18.53 3.30
C THR B 118 3.30 -19.45 2.95
N PHE B 119 4.37 -18.88 2.33
CA PHE B 119 5.52 -19.69 1.95
C PHE B 119 6.56 -19.68 3.04
N LYS B 120 6.69 -20.78 3.79
CA LYS B 120 7.62 -20.95 4.91
C LYS B 120 7.63 -19.71 5.81
N ILE B 121 6.41 -19.31 6.26
CA ILE B 121 6.09 -18.19 7.15
C ILE B 121 6.59 -16.81 6.68
N GLY B 122 6.83 -16.65 5.38
CA GLY B 122 7.35 -15.43 4.80
C GLY B 122 8.81 -15.18 5.16
N SER B 123 9.51 -16.24 5.64
CA SER B 123 10.92 -16.20 6.03
C SER B 123 11.81 -15.90 4.82
N PHE B 124 13.02 -15.38 5.06
CA PHE B 124 13.94 -15.03 4.00
C PHE B 124 15.03 -16.09 3.90
N GLY B 125 14.97 -16.87 2.84
CA GLY B 125 16.02 -17.83 2.54
C GLY B 125 16.90 -17.21 1.46
N PRO B 126 17.99 -17.87 1.06
CA PRO B 126 18.87 -17.26 0.02
C PRO B 126 18.20 -16.93 -1.32
N GLN B 127 17.21 -17.74 -1.73
CA GLN B 127 16.47 -17.59 -2.97
C GLN B 127 15.55 -16.39 -2.99
N GLU B 128 14.93 -16.07 -1.82
CA GLU B 128 14.06 -14.90 -1.67
C GLU B 128 14.92 -13.65 -1.72
N ASP B 129 16.11 -13.72 -1.06
CA ASP B 129 17.11 -12.66 -0.99
C ASP B 129 17.64 -12.37 -2.39
N GLU B 130 18.10 -13.42 -3.11
CA GLU B 130 18.59 -13.27 -4.48
C GLU B 130 17.52 -12.65 -5.39
N PHE B 131 16.26 -13.09 -5.27
CA PHE B 131 15.17 -12.56 -6.08
C PHE B 131 14.84 -11.11 -5.74
N PHE B 132 14.73 -10.78 -4.41
CA PHE B 132 14.44 -9.41 -3.94
C PHE B 132 15.49 -8.48 -4.50
N ASN B 133 16.78 -8.88 -4.42
CA ASN B 133 17.88 -8.12 -4.97
C ASN B 133 17.75 -7.94 -6.50
N LYS B 134 17.44 -9.01 -7.23
CA LYS B 134 17.24 -8.95 -8.68
C LYS B 134 16.10 -7.98 -9.10
N VAL B 135 15.00 -7.93 -8.30
CA VAL B 135 13.86 -7.05 -8.55
C VAL B 135 14.29 -5.60 -8.29
N THR B 136 15.01 -5.36 -7.18
CA THR B 136 15.55 -4.03 -6.83
C THR B 136 16.37 -3.47 -7.97
N GLU B 137 17.31 -4.26 -8.48
CA GLU B 137 18.20 -3.95 -9.61
C GLU B 137 17.45 -3.70 -10.92
N TYR B 138 16.38 -4.49 -11.18
CA TYR B 138 15.46 -4.36 -12.32
C TYR B 138 14.81 -2.96 -12.29
N ALA B 139 14.23 -2.54 -11.11
CA ALA B 139 13.59 -1.22 -10.93
C ALA B 139 14.61 -0.09 -11.03
N ARG B 140 15.78 -0.25 -10.35
CA ARG B 140 16.86 0.74 -10.37
C ARG B 140 17.41 0.98 -11.79
N LYS B 141 17.68 -0.09 -12.57
CA LYS B 141 18.17 0.02 -13.96
C LYS B 141 17.17 0.83 -14.79
N ARG B 142 15.86 0.63 -14.55
CA ARG B 142 14.78 1.27 -15.27
C ARG B 142 14.37 2.65 -14.71
N GLY B 143 14.82 2.93 -13.50
CA GLY B 143 14.51 4.18 -12.82
C GLY B 143 13.11 4.26 -12.25
N ILE B 144 12.38 3.17 -12.32
CA ILE B 144 10.99 3.08 -11.87
C ILE B 144 10.86 2.79 -10.37
N PRO B 145 9.81 3.31 -9.69
CA PRO B 145 9.68 3.08 -8.24
C PRO B 145 9.64 1.61 -7.82
N ARG B 146 10.14 1.32 -6.60
CA ARG B 146 10.08 -0.03 -6.02
C ARG B 146 9.27 -0.04 -4.71
N ILE B 147 8.06 -0.64 -4.77
CA ILE B 147 7.14 -0.80 -3.62
C ILE B 147 7.45 -2.18 -3.03
N TYR B 148 7.72 -2.25 -1.74
CA TYR B 148 7.93 -3.51 -1.03
C TYR B 148 6.75 -3.76 -0.05
N LEU B 149 6.14 -4.93 -0.13
CA LEU B 149 5.06 -5.28 0.81
C LEU B 149 5.66 -6.29 1.78
N ALA B 150 5.86 -5.84 3.00
CA ALA B 150 6.53 -6.62 4.03
C ALA B 150 5.58 -7.38 4.89
N ALA B 151 5.68 -8.71 4.87
CA ALA B 151 4.84 -9.66 5.63
C ALA B 151 5.75 -10.87 5.83
N ASN B 152 6.61 -10.81 6.85
CA ASN B 152 7.62 -11.85 7.04
C ASN B 152 7.92 -12.31 8.47
N SER B 153 8.79 -13.35 8.57
CA SER B 153 9.34 -13.96 9.78
C SER B 153 10.88 -13.72 9.91
N GLY B 154 11.43 -12.83 9.06
CA GLY B 154 12.85 -12.53 9.01
C GLY B 154 13.64 -13.65 8.35
N ALA B 155 14.96 -13.73 8.58
CA ALA B 155 15.81 -14.78 8.01
C ALA B 155 15.29 -16.17 8.40
N ARG B 156 15.38 -17.10 7.45
CA ARG B 156 14.98 -18.49 7.62
C ARG B 156 15.96 -19.17 8.58
N ILE B 157 15.44 -20.04 9.47
CA ILE B 157 16.28 -20.75 10.44
C ILE B 157 16.07 -22.26 10.34
N GLY B 158 17.16 -23.02 10.36
CA GLY B 158 17.09 -24.46 10.23
C GLY B 158 18.21 -25.20 10.91
N MET B 159 18.14 -26.55 10.81
CA MET B 159 19.10 -27.52 11.31
C MET B 159 19.24 -28.64 10.28
N ALA B 160 20.37 -29.36 10.31
CA ALA B 160 20.60 -30.50 9.42
C ALA B 160 19.78 -31.67 9.99
N GLU B 161 18.49 -31.68 9.59
CA GLU B 161 17.47 -32.62 10.03
C GLU B 161 17.76 -34.08 9.69
N GLU B 162 18.74 -34.32 8.81
CA GLU B 162 19.17 -35.66 8.44
C GLU B 162 20.14 -36.24 9.49
N ILE B 163 20.83 -35.37 10.23
CA ILE B 163 21.77 -35.76 11.28
C ILE B 163 21.01 -36.01 12.60
N VAL B 164 19.80 -35.43 12.71
CA VAL B 164 18.90 -35.59 13.84
C VAL B 164 18.67 -37.08 14.19
N PRO B 165 18.24 -37.97 13.24
CA PRO B 165 18.07 -39.39 13.60
C PRO B 165 19.36 -40.23 13.57
N LEU B 166 20.48 -39.68 13.11
CA LEU B 166 21.73 -40.42 12.99
C LEU B 166 22.73 -40.25 14.12
N PHE B 167 22.84 -39.04 14.69
CA PHE B 167 23.82 -38.72 15.74
C PHE B 167 23.77 -39.61 16.96
N GLN B 168 24.92 -39.77 17.61
CA GLN B 168 25.09 -40.60 18.81
C GLN B 168 25.80 -39.77 19.86
N VAL B 169 25.67 -40.15 21.14
CA VAL B 169 26.32 -39.40 22.22
C VAL B 169 27.32 -40.23 23.03
N ALA B 170 28.54 -39.69 23.19
CA ALA B 170 29.60 -40.33 23.97
C ALA B 170 29.47 -39.91 25.43
N TRP B 171 28.66 -40.70 26.20
CA TRP B 171 28.36 -40.53 27.63
C TRP B 171 29.59 -40.74 28.49
N ASN B 172 29.65 -40.03 29.64
CA ASN B 172 30.73 -40.17 30.61
C ASN B 172 30.60 -41.54 31.31
N ASP B 173 29.34 -41.92 31.62
CA ASP B 173 28.90 -43.18 32.22
C ASP B 173 27.56 -43.46 31.53
N ALA B 174 27.49 -44.54 30.73
CA ALA B 174 26.26 -44.87 29.99
C ALA B 174 25.07 -45.20 30.89
N ALA B 175 25.31 -45.81 32.08
CA ALA B 175 24.28 -46.17 33.06
C ALA B 175 23.59 -44.96 33.67
N ASN B 176 24.34 -43.84 33.84
CA ASN B 176 23.85 -42.56 34.39
C ASN B 176 24.01 -41.42 33.37
N PRO B 177 23.00 -41.19 32.50
CA PRO B 177 23.14 -40.14 31.48
C PRO B 177 23.36 -38.74 32.03
N ASP B 178 22.71 -38.36 33.17
CA ASP B 178 22.89 -37.02 33.72
C ASP B 178 24.27 -36.75 34.36
N LYS B 179 25.20 -37.73 34.26
CA LYS B 179 26.58 -37.55 34.72
C LYS B 179 27.39 -36.73 33.67
N GLY B 180 26.82 -36.58 32.46
CA GLY B 180 27.39 -35.81 31.36
C GLY B 180 27.83 -36.61 30.15
N PHE B 181 28.23 -35.88 29.10
CA PHE B 181 28.72 -36.41 27.82
C PHE B 181 29.98 -35.67 27.33
N GLN B 182 30.79 -36.35 26.50
CA GLN B 182 32.08 -35.87 25.97
C GLN B 182 32.00 -35.20 24.57
N TYR B 183 31.24 -35.79 23.64
CA TYR B 183 31.05 -35.33 22.27
C TYR B 183 29.85 -36.03 21.61
N LEU B 184 29.51 -35.60 20.38
CA LEU B 184 28.49 -36.24 19.55
C LEU B 184 29.24 -36.95 18.43
N TYR B 185 28.69 -38.09 17.94
CA TYR B 185 29.35 -38.87 16.88
C TYR B 185 28.39 -39.62 15.97
N LEU B 186 28.95 -40.20 14.91
CA LEU B 186 28.24 -41.04 13.94
C LEU B 186 28.92 -42.40 13.93
N THR B 187 28.13 -43.44 13.64
CA THR B 187 28.65 -44.81 13.51
C THR B 187 28.92 -45.04 12.01
N SER B 188 29.52 -46.19 11.65
CA SER B 188 29.78 -46.54 10.24
C SER B 188 28.42 -46.56 9.51
N GLU B 189 27.36 -47.00 10.23
CA GLU B 189 25.97 -47.10 9.79
C GLU B 189 25.42 -45.72 9.46
N GLY B 190 25.68 -44.74 10.34
CA GLY B 190 25.31 -43.35 10.15
C GLY B 190 26.04 -42.76 8.97
N MET B 191 27.38 -42.98 8.90
CA MET B 191 28.26 -42.52 7.82
C MET B 191 27.79 -43.03 6.46
N GLU B 192 27.40 -44.32 6.40
CA GLU B 192 26.91 -44.97 5.19
C GLU B 192 25.55 -44.43 4.80
N THR B 193 24.65 -44.17 5.80
CA THR B 193 23.31 -43.61 5.56
C THR B 193 23.43 -42.31 4.76
N LEU B 194 24.37 -41.41 5.18
CA LEU B 194 24.66 -40.14 4.51
C LEU B 194 25.25 -40.40 3.11
N LYS B 195 26.24 -41.33 3.01
CA LYS B 195 26.91 -41.72 1.75
C LYS B 195 25.88 -42.19 0.69
N LYS B 196 24.88 -43.01 1.13
CA LYS B 196 23.77 -43.58 0.35
C LYS B 196 22.85 -42.51 -0.25
N PHE B 197 22.58 -41.42 0.49
CA PHE B 197 21.69 -40.34 0.06
C PHE B 197 22.42 -39.13 -0.57
N ASP B 198 23.74 -39.29 -0.82
CA ASP B 198 24.67 -38.29 -1.34
C ASP B 198 24.74 -37.03 -0.46
N LYS B 199 24.64 -37.26 0.86
CA LYS B 199 24.66 -36.25 1.91
C LYS B 199 25.95 -36.42 2.74
N GLU B 200 27.05 -36.84 2.07
CA GLU B 200 28.38 -37.03 2.65
C GLU B 200 28.95 -35.70 3.20
N ASN B 201 28.58 -34.59 2.55
CA ASN B 201 28.97 -33.20 2.86
C ASN B 201 28.17 -32.57 4.02
N SER B 202 27.18 -33.31 4.58
CA SER B 202 26.31 -32.86 5.68
C SER B 202 27.03 -32.66 7.01
N VAL B 203 28.11 -33.40 7.26
CA VAL B 203 28.91 -33.28 8.48
C VAL B 203 30.41 -33.27 8.17
N LEU B 204 31.22 -32.83 9.15
CA LEU B 204 32.68 -32.83 9.15
C LEU B 204 33.06 -33.70 10.33
N THR B 205 33.61 -34.88 10.04
CA THR B 205 33.93 -35.87 11.07
C THR B 205 35.42 -36.12 11.27
N GLU B 206 35.77 -36.80 12.37
CA GLU B 206 37.15 -37.17 12.72
C GLU B 206 37.09 -38.55 13.35
N ARG B 207 37.61 -39.55 12.64
CA ARG B 207 37.61 -40.95 13.07
C ARG B 207 38.56 -41.23 14.24
N THR B 208 38.08 -42.05 15.21
CA THR B 208 38.79 -42.59 16.39
C THR B 208 38.22 -43.97 16.68
N VAL B 209 39.01 -44.81 17.35
CA VAL B 209 38.56 -46.15 17.74
C VAL B 209 38.49 -46.23 19.25
N ILE B 210 37.29 -46.44 19.79
CA ILE B 210 37.12 -46.60 21.23
C ILE B 210 36.58 -47.98 21.58
N ASN B 211 37.45 -48.78 22.25
CA ASN B 211 37.19 -50.15 22.67
C ASN B 211 36.71 -51.06 21.51
N GLY B 212 37.43 -50.99 20.39
CA GLY B 212 37.15 -51.77 19.19
C GLY B 212 36.20 -51.11 18.22
N GLU B 213 35.21 -50.35 18.74
CA GLU B 213 34.17 -49.65 18.00
C GLU B 213 34.73 -48.37 17.39
N GLU B 214 34.46 -48.14 16.08
CA GLU B 214 34.88 -46.89 15.42
C GLU B 214 33.77 -45.83 15.49
N ARG B 215 34.12 -44.67 16.08
CA ARG B 215 33.24 -43.50 16.24
C ARG B 215 33.78 -42.38 15.36
N PHE B 216 32.89 -41.75 14.58
CA PHE B 216 33.19 -40.61 13.71
C PHE B 216 32.67 -39.34 14.40
N VAL B 217 33.58 -38.71 15.16
CA VAL B 217 33.35 -37.53 15.99
C VAL B 217 32.86 -36.36 15.14
N ILE B 218 31.63 -35.87 15.41
CA ILE B 218 31.07 -34.73 14.68
C ILE B 218 31.81 -33.48 15.16
N LYS B 219 32.49 -32.82 14.23
CA LYS B 219 33.29 -31.65 14.51
C LYS B 219 32.56 -30.37 14.07
N THR B 220 31.70 -30.51 13.04
CA THR B 220 30.85 -29.47 12.48
C THR B 220 29.65 -30.13 11.77
N ILE B 221 28.43 -29.58 11.97
CA ILE B 221 27.23 -30.02 11.27
C ILE B 221 26.95 -28.95 10.20
N ILE B 222 27.08 -29.29 8.91
CA ILE B 222 26.86 -28.37 7.78
C ILE B 222 25.41 -28.44 7.27
N GLY B 223 24.95 -29.64 6.90
CA GLY B 223 23.62 -29.85 6.38
C GLY B 223 23.52 -29.84 4.87
N SER B 224 22.52 -30.56 4.33
CA SER B 224 22.29 -30.69 2.89
C SER B 224 21.36 -29.59 2.39
N GLU B 225 20.32 -29.27 3.17
CA GLU B 225 19.34 -28.23 2.84
C GLU B 225 20.01 -26.84 2.97
N ASP B 226 19.86 -26.02 1.92
CA ASP B 226 20.39 -24.66 1.90
C ASP B 226 19.39 -23.75 2.61
N GLY B 227 19.87 -22.77 3.35
CA GLY B 227 19.01 -21.83 4.05
C GLY B 227 18.71 -22.17 5.49
N LEU B 228 19.74 -22.59 6.26
CA LEU B 228 19.62 -22.94 7.69
C LEU B 228 20.16 -21.84 8.64
N GLY B 229 21.21 -21.14 8.22
CA GLY B 229 21.85 -20.16 9.08
C GLY B 229 22.54 -19.03 8.39
N VAL B 230 23.90 -18.99 8.50
CA VAL B 230 24.76 -17.91 8.00
C VAL B 230 24.54 -17.45 6.57
N GLU B 231 24.19 -18.38 5.67
CA GLU B 231 23.84 -18.09 4.27
C GLU B 231 22.61 -17.21 4.18
N CYS B 232 21.71 -17.31 5.18
CA CYS B 232 20.51 -16.48 5.27
C CYS B 232 20.87 -15.10 5.72
N LEU B 233 21.90 -15.01 6.63
CA LEU B 233 22.42 -13.75 7.14
C LEU B 233 23.22 -13.03 6.05
N ARG B 234 23.94 -13.79 5.18
CA ARG B 234 24.64 -13.24 4.01
C ARG B 234 23.63 -12.60 3.06
N GLY B 235 22.59 -13.35 2.71
CA GLY B 235 21.55 -12.88 1.83
C GLY B 235 20.83 -11.67 2.34
N SER B 236 20.63 -11.60 3.67
CA SER B 236 19.95 -10.48 4.35
C SER B 236 20.77 -9.24 4.18
N GLY B 237 22.09 -9.37 4.38
CA GLY B 237 23.07 -8.32 4.20
C GLY B 237 23.06 -7.76 2.80
N LEU B 238 23.02 -8.68 1.78
CA LEU B 238 22.92 -8.30 0.37
C LEU B 238 21.69 -7.43 0.10
N ILE B 239 20.53 -7.86 0.56
CA ILE B 239 19.31 -7.06 0.37
C ILE B 239 19.26 -5.77 1.22
N ALA B 240 19.99 -5.73 2.38
CA ALA B 240 20.07 -4.51 3.18
C ALA B 240 20.88 -3.45 2.44
N GLY B 241 21.99 -3.86 1.80
CA GLY B 241 22.85 -2.98 1.03
C GLY B 241 22.18 -2.52 -0.23
N ALA B 242 21.48 -3.46 -0.90
CA ALA B 242 20.69 -3.24 -2.10
C ALA B 242 19.67 -2.16 -1.89
N THR B 243 18.95 -2.19 -0.73
CA THR B 243 17.87 -1.23 -0.38
C THR B 243 18.45 0.12 -0.02
N SER B 244 19.58 0.12 0.69
CA SER B 244 20.31 1.33 1.07
C SER B 244 20.65 2.14 -0.23
N ARG B 245 21.18 1.44 -1.27
CA ARG B 245 21.53 1.94 -2.58
C ARG B 245 20.26 2.39 -3.39
N ALA B 246 19.19 1.61 -3.32
CA ALA B 246 17.98 1.89 -4.04
C ALA B 246 17.29 3.18 -3.55
N TYR B 247 17.34 3.45 -2.21
CA TYR B 247 16.74 4.69 -1.66
C TYR B 247 17.27 5.98 -2.31
N HIS B 248 18.57 5.98 -2.68
CA HIS B 248 19.27 7.08 -3.33
C HIS B 248 19.12 7.15 -4.86
N ASP B 249 18.39 6.21 -5.42
CA ASP B 249 18.31 6.02 -6.85
C ASP B 249 16.92 6.06 -7.40
N ILE B 250 15.98 5.45 -6.69
CA ILE B 250 14.58 5.35 -7.13
C ILE B 250 13.64 5.61 -5.94
N PHE B 251 12.35 5.79 -6.25
CA PHE B 251 11.38 5.99 -5.20
C PHE B 251 11.19 4.63 -4.52
N THR B 252 11.44 4.58 -3.21
CA THR B 252 11.30 3.36 -2.43
C THR B 252 10.25 3.61 -1.33
N ILE B 253 9.25 2.74 -1.26
CA ILE B 253 8.22 2.76 -0.25
C ILE B 253 7.98 1.33 0.20
N THR B 254 7.55 1.15 1.47
CA THR B 254 7.26 -0.16 2.06
C THR B 254 5.92 -0.10 2.83
N LEU B 255 5.08 -1.14 2.61
CA LEU B 255 3.85 -1.35 3.37
C LEU B 255 4.13 -2.58 4.29
N VAL B 256 3.93 -2.41 5.63
CA VAL B 256 4.06 -3.48 6.65
C VAL B 256 2.67 -4.04 6.81
N THR B 257 2.49 -5.29 6.41
CA THR B 257 1.15 -5.87 6.36
C THR B 257 0.82 -7.00 7.28
N CYS B 258 1.80 -7.70 7.81
CA CYS B 258 1.41 -8.79 8.72
C CYS B 258 2.26 -8.68 9.95
N ARG B 259 3.55 -8.40 9.73
CA ARG B 259 4.61 -8.20 10.68
C ARG B 259 5.80 -8.22 9.80
N SER B 260 6.86 -7.59 10.27
CA SER B 260 8.12 -7.49 9.60
C SER B 260 9.18 -7.69 10.70
N VAL B 261 9.91 -8.81 10.61
CA VAL B 261 10.87 -9.28 11.60
C VAL B 261 12.33 -9.24 11.08
N GLY B 262 13.27 -8.83 11.94
CA GLY B 262 14.71 -8.82 11.68
C GLY B 262 15.12 -8.10 10.41
N ILE B 263 15.59 -8.84 9.38
CA ILE B 263 15.91 -8.21 8.09
C ILE B 263 14.67 -7.47 7.56
N GLY B 264 13.47 -8.04 7.75
CA GLY B 264 12.21 -7.41 7.40
C GLY B 264 12.06 -5.99 7.97
N ALA B 265 12.44 -5.79 9.27
CA ALA B 265 12.43 -4.50 9.97
C ALA B 265 13.45 -3.54 9.37
N TYR B 266 14.67 -4.04 9.07
CA TYR B 266 15.71 -3.21 8.50
C TYR B 266 15.37 -2.75 7.11
N LEU B 267 14.75 -3.62 6.33
CA LEU B 267 14.24 -3.30 5.00
C LEU B 267 13.21 -2.18 5.06
N VAL B 268 12.31 -2.21 6.06
CA VAL B 268 11.31 -1.16 6.26
C VAL B 268 12.00 0.18 6.38
N ARG B 269 12.97 0.26 7.33
CA ARG B 269 13.79 1.45 7.57
C ARG B 269 14.70 1.83 6.40
N LEU B 270 15.49 0.90 5.82
CA LEU B 270 16.40 1.17 4.69
C LEU B 270 15.74 1.80 3.43
N GLY B 271 14.48 1.43 3.16
CA GLY B 271 13.66 1.97 2.08
C GLY B 271 13.06 3.31 2.47
N GLN B 272 13.23 3.68 3.77
CA GLN B 272 12.84 4.92 4.45
C GLN B 272 11.35 5.18 4.54
N ARG B 273 10.70 5.46 3.39
CA ARG B 273 9.25 5.71 3.30
C ARG B 273 8.47 4.43 3.67
N ALA B 274 7.71 4.50 4.76
CA ALA B 274 6.96 3.35 5.28
C ALA B 274 5.56 3.68 5.80
N ILE B 275 4.59 2.81 5.46
CA ILE B 275 3.21 2.90 5.92
C ILE B 275 2.98 1.62 6.73
N GLN B 276 2.57 1.75 8.01
CA GLN B 276 2.38 0.59 8.90
C GLN B 276 0.91 0.33 9.15
N VAL B 277 0.45 -0.90 8.89
CA VAL B 277 -0.95 -1.20 9.14
C VAL B 277 -1.15 -1.40 10.65
N GLU B 278 -2.17 -0.76 11.22
CA GLU B 278 -2.48 -0.82 12.63
C GLU B 278 -2.54 -2.28 13.11
N GLY B 279 -1.74 -2.61 14.11
CA GLY B 279 -1.72 -3.95 14.67
C GLY B 279 -0.72 -4.92 14.06
N GLN B 280 0.09 -4.46 13.07
CA GLN B 280 1.12 -5.28 12.42
C GLN B 280 2.51 -4.82 12.93
N PRO B 281 3.22 -5.63 13.77
CA PRO B 281 4.48 -5.13 14.37
C PRO B 281 5.72 -5.12 13.51
N ILE B 282 6.62 -4.17 13.78
CA ILE B 282 7.93 -4.08 13.15
C ILE B 282 8.90 -4.44 14.28
N ILE B 283 9.40 -5.66 14.30
CA ILE B 283 10.27 -6.12 15.39
C ILE B 283 11.62 -6.70 14.94
N LEU B 284 12.50 -6.86 15.92
CA LEU B 284 13.82 -7.48 15.82
C LEU B 284 13.59 -8.78 16.64
N THR B 285 14.21 -8.94 17.83
CA THR B 285 13.93 -10.09 18.70
C THR B 285 12.53 -9.89 19.31
N GLY B 286 11.66 -10.87 19.14
CA GLY B 286 10.30 -10.82 19.67
C GLY B 286 10.23 -10.84 21.17
N ALA B 287 9.08 -10.41 21.71
CA ALA B 287 8.81 -10.29 23.14
C ALA B 287 9.11 -11.55 23.93
N SER B 288 8.60 -12.69 23.45
CA SER B 288 8.76 -14.00 24.10
C SER B 288 10.24 -14.36 24.25
N ALA B 289 11.03 -14.25 23.15
CA ALA B 289 12.47 -14.51 23.15
C ALA B 289 13.20 -13.60 24.15
N LEU B 290 12.87 -12.28 24.15
CA LEU B 290 13.46 -11.30 25.05
C LEU B 290 13.19 -11.62 26.53
N ASN B 291 11.97 -12.05 26.87
CA ASN B 291 11.62 -12.43 28.23
C ASN B 291 12.50 -13.61 28.66
N LYS B 292 12.74 -14.60 27.77
CA LYS B 292 13.60 -15.77 27.99
C LYS B 292 15.05 -15.37 28.25
N VAL B 293 15.55 -14.35 27.52
CA VAL B 293 16.91 -13.81 27.68
C VAL B 293 17.03 -13.07 29.03
N LEU B 294 16.06 -12.18 29.32
CA LEU B 294 16.00 -11.38 30.53
C LEU B 294 15.72 -12.21 31.80
N GLY B 295 15.19 -13.42 31.61
CA GLY B 295 14.84 -14.35 32.69
C GLY B 295 13.70 -13.89 33.56
N ARG B 296 12.81 -13.05 33.00
CA ARG B 296 11.65 -12.47 33.67
C ARG B 296 10.59 -12.17 32.62
N GLU B 297 9.31 -12.22 33.00
CA GLU B 297 8.21 -11.91 32.07
C GLU B 297 8.01 -10.38 31.90
N VAL B 298 8.97 -9.75 31.21
CA VAL B 298 9.06 -8.31 30.96
C VAL B 298 7.99 -7.81 30.00
N TYR B 299 7.97 -8.35 28.79
CA TYR B 299 7.07 -7.90 27.72
C TYR B 299 5.79 -8.71 27.61
N THR B 300 4.76 -8.10 26.99
CA THR B 300 3.42 -8.68 26.85
C THR B 300 3.14 -9.20 25.44
N SER B 301 3.47 -8.38 24.41
CA SER B 301 3.27 -8.74 23.00
C SER B 301 4.37 -8.14 22.13
N ASN B 302 4.39 -8.52 20.84
CA ASN B 302 5.32 -7.95 19.87
C ASN B 302 4.92 -6.53 19.54
N LEU B 303 3.63 -6.20 19.68
CA LEU B 303 3.09 -4.85 19.42
C LEU B 303 3.61 -3.81 20.40
N GLN B 304 3.94 -4.28 21.61
CA GLN B 304 4.52 -3.46 22.65
C GLN B 304 5.90 -3.01 22.18
N LEU B 305 6.66 -3.89 21.48
CA LEU B 305 8.00 -3.61 20.92
C LEU B 305 7.98 -2.84 19.58
N GLY B 306 7.13 -3.27 18.65
CA GLY B 306 7.08 -2.68 17.32
C GLY B 306 5.75 -2.29 16.70
N GLY B 307 4.72 -2.04 17.52
CA GLY B 307 3.44 -1.58 17.03
C GLY B 307 3.49 -0.13 16.58
N THR B 308 2.36 0.42 16.08
CA THR B 308 2.31 1.81 15.60
C THR B 308 2.59 2.83 16.72
N GLN B 309 2.23 2.51 17.98
CA GLN B 309 2.49 3.39 19.12
C GLN B 309 3.98 3.53 19.40
N ILE B 310 4.81 2.72 18.70
CA ILE B 310 6.27 2.77 18.74
C ILE B 310 6.75 3.42 17.43
N MET B 311 6.55 2.73 16.29
CA MET B 311 7.08 3.10 14.99
C MET B 311 6.56 4.37 14.33
N TYR B 312 5.27 4.67 14.52
CA TYR B 312 4.65 5.89 14.00
C TYR B 312 5.09 7.06 14.85
N ASN B 313 5.18 6.87 16.17
CA ASN B 313 5.65 7.88 17.13
C ASN B 313 7.18 8.16 17.01
N ASN B 314 7.94 7.15 16.56
CA ASN B 314 9.40 7.09 16.30
C ASN B 314 9.74 7.90 15.08
N GLY B 315 8.87 7.84 14.07
CA GLY B 315 9.11 8.39 12.75
C GLY B 315 9.70 7.34 11.82
N VAL B 316 9.69 6.05 12.26
CA VAL B 316 10.15 4.91 11.43
C VAL B 316 9.03 4.69 10.41
N SER B 317 7.75 4.77 10.90
CA SER B 317 6.52 4.66 10.12
C SER B 317 6.07 6.08 9.81
N HIS B 318 6.05 6.41 8.51
CA HIS B 318 5.68 7.72 8.01
C HIS B 318 4.22 7.99 8.16
N LEU B 319 3.41 6.93 8.06
CA LEU B 319 1.96 6.97 8.12
C LEU B 319 1.48 5.63 8.64
N THR B 320 0.28 5.60 9.20
CA THR B 320 -0.41 4.37 9.58
C THR B 320 -1.55 4.17 8.58
N ALA B 321 -2.07 2.94 8.52
CA ALA B 321 -3.15 2.54 7.65
C ALA B 321 -4.06 1.64 8.46
N VAL B 322 -5.33 1.85 8.26
CA VAL B 322 -6.40 1.17 8.96
C VAL B 322 -6.54 -0.30 8.54
N ASP B 323 -6.21 -0.60 7.27
CA ASP B 323 -6.21 -1.94 6.66
C ASP B 323 -5.32 -1.89 5.41
N ASP B 324 -5.03 -3.04 4.79
CA ASP B 324 -4.14 -3.05 3.62
C ASP B 324 -4.59 -2.13 2.48
N LEU B 325 -5.89 -2.11 2.13
CA LEU B 325 -6.37 -1.24 1.05
C LEU B 325 -6.07 0.21 1.36
N ALA B 326 -6.25 0.63 2.63
CA ALA B 326 -5.89 1.97 3.13
C ALA B 326 -4.38 2.22 2.93
N GLY B 327 -3.55 1.20 3.21
CA GLY B 327 -2.09 1.23 2.99
C GLY B 327 -1.73 1.36 1.52
N VAL B 328 -2.43 0.64 0.64
CA VAL B 328 -2.24 0.71 -0.82
C VAL B 328 -2.67 2.07 -1.38
N GLU B 329 -3.80 2.59 -0.86
CA GLU B 329 -4.32 3.88 -1.25
C GLU B 329 -3.33 5.00 -0.91
N LYS B 330 -2.69 4.91 0.26
CA LYS B 330 -1.67 5.88 0.66
C LYS B 330 -0.41 5.80 -0.20
N ILE B 331 0.06 4.61 -0.62
CA ILE B 331 1.20 4.45 -1.55
C ILE B 331 0.85 5.16 -2.88
N VAL B 332 -0.32 4.80 -3.43
CA VAL B 332 -0.86 5.33 -4.67
C VAL B 332 -0.88 6.88 -4.64
N GLU B 333 -1.42 7.46 -3.54
CA GLU B 333 -1.54 8.89 -3.27
C GLU B 333 -0.16 9.54 -3.16
N TRP B 334 0.75 8.91 -2.42
CA TRP B 334 2.13 9.39 -2.26
C TRP B 334 2.82 9.48 -3.64
N MET B 335 2.69 8.44 -4.46
CA MET B 335 3.27 8.33 -5.79
C MET B 335 2.77 9.39 -6.79
N SER B 336 1.56 9.96 -6.56
CA SER B 336 0.95 10.96 -7.43
C SER B 336 1.78 12.27 -7.48
N TYR B 337 2.76 12.39 -6.56
CA TYR B 337 3.62 13.55 -6.47
C TYR B 337 4.98 13.28 -7.06
N VAL B 338 5.28 12.03 -7.39
CA VAL B 338 6.58 11.54 -7.80
C VAL B 338 6.71 11.33 -9.31
N PRO B 339 7.84 11.70 -9.94
CA PRO B 339 8.02 11.43 -11.39
C PRO B 339 7.79 9.94 -11.74
N ALA B 340 7.35 9.66 -12.98
CA ALA B 340 7.09 8.29 -13.43
C ALA B 340 8.35 7.42 -13.32
N LYS B 341 9.50 8.02 -13.59
CA LYS B 341 10.80 7.38 -13.48
C LYS B 341 11.88 8.38 -13.16
N ARG B 342 13.02 7.89 -12.68
CA ARG B 342 14.17 8.71 -12.28
C ARG B 342 14.54 9.69 -13.41
N ASN B 343 14.73 10.96 -13.06
CA ASN B 343 15.13 12.07 -13.94
C ASN B 343 14.08 12.59 -14.90
N MET B 344 12.87 12.08 -14.80
CA MET B 344 11.76 12.60 -15.58
C MET B 344 11.20 13.82 -14.83
N PRO B 345 10.64 14.85 -15.51
CA PRO B 345 10.11 16.00 -14.77
C PRO B 345 9.01 15.62 -13.78
N VAL B 346 8.90 16.40 -12.68
CA VAL B 346 7.88 16.22 -11.62
C VAL B 346 6.46 16.25 -12.23
N PRO B 347 5.53 15.39 -11.81
CA PRO B 347 4.22 15.34 -12.48
C PRO B 347 3.25 16.49 -12.17
N ILE B 348 3.02 17.38 -13.14
CA ILE B 348 2.04 18.48 -12.96
C ILE B 348 0.59 17.93 -12.97
N LEU B 349 -0.22 18.35 -11.99
CA LEU B 349 -1.63 17.94 -11.86
C LEU B 349 -2.51 19.14 -11.46
N GLU B 350 -2.90 19.92 -12.47
CA GLU B 350 -3.73 21.10 -12.26
C GLU B 350 -5.14 20.64 -11.94
N THR B 351 -5.73 21.24 -10.87
CA THR B 351 -7.08 20.96 -10.35
C THR B 351 -7.98 22.21 -10.45
N LYS B 352 -9.14 22.23 -9.77
CA LYS B 352 -10.08 23.36 -9.77
C LYS B 352 -9.43 24.65 -9.24
N ASP B 353 -8.39 24.51 -8.42
CA ASP B 353 -7.66 25.60 -7.77
C ASP B 353 -6.50 26.17 -8.59
N THR B 354 -6.80 27.12 -9.49
CA THR B 354 -5.80 27.80 -10.33
C THR B 354 -4.83 28.67 -9.50
N TRP B 355 -3.63 28.89 -10.06
CA TRP B 355 -2.58 29.72 -9.48
C TRP B 355 -3.00 31.18 -9.26
N ASP B 356 -3.84 31.74 -10.17
CA ASP B 356 -4.30 33.14 -10.23
C ASP B 356 -5.32 33.46 -9.16
N ARG B 357 -4.90 33.36 -7.91
CA ARG B 357 -5.75 33.53 -6.74
C ARG B 357 -5.00 34.21 -5.60
N PRO B 358 -5.65 35.10 -4.83
CA PRO B 358 -5.00 35.61 -3.61
C PRO B 358 -5.02 34.53 -2.48
N VAL B 359 -4.06 34.59 -1.53
CA VAL B 359 -4.06 33.66 -0.38
C VAL B 359 -4.97 34.27 0.70
N ASP B 360 -6.09 33.59 1.03
CA ASP B 360 -7.10 34.08 1.99
C ASP B 360 -6.68 33.91 3.43
N PHE B 361 -6.32 32.67 3.85
CA PHE B 361 -5.92 32.50 5.24
C PHE B 361 -4.63 33.22 5.52
N THR B 362 -4.72 34.22 6.42
CA THR B 362 -3.59 35.02 6.86
C THR B 362 -3.44 34.90 8.40
N PRO B 363 -2.26 34.49 8.93
CA PRO B 363 -2.11 34.44 10.39
C PRO B 363 -2.09 35.85 11.03
N THR B 364 -2.48 35.95 12.30
CA THR B 364 -2.41 37.22 13.04
C THR B 364 -1.54 36.96 14.27
N ASN B 365 -0.97 38.04 14.87
CA ASN B 365 -0.06 37.87 16.01
C ASN B 365 -0.82 37.51 17.29
N ASP B 366 -1.99 38.10 17.45
CA ASP B 366 -2.89 37.93 18.59
C ASP B 366 -3.68 36.60 18.61
N GLU B 367 -3.74 35.90 17.45
CA GLU B 367 -4.49 34.65 17.32
C GLU B 367 -3.63 33.45 16.98
N THR B 368 -3.88 32.35 17.72
CA THR B 368 -3.25 31.04 17.51
C THR B 368 -3.79 30.46 16.21
N TYR B 369 -2.90 29.80 15.44
CA TYR B 369 -3.28 29.17 14.19
C TYR B 369 -2.60 27.84 14.06
N ASP B 370 -3.14 27.02 13.17
CA ASP B 370 -2.60 25.74 12.76
C ASP B 370 -1.90 26.08 11.44
N VAL B 371 -0.60 25.81 11.36
CA VAL B 371 0.21 26.10 10.16
C VAL B 371 -0.37 25.41 8.91
N ARG B 372 -1.04 24.26 9.09
CA ARG B 372 -1.70 23.53 8.00
C ARG B 372 -2.72 24.44 7.27
N TRP B 373 -3.32 25.42 7.98
CA TRP B 373 -4.27 26.40 7.41
C TRP B 373 -3.57 27.30 6.40
N MET B 374 -2.30 27.63 6.65
CA MET B 374 -1.52 28.48 5.74
C MET B 374 -1.13 27.68 4.52
N ILE B 375 -0.93 26.37 4.73
CA ILE B 375 -0.54 25.43 3.69
C ILE B 375 -1.71 25.11 2.77
N GLU B 376 -2.79 24.57 3.33
CA GLU B 376 -3.94 24.09 2.56
C GLU B 376 -5.23 24.89 2.71
N GLY B 377 -5.23 25.87 3.60
CA GLY B 377 -6.41 26.67 3.86
C GLY B 377 -7.28 26.04 4.92
N ARG B 378 -8.44 26.67 5.21
CA ARG B 378 -9.37 26.18 6.23
C ARG B 378 -10.84 26.49 6.01
N GLU B 379 -11.70 25.56 6.45
CA GLU B 379 -13.14 25.74 6.37
C GLU B 379 -13.56 26.63 7.53
N THR B 380 -14.44 27.60 7.24
CA THR B 380 -15.04 28.50 8.23
C THR B 380 -16.54 28.49 7.97
N GLU B 381 -17.32 29.16 8.83
CA GLU B 381 -18.77 29.25 8.68
C GLU B 381 -19.11 30.13 7.49
N SER B 382 -18.30 31.18 7.24
CA SER B 382 -18.45 32.11 6.10
C SER B 382 -17.99 31.49 4.74
N GLY B 383 -17.22 30.40 4.81
CA GLY B 383 -16.74 29.68 3.62
C GLY B 383 -15.30 29.22 3.72
N PHE B 384 -14.78 28.64 2.63
CA PHE B 384 -13.40 28.14 2.62
C PHE B 384 -12.40 29.27 2.38
N GLU B 385 -11.38 29.37 3.27
CA GLU B 385 -10.29 30.33 3.16
C GLU B 385 -9.15 29.57 2.50
N TYR B 386 -8.81 29.95 1.26
CA TYR B 386 -7.73 29.31 0.52
C TYR B 386 -6.35 29.63 1.11
N GLY B 387 -5.46 28.68 1.01
CA GLY B 387 -4.11 28.81 1.53
C GLY B 387 -3.12 29.03 0.40
N LEU B 388 -1.85 28.77 0.73
CA LEU B 388 -0.77 28.96 -0.22
C LEU B 388 -0.83 27.93 -1.33
N PHE B 389 -1.12 26.68 -0.97
CA PHE B 389 -1.14 25.55 -1.88
C PHE B 389 -2.54 25.17 -2.37
N ASP B 390 -2.63 24.39 -3.44
CA ASP B 390 -3.89 23.99 -4.04
C ASP B 390 -4.74 23.23 -3.04
N LYS B 391 -6.06 23.55 -2.99
CA LYS B 391 -7.09 22.98 -2.10
C LYS B 391 -7.11 21.46 -2.21
N GLY B 392 -6.96 20.83 -1.05
CA GLY B 392 -6.93 19.37 -0.90
C GLY B 392 -5.67 18.67 -1.38
N SER B 393 -4.58 19.40 -1.63
CA SER B 393 -3.33 18.80 -2.11
C SER B 393 -2.31 18.48 -1.00
N PHE B 394 -2.59 18.89 0.23
CA PHE B 394 -1.67 18.60 1.31
C PHE B 394 -1.74 17.17 1.84
N PHE B 395 -0.68 16.41 1.51
CA PHE B 395 -0.49 15.02 1.90
C PHE B 395 0.65 15.02 2.95
N GLU B 396 0.28 15.04 4.25
CA GLU B 396 1.19 15.06 5.39
C GLU B 396 1.80 13.70 5.64
N THR B 397 3.11 13.68 5.93
CA THR B 397 3.89 12.46 6.24
C THR B 397 4.68 12.69 7.53
N LEU B 398 5.10 11.60 8.22
CA LEU B 398 5.78 11.59 9.53
C LEU B 398 4.91 12.29 10.55
N SER B 399 3.60 12.21 10.34
CA SER B 399 2.62 12.94 11.17
C SER B 399 2.53 12.52 12.64
N GLY B 400 3.05 11.33 12.98
CA GLY B 400 3.01 10.80 14.34
C GLY B 400 4.21 11.15 15.19
N TRP B 401 5.28 11.65 14.56
CA TRP B 401 6.55 11.97 15.18
C TRP B 401 6.88 13.45 15.10
N ALA B 402 7.60 13.95 16.15
CA ALA B 402 8.11 15.30 16.26
C ALA B 402 7.17 16.32 15.62
N LYS B 403 5.93 16.38 16.16
CA LYS B 403 4.83 17.20 15.66
C LYS B 403 5.07 18.73 15.58
N GLY B 404 6.25 19.20 16.07
CA GLY B 404 6.68 20.58 16.03
C GLY B 404 6.97 21.07 14.61
N VAL B 405 7.37 20.15 13.72
CA VAL B 405 7.58 20.41 12.30
C VAL B 405 6.47 19.71 11.57
N VAL B 406 5.96 20.36 10.52
CA VAL B 406 4.88 19.78 9.71
C VAL B 406 5.46 19.49 8.35
N VAL B 407 5.54 18.20 7.96
CA VAL B 407 6.08 17.82 6.66
C VAL B 407 5.06 17.09 5.81
N GLY B 408 5.04 17.41 4.52
CA GLY B 408 4.15 16.77 3.57
C GLY B 408 4.44 17.15 2.13
N ARG B 409 3.64 16.61 1.21
CA ARG B 409 3.69 16.94 -0.22
C ARG B 409 2.48 17.86 -0.48
N ALA B 410 2.58 18.70 -1.51
CA ALA B 410 1.50 19.59 -1.94
C ALA B 410 1.64 19.92 -3.42
N ARG B 411 0.71 20.76 -3.90
CA ARG B 411 0.69 21.25 -5.26
C ARG B 411 0.48 22.78 -5.24
N LEU B 412 1.22 23.45 -6.14
CA LEU B 412 1.19 24.89 -6.38
C LEU B 412 0.79 25.04 -7.84
N GLY B 413 -0.51 25.21 -8.08
CA GLY B 413 -1.07 25.28 -9.44
C GLY B 413 -0.79 24.03 -10.25
N GLY B 414 -0.70 22.89 -9.52
CA GLY B 414 -0.44 21.59 -10.06
C GLY B 414 0.97 21.07 -9.93
N ILE B 415 1.96 21.99 -9.70
CA ILE B 415 3.37 21.62 -9.55
C ILE B 415 3.59 20.89 -8.22
N PRO B 416 3.99 19.58 -8.23
CA PRO B 416 4.19 18.89 -6.94
C PRO B 416 5.49 19.37 -6.23
N LEU B 417 5.48 19.42 -4.88
CA LEU B 417 6.66 19.81 -4.11
C LEU B 417 6.56 19.32 -2.68
N GLY B 418 7.70 19.32 -2.01
CA GLY B 418 7.81 19.01 -0.60
C GLY B 418 7.61 20.29 0.18
N VAL B 419 6.85 20.22 1.26
CA VAL B 419 6.56 21.38 2.10
C VAL B 419 7.01 21.08 3.56
N ILE B 420 7.71 22.03 4.20
CA ILE B 420 8.08 22.00 5.63
C ILE B 420 7.55 23.29 6.26
N GLY B 421 6.67 23.14 7.25
CA GLY B 421 6.09 24.21 8.04
C GLY B 421 6.39 24.04 9.52
N VAL B 422 6.19 25.10 10.32
CA VAL B 422 6.46 25.11 11.75
C VAL B 422 5.17 25.14 12.58
N GLU B 423 5.03 24.16 13.49
CA GLU B 423 3.90 24.11 14.42
C GLU B 423 4.19 25.14 15.52
N THR B 424 3.33 26.18 15.58
CA THR B 424 3.45 27.29 16.53
C THR B 424 2.98 26.94 17.91
N ARG B 425 2.09 25.95 18.00
CA ARG B 425 1.53 25.48 19.27
C ARG B 425 2.52 24.57 20.01
N THR B 426 2.47 24.58 21.34
CA THR B 426 3.31 23.71 22.18
C THR B 426 2.94 22.27 21.85
N VAL B 427 3.94 21.44 21.63
CA VAL B 427 3.75 20.02 21.31
C VAL B 427 4.07 19.16 22.55
N GLU B 428 3.19 18.21 22.86
CA GLU B 428 3.34 17.24 23.94
C GLU B 428 3.58 15.85 23.38
N ASN B 429 4.53 15.12 23.96
CA ASN B 429 4.87 13.77 23.53
C ASN B 429 5.04 12.90 24.75
N LEU B 430 4.48 11.69 24.69
CA LEU B 430 4.51 10.74 25.81
C LEU B 430 5.57 9.65 25.62
N ILE B 431 6.60 9.70 26.47
CA ILE B 431 7.69 8.75 26.54
C ILE B 431 7.16 7.65 27.47
N PRO B 432 6.94 6.44 26.91
CA PRO B 432 6.41 5.34 27.74
C PRO B 432 7.39 4.85 28.79
N ALA B 433 6.87 4.15 29.81
CA ALA B 433 7.69 3.58 30.88
C ALA B 433 8.36 2.32 30.34
N ASP B 434 9.66 2.15 30.63
CA ASP B 434 10.43 0.98 30.22
C ASP B 434 9.97 -0.23 31.05
N PRO B 435 9.40 -1.30 30.42
CA PRO B 435 8.92 -2.47 31.17
C PRO B 435 10.02 -3.24 31.92
N ALA B 436 11.26 -3.14 31.43
CA ALA B 436 12.48 -3.78 31.94
C ALA B 436 13.08 -3.05 33.14
N ASN B 437 12.54 -1.87 33.45
CA ASN B 437 12.97 -1.11 34.62
C ASN B 437 11.77 -0.88 35.56
N PRO B 438 11.80 -1.53 36.76
CA PRO B 438 10.69 -1.36 37.72
C PRO B 438 10.61 0.05 38.31
N ASN B 439 11.74 0.77 38.32
CA ASN B 439 11.83 2.15 38.82
C ASN B 439 11.82 3.12 37.62
N SER B 440 10.89 2.85 36.67
CA SER B 440 10.68 3.66 35.47
C SER B 440 9.20 4.00 35.35
N ALA B 441 8.93 5.28 35.06
CA ALA B 441 7.59 5.82 34.89
C ALA B 441 7.53 6.57 33.55
N GLU B 442 6.32 6.67 32.98
CA GLU B 442 6.12 7.38 31.74
C GLU B 442 6.37 8.87 31.98
N THR B 443 6.95 9.56 31.00
CA THR B 443 7.27 10.97 31.10
C THR B 443 6.59 11.78 29.98
N LEU B 444 5.97 12.91 30.34
CA LEU B 444 5.35 13.77 29.35
C LEU B 444 6.30 14.92 29.07
N ILE B 445 6.68 15.07 27.80
CA ILE B 445 7.59 16.13 27.41
C ILE B 445 6.86 17.21 26.65
N GLN B 446 7.03 18.45 27.11
CA GLN B 446 6.48 19.60 26.45
C GLN B 446 7.59 20.30 25.69
N GLN B 447 7.29 20.68 24.46
CA GLN B 447 8.26 21.38 23.63
C GLN B 447 7.64 22.66 23.08
N ALA B 448 8.28 23.80 23.38
CA ALA B 448 7.89 25.14 22.94
C ALA B 448 7.77 25.16 21.42
N GLY B 449 6.82 25.95 20.93
CA GLY B 449 6.60 26.14 19.51
C GLY B 449 7.69 27.02 18.92
N GLN B 450 7.94 26.88 17.60
CA GLN B 450 8.95 27.64 16.86
C GLN B 450 10.39 27.49 17.38
N VAL B 451 10.66 26.39 18.14
CA VAL B 451 11.99 26.03 18.67
C VAL B 451 12.38 24.62 18.17
N TRP B 452 13.58 24.48 17.54
CA TRP B 452 14.08 23.20 17.07
C TRP B 452 14.61 22.40 18.24
N PHE B 453 14.16 21.15 18.34
CA PHE B 453 14.59 20.20 19.37
C PHE B 453 15.28 19.04 18.63
N PRO B 454 16.02 18.14 19.34
CA PRO B 454 16.65 17.01 18.64
C PRO B 454 15.74 16.27 17.65
N ASN B 455 14.52 15.93 18.08
CA ASN B 455 13.53 15.21 17.27
C ASN B 455 13.04 15.98 16.07
N SER B 456 12.71 17.30 16.26
CA SER B 456 12.22 18.15 15.19
C SER B 456 13.30 18.46 14.15
N ALA B 457 14.55 18.61 14.57
CA ALA B 457 15.68 18.85 13.69
C ALA B 457 15.92 17.58 12.85
N PHE B 458 15.88 16.41 13.48
CA PHE B 458 16.02 15.11 12.85
C PHE B 458 14.94 14.94 11.77
N LYS B 459 13.66 15.25 12.11
CA LYS B 459 12.53 15.16 11.20
C LYS B 459 12.74 16.07 9.98
N THR B 460 13.32 17.27 10.20
CA THR B 460 13.56 18.28 9.17
C THR B 460 14.54 17.73 8.15
N ALA B 461 15.70 17.21 8.62
CA ALA B 461 16.74 16.63 7.78
C ALA B 461 16.17 15.46 7.01
N GLN B 462 15.41 14.61 7.70
CA GLN B 462 14.80 13.43 7.14
C GLN B 462 13.89 13.78 5.99
N ALA B 463 12.99 14.75 6.20
CA ALA B 463 12.05 15.24 5.21
C ALA B 463 12.74 15.75 3.96
N ILE B 464 13.80 16.56 4.14
CA ILE B 464 14.63 17.12 3.07
C ILE B 464 15.22 16.00 2.24
N ASN B 465 15.76 14.98 2.92
CA ASN B 465 16.38 13.85 2.23
C ASN B 465 15.40 13.03 1.46
N ASP B 466 14.22 12.80 2.08
CA ASP B 466 13.14 12.01 1.51
C ASP B 466 12.50 12.70 0.33
N PHE B 467 12.55 14.02 0.29
CA PHE B 467 12.06 14.78 -0.86
C PHE B 467 13.06 14.68 -2.00
N ASN B 468 14.32 14.66 -1.67
CA ASN B 468 15.41 14.69 -2.66
C ASN B 468 15.64 13.37 -3.38
N ASN B 469 15.92 12.31 -2.59
CA ASN B 469 16.17 10.98 -3.04
C ASN B 469 14.86 10.38 -3.50
N GLY B 470 14.90 9.77 -4.67
CA GLY B 470 13.73 9.09 -5.22
C GLY B 470 12.60 9.99 -5.64
N GLU B 471 12.03 10.78 -4.70
CA GLU B 471 10.95 11.75 -4.97
C GLU B 471 11.40 12.81 -5.99
N GLN B 472 12.68 13.30 -5.85
CA GLN B 472 13.28 14.28 -6.76
C GLN B 472 12.41 15.48 -6.97
N LEU B 473 11.83 15.95 -5.84
CA LEU B 473 10.90 17.08 -5.76
C LEU B 473 11.56 18.40 -5.37
N PRO B 474 10.99 19.56 -5.81
CA PRO B 474 11.47 20.83 -5.29
C PRO B 474 10.93 20.94 -3.86
N MET B 475 11.38 21.96 -3.15
CA MET B 475 10.94 22.09 -1.78
C MET B 475 10.66 23.51 -1.42
N MET B 476 9.75 23.70 -0.46
CA MET B 476 9.50 24.96 0.21
C MET B 476 9.55 24.75 1.73
N ILE B 477 10.43 25.52 2.41
CA ILE B 477 10.47 25.54 3.87
C ILE B 477 9.89 26.90 4.28
N LEU B 478 8.71 26.87 4.92
CA LEU B 478 7.99 28.02 5.49
C LEU B 478 8.67 28.28 6.84
N ALA B 479 9.96 28.72 6.79
CA ALA B 479 10.90 28.93 7.89
C ALA B 479 10.41 29.86 8.96
N ASN B 480 10.23 29.33 10.17
CA ASN B 480 9.70 30.11 11.28
C ASN B 480 10.17 29.55 12.62
N TRP B 481 11.47 29.63 12.86
CA TRP B 481 12.05 29.12 14.09
C TRP B 481 12.78 30.22 14.83
N ARG B 482 12.64 30.27 16.17
CA ARG B 482 13.32 31.21 17.06
C ARG B 482 14.78 30.78 17.25
N GLY B 483 15.03 29.47 17.13
CA GLY B 483 16.35 28.87 17.27
C GLY B 483 16.30 27.41 17.65
N PHE B 484 17.41 26.89 18.13
CA PHE B 484 17.52 25.52 18.62
C PHE B 484 17.40 25.60 20.11
N SER B 485 16.94 24.53 20.76
CA SER B 485 16.90 24.43 22.21
C SER B 485 18.33 24.21 22.73
N GLY B 486 18.88 25.23 23.37
CA GLY B 486 20.24 25.21 23.89
C GLY B 486 20.34 24.78 25.35
N GLY B 487 19.23 24.29 25.91
CA GLY B 487 19.20 23.83 27.29
C GLY B 487 20.05 22.60 27.53
N GLN B 488 20.26 22.26 28.82
CA GLN B 488 21.09 21.14 29.20
C GLN B 488 20.62 19.80 28.66
N ARG B 489 19.32 19.46 28.85
CA ARG B 489 18.71 18.20 28.37
C ARG B 489 18.87 18.05 26.88
N ASP B 490 18.46 19.07 26.11
CA ASP B 490 18.53 19.07 24.64
C ASP B 490 19.93 19.07 24.06
N MET B 491 20.89 19.69 24.77
CA MET B 491 22.30 19.70 24.38
C MET B 491 22.92 18.32 24.61
N PHE B 492 22.60 17.72 25.78
CA PHE B 492 23.03 16.37 26.12
C PHE B 492 22.43 15.39 25.12
N ASN B 493 21.15 15.59 24.72
CA ASN B 493 20.49 14.76 23.72
C ASN B 493 20.91 15.06 22.26
N GLU B 494 22.09 15.64 22.09
CA GLU B 494 22.79 15.86 20.83
C GLU B 494 22.08 16.73 19.77
N VAL B 495 21.41 17.81 20.19
CA VAL B 495 20.73 18.71 19.25
C VAL B 495 21.64 19.19 18.10
N LEU B 496 22.94 19.43 18.39
CA LEU B 496 23.94 19.90 17.43
C LEU B 496 24.16 18.95 16.29
N LYS B 497 24.00 17.64 16.56
CA LYS B 497 24.16 16.56 15.59
C LYS B 497 23.02 16.61 14.59
N TYR B 498 21.77 16.73 15.08
CA TYR B 498 20.57 16.75 14.25
C TYR B 498 20.41 18.02 13.45
N GLY B 499 20.84 19.14 14.05
CA GLY B 499 20.86 20.45 13.41
C GLY B 499 21.82 20.42 12.25
N SER B 500 22.96 19.72 12.44
CA SER B 500 24.00 19.54 11.41
C SER B 500 23.53 18.70 10.23
N PHE B 501 22.69 17.69 10.48
CA PHE B 501 22.09 16.84 9.45
C PHE B 501 21.22 17.68 8.49
N ILE B 502 20.58 18.79 8.98
CA ILE B 502 19.79 19.71 8.15
C ILE B 502 20.74 20.29 7.08
N VAL B 503 21.88 20.85 7.50
CA VAL B 503 22.89 21.43 6.60
C VAL B 503 23.26 20.41 5.49
N ASP B 504 23.63 19.18 5.89
CA ASP B 504 24.02 18.05 5.00
C ASP B 504 22.95 17.72 3.99
N ALA B 505 21.69 17.69 4.42
CA ALA B 505 20.54 17.39 3.58
C ALA B 505 20.32 18.43 2.46
N LEU B 506 20.55 19.72 2.79
CA LEU B 506 20.46 20.88 1.90
C LEU B 506 21.66 20.88 0.92
N VAL B 507 22.88 20.53 1.40
CA VAL B 507 24.08 20.45 0.55
C VAL B 507 23.84 19.44 -0.60
N ASP B 508 23.22 18.31 -0.28
CA ASP B 508 22.92 17.20 -1.19
C ASP B 508 21.69 17.45 -2.13
N TYR B 509 20.90 18.50 -1.86
CA TYR B 509 19.69 18.78 -2.60
C TYR B 509 19.90 19.09 -4.09
N LYS B 510 19.16 18.40 -4.99
CA LYS B 510 19.36 18.55 -6.44
C LYS B 510 18.26 19.21 -7.23
N GLN B 511 17.19 19.71 -6.54
CA GLN B 511 16.02 20.39 -7.16
C GLN B 511 15.77 21.78 -6.53
N PRO B 512 15.06 22.71 -7.21
CA PRO B 512 14.83 24.04 -6.62
C PRO B 512 14.40 24.02 -5.16
N ILE B 513 14.97 24.93 -4.33
CA ILE B 513 14.56 25.10 -2.94
C ILE B 513 14.09 26.54 -2.80
N ILE B 514 13.04 26.75 -1.99
CA ILE B 514 12.48 28.05 -1.64
C ILE B 514 12.37 28.11 -0.12
N ILE B 515 13.08 29.06 0.52
CA ILE B 515 12.97 29.31 1.96
C ILE B 515 12.15 30.60 2.03
N TYR B 516 11.03 30.57 2.75
CA TYR B 516 10.15 31.72 2.86
C TYR B 516 9.73 31.95 4.32
N ILE B 517 10.19 33.06 4.94
CA ILE B 517 9.80 33.42 6.31
C ILE B 517 8.41 34.03 6.15
N PRO B 518 7.37 33.32 6.62
CA PRO B 518 5.99 33.78 6.36
C PRO B 518 5.53 35.02 7.16
N PRO B 519 4.31 35.58 6.94
CA PRO B 519 3.82 36.67 7.80
C PRO B 519 3.72 36.17 9.26
N THR B 520 4.00 37.04 10.24
CA THR B 520 4.05 36.75 11.70
C THR B 520 5.24 35.85 12.05
N GLY B 521 5.97 35.40 11.02
CA GLY B 521 7.11 34.50 11.10
C GLY B 521 8.40 35.15 11.54
N GLU B 522 9.35 34.32 12.01
CA GLU B 522 10.67 34.78 12.44
C GLU B 522 11.76 33.75 12.21
N LEU B 523 12.99 34.21 12.05
CA LEU B 523 14.12 33.30 11.84
C LEU B 523 15.33 33.96 12.53
N ARG B 524 15.79 33.34 13.62
CA ARG B 524 16.87 33.92 14.43
C ARG B 524 18.04 32.96 14.57
N GLY B 525 19.19 33.52 14.98
CA GLY B 525 20.43 32.82 15.26
C GLY B 525 20.69 31.55 14.46
N GLY B 526 20.92 30.46 15.18
CA GLY B 526 21.19 29.14 14.61
C GLY B 526 20.14 28.60 13.66
N SER B 527 18.88 29.06 13.81
CA SER B 527 17.80 28.64 12.92
C SER B 527 18.05 29.16 11.52
N TRP B 528 18.54 30.41 11.39
CA TRP B 528 18.86 30.97 10.09
C TRP B 528 20.04 30.21 9.51
N VAL B 529 21.14 30.13 10.26
CA VAL B 529 22.42 29.50 9.89
C VAL B 529 22.23 28.25 9.03
N VAL B 530 21.48 27.30 9.57
CA VAL B 530 21.18 25.96 9.12
C VAL B 530 20.25 25.86 7.88
N VAL B 531 19.60 26.96 7.49
CA VAL B 531 18.66 26.97 6.37
C VAL B 531 19.02 28.08 5.30
N ASP B 532 20.19 28.75 5.45
CA ASP B 532 20.63 29.83 4.57
C ASP B 532 20.93 29.37 3.13
N PRO B 533 20.49 30.16 2.09
CA PRO B 533 20.77 29.75 0.69
C PRO B 533 22.23 29.58 0.25
N THR B 534 23.24 29.99 1.05
CA THR B 534 24.66 29.84 0.68
C THR B 534 25.18 28.42 0.91
N ILE B 535 24.42 27.62 1.69
CA ILE B 535 24.66 26.19 1.93
C ILE B 535 24.58 25.49 0.57
N ASN B 536 23.71 25.98 -0.33
CA ASN B 536 23.57 25.42 -1.67
C ASN B 536 23.07 26.52 -2.61
N ALA B 537 23.98 27.37 -3.07
CA ALA B 537 23.66 28.47 -3.99
C ALA B 537 23.02 28.04 -5.32
N ASP B 538 23.34 26.84 -5.81
CA ASP B 538 22.84 26.26 -7.05
C ASP B 538 21.34 26.06 -7.02
N GLN B 539 20.78 25.62 -5.86
CA GLN B 539 19.35 25.33 -5.70
C GLN B 539 18.56 26.28 -4.82
N MET B 540 19.22 26.80 -3.77
CA MET B 540 18.56 27.60 -2.76
C MET B 540 18.30 29.05 -3.09
N GLU B 541 17.22 29.56 -2.49
CA GLU B 541 16.70 30.91 -2.66
C GLU B 541 15.92 31.30 -1.40
N MET B 542 16.14 32.49 -0.88
CA MET B 542 15.40 32.94 0.31
C MET B 542 14.48 34.16 0.07
N TYR B 543 13.34 34.13 0.72
CA TYR B 543 12.32 35.17 0.67
C TYR B 543 11.81 35.45 2.06
N ALA B 544 11.40 36.66 2.32
CA ALA B 544 10.83 37.01 3.61
C ALA B 544 9.61 37.88 3.38
N ASP B 545 8.56 37.61 4.15
CA ASP B 545 7.32 38.39 4.06
C ASP B 545 7.58 39.74 4.66
N VAL B 546 6.76 40.72 4.28
CA VAL B 546 6.84 42.08 4.80
C VAL B 546 6.52 42.12 6.31
N ASN B 547 5.83 41.07 6.82
CA ASN B 547 5.45 40.91 8.22
C ASN B 547 6.28 39.89 9.00
N ALA B 548 7.38 39.45 8.36
CA ALA B 548 8.36 38.56 8.94
C ALA B 548 9.41 39.39 9.71
N ARG B 549 10.18 38.70 10.56
CA ARG B 549 11.27 39.31 11.32
C ARG B 549 12.45 38.36 11.28
N ALA B 550 13.67 38.89 11.38
CA ALA B 550 14.90 38.09 11.40
C ALA B 550 16.07 38.91 11.87
N GLY B 551 16.88 38.32 12.73
CA GLY B 551 18.09 38.90 13.31
C GLY B 551 18.84 37.84 14.10
N VAL B 552 20.08 38.17 14.55
CA VAL B 552 20.89 37.20 15.34
C VAL B 552 20.10 36.80 16.60
N LEU B 553 19.61 37.82 17.33
CA LEU B 553 18.79 37.72 18.53
C LEU B 553 17.40 38.32 18.25
N GLU B 554 16.51 38.24 19.22
CA GLU B 554 15.18 38.84 19.16
C GLU B 554 15.32 40.22 19.81
N PRO B 555 14.36 41.19 19.59
CA PRO B 555 14.49 42.51 20.22
C PRO B 555 14.89 42.54 21.71
N GLU B 556 14.42 41.55 22.50
CA GLU B 556 14.77 41.46 23.93
C GLU B 556 16.26 41.20 24.19
N GLY B 557 16.86 40.38 23.35
CA GLY B 557 18.28 40.05 23.40
C GLY B 557 19.17 41.17 22.87
N THR B 558 18.77 41.76 21.72
CA THR B 558 19.46 42.88 21.05
C THR B 558 19.64 44.01 22.05
N VAL B 559 18.56 44.34 22.78
CA VAL B 559 18.51 45.36 23.81
C VAL B 559 19.46 44.99 24.94
N GLU B 560 19.29 43.77 25.51
CA GLU B 560 20.10 43.24 26.61
C GLU B 560 21.61 43.40 26.34
N ILE B 561 22.04 43.14 25.09
CA ILE B 561 23.43 43.20 24.69
C ILE B 561 23.90 44.56 24.21
N LYS B 562 23.12 45.23 23.34
CA LYS B 562 23.50 46.50 22.69
C LYS B 562 22.86 47.81 23.15
N PHE B 563 21.71 47.77 23.85
CA PHE B 563 21.01 48.98 24.33
C PHE B 563 20.85 48.91 25.86
N ARG B 564 22.02 48.87 26.56
CA ARG B 564 22.17 48.74 28.01
C ARG B 564 21.84 50.02 28.80
N ARG B 565 22.11 50.03 30.15
CA ARG B 565 21.80 51.12 31.10
C ARG B 565 22.14 52.55 30.66
N GLU B 566 23.42 52.80 30.30
CA GLU B 566 23.94 54.09 29.88
C GLU B 566 23.25 54.58 28.61
N LYS B 567 23.11 53.70 27.59
CA LYS B 567 22.45 54.03 26.32
C LYS B 567 21.01 54.46 26.58
N LEU B 568 20.33 53.78 27.52
CA LEU B 568 18.96 54.08 27.93
C LEU B 568 18.89 55.39 28.69
N LEU B 569 19.86 55.67 29.60
CA LEU B 569 19.89 56.93 30.37
C LEU B 569 20.17 58.14 29.50
N ASP B 570 21.06 57.99 28.49
CA ASP B 570 21.42 59.03 27.52
C ASP B 570 20.22 59.39 26.67
N THR B 571 19.36 58.40 26.36
CA THR B 571 18.14 58.61 25.59
C THR B 571 17.17 59.45 26.41
N MET B 572 17.05 59.13 27.72
CA MET B 572 16.22 59.87 28.66
C MET B 572 16.75 61.30 28.77
N ASN B 573 18.09 61.45 28.82
CA ASN B 573 18.82 62.72 28.92
C ASN B 573 18.62 63.60 27.68
N ARG B 574 18.27 62.98 26.55
CA ARG B 574 18.07 63.64 25.26
C ARG B 574 16.59 63.95 24.97
N LEU B 575 15.69 62.95 25.20
CA LEU B 575 14.26 62.98 24.88
C LEU B 575 13.29 63.39 26.02
N ASP B 576 13.78 63.47 27.27
CA ASP B 576 12.92 63.85 28.40
C ASP B 576 13.30 65.18 29.07
N ASP B 577 12.41 66.19 28.91
CA ASP B 577 12.56 67.55 29.42
C ASP B 577 12.79 67.60 30.94
N LYS B 578 12.15 66.69 31.70
CA LYS B 578 12.34 66.58 33.15
C LYS B 578 13.72 65.98 33.52
N TYR B 579 14.22 64.96 32.74
CA TYR B 579 15.54 64.33 32.94
C TYR B 579 16.75 65.31 32.69
N ARG B 580 16.46 66.62 32.53
CA ARG B 580 17.47 67.68 32.33
C ARG B 580 17.28 68.83 33.32
N LYS B 601 19.91 62.78 43.39
CA LYS B 601 18.82 62.18 44.16
C LYS B 601 17.53 62.12 43.32
N GLN B 602 17.10 63.29 42.80
CA GLN B 602 15.89 63.48 42.01
C GLN B 602 15.94 62.86 40.59
N LEU B 603 17.14 62.39 40.15
CA LEU B 603 17.38 61.74 38.85
C LEU B 603 16.73 60.38 38.87
N ALA B 604 16.83 59.67 40.02
CA ALA B 604 16.23 58.36 40.26
C ALA B 604 14.70 58.44 40.31
N ASP B 605 14.12 59.64 40.61
CA ASP B 605 12.66 59.85 40.64
C ASP B 605 12.08 59.69 39.22
N ARG B 606 12.70 60.34 38.20
CA ARG B 606 12.30 60.28 36.80
C ARG B 606 12.76 58.98 36.11
N GLU B 607 13.94 58.46 36.50
CA GLU B 607 14.52 57.22 35.96
C GLU B 607 13.55 56.04 36.15
N ARG B 608 13.01 55.88 37.39
CA ARG B 608 12.02 54.85 37.78
C ARG B 608 10.73 54.93 36.95
N GLU B 609 10.26 56.16 36.68
CA GLU B 609 9.05 56.43 35.90
C GLU B 609 9.27 56.10 34.42
N LEU B 610 10.40 56.56 33.85
CA LEU B 610 10.75 56.38 32.43
C LEU B 610 11.09 54.96 32.01
N LEU B 611 11.75 54.17 32.88
CA LEU B 611 12.19 52.78 32.64
C LEU B 611 11.21 51.83 31.89
N PRO B 612 9.90 51.73 32.24
CA PRO B 612 9.01 50.83 31.49
C PRO B 612 8.65 51.29 30.06
N ILE B 613 8.74 52.59 29.75
CA ILE B 613 8.42 53.11 28.42
C ILE B 613 9.66 53.24 27.56
N TYR B 614 10.81 53.61 28.18
CA TYR B 614 12.07 53.71 27.47
C TYR B 614 12.60 52.30 27.20
N GLY B 615 12.08 51.32 27.93
CA GLY B 615 12.33 49.90 27.73
C GLY B 615 11.64 49.48 26.45
N GLN B 616 10.41 50.02 26.22
CA GLN B 616 9.60 49.77 25.03
C GLN B 616 10.19 50.44 23.77
N ILE B 617 10.79 51.62 23.93
CA ILE B 617 11.44 52.40 22.87
C ILE B 617 12.60 51.61 22.23
N SER B 618 13.50 51.08 23.07
CA SER B 618 14.70 50.32 22.73
C SER B 618 14.32 49.01 22.07
N LEU B 619 13.15 48.46 22.45
CA LEU B 619 12.57 47.23 21.90
C LEU B 619 12.07 47.55 20.48
N GLN B 620 11.50 48.76 20.28
CA GLN B 620 11.03 49.19 18.97
C GLN B 620 12.22 49.54 18.06
N PHE B 621 13.23 50.23 18.63
CA PHE B 621 14.49 50.58 17.96
C PHE B 621 15.16 49.31 17.41
N ALA B 622 15.28 48.26 18.26
CA ALA B 622 15.86 46.97 17.89
C ALA B 622 15.03 46.29 16.81
N ASP B 623 13.67 46.23 16.97
CA ASP B 623 12.75 45.61 16.01
C ASP B 623 12.82 46.22 14.60
N LEU B 624 13.20 47.49 14.51
CA LEU B 624 13.28 48.18 13.22
C LEU B 624 14.41 47.73 12.33
N HIS B 625 15.37 46.97 12.88
CA HIS B 625 16.49 46.41 12.13
C HIS B 625 16.10 45.04 11.61
N ASP B 626 15.15 44.34 12.28
CA ASP B 626 14.66 42.98 11.98
C ASP B 626 13.67 42.86 10.77
N ARG B 627 13.52 43.93 9.99
CA ARG B 627 12.56 43.97 8.88
C ARG B 627 13.09 43.40 7.58
N SER B 628 12.17 42.88 6.73
CA SER B 628 12.50 42.36 5.40
C SER B 628 13.22 43.38 4.50
N SER B 629 12.96 44.67 4.72
CA SER B 629 13.58 45.80 3.99
C SER B 629 15.09 45.88 4.19
N ARG B 630 15.57 45.45 5.38
CA ARG B 630 17.00 45.43 5.70
C ARG B 630 17.60 44.17 5.10
N MET B 631 16.80 43.09 5.05
CA MET B 631 17.18 41.80 4.49
C MET B 631 17.46 41.98 3.00
N VAL B 632 16.51 42.65 2.28
CA VAL B 632 16.59 43.03 0.87
C VAL B 632 17.84 43.91 0.65
N ALA B 633 17.99 45.00 1.44
CA ALA B 633 19.11 45.95 1.39
C ALA B 633 20.46 45.28 1.61
N LYS B 634 20.52 44.33 2.53
CA LYS B 634 21.74 43.60 2.83
C LYS B 634 21.96 42.39 1.92
N GLY B 635 21.06 42.21 0.94
CA GLY B 635 21.09 41.16 -0.08
C GLY B 635 21.10 39.73 0.44
N VAL B 636 20.35 39.47 1.53
CA VAL B 636 20.29 38.14 2.15
C VAL B 636 19.02 37.35 1.75
N ILE B 637 18.08 38.03 1.05
CA ILE B 637 16.82 37.46 0.53
C ILE B 637 16.67 37.91 -0.94
N SER B 638 16.10 37.05 -1.79
CA SER B 638 15.94 37.33 -3.23
C SER B 638 14.95 38.46 -3.47
N LYS B 639 13.89 38.51 -2.64
CA LYS B 639 12.82 39.49 -2.70
C LYS B 639 12.04 39.50 -1.37
N GLU B 640 11.41 40.63 -1.04
CA GLU B 640 10.49 40.71 0.10
C GLU B 640 9.11 40.54 -0.50
N LEU B 641 8.26 39.69 0.11
CA LEU B 641 6.95 39.37 -0.47
C LEU B 641 5.73 39.76 0.37
N GLU B 642 4.56 39.77 -0.28
CA GLU B 642 3.27 39.98 0.35
C GLU B 642 2.55 38.65 0.29
N TRP B 643 2.28 38.06 1.47
CA TRP B 643 1.60 36.79 1.65
C TRP B 643 0.42 36.56 0.72
N THR B 644 -0.47 37.56 0.58
CA THR B 644 -1.66 37.44 -0.27
C THR B 644 -1.32 37.15 -1.73
N GLU B 645 -0.15 37.62 -2.15
CA GLU B 645 0.40 37.48 -3.52
C GLU B 645 1.43 36.38 -3.69
N ALA B 646 1.75 35.63 -2.61
CA ALA B 646 2.77 34.58 -2.61
C ALA B 646 2.48 33.36 -3.51
N ARG B 647 1.20 32.92 -3.60
CA ARG B 647 0.82 31.79 -4.45
C ARG B 647 1.18 32.15 -5.90
N ARG B 648 0.78 33.36 -6.38
CA ARG B 648 1.04 33.84 -7.74
C ARG B 648 2.53 33.95 -8.00
N PHE B 649 3.31 34.48 -7.00
CA PHE B 649 4.76 34.63 -7.11
C PHE B 649 5.44 33.32 -7.19
N PHE B 650 5.24 32.42 -6.20
CA PHE B 650 5.91 31.11 -6.20
C PHE B 650 5.45 30.18 -7.29
N PHE B 651 4.19 30.30 -7.75
CA PHE B 651 3.77 29.44 -8.85
C PHE B 651 4.66 29.70 -10.06
N TRP B 652 4.77 30.99 -10.48
CA TRP B 652 5.59 31.29 -11.65
C TRP B 652 7.04 31.04 -11.44
N ARG B 653 7.55 31.39 -10.22
CA ARG B 653 8.95 31.21 -9.82
C ARG B 653 9.33 29.76 -9.86
N LEU B 654 8.45 28.85 -9.37
CA LEU B 654 8.76 27.41 -9.41
C LEU B 654 8.80 26.90 -10.83
N ARG B 655 7.72 27.17 -11.60
CA ARG B 655 7.56 26.79 -13.00
C ARG B 655 8.76 27.28 -13.81
N ARG B 656 9.28 28.45 -13.47
CA ARG B 656 10.47 28.99 -14.11
C ARG B 656 11.72 28.16 -13.71
N ARG B 657 11.94 28.01 -12.37
CA ARG B 657 13.09 27.34 -11.77
C ARG B 657 13.22 25.94 -12.27
N LEU B 658 12.07 25.24 -12.36
CA LEU B 658 11.96 23.85 -12.85
C LEU B 658 12.30 23.73 -14.34
N ASN B 659 11.69 24.57 -15.18
CA ASN B 659 11.96 24.62 -16.59
C ASN B 659 13.42 24.76 -16.92
N GLU B 660 14.09 25.73 -16.26
CA GLU B 660 15.51 26.04 -16.45
C GLU B 660 16.41 24.91 -15.96
N GLU B 661 16.05 24.26 -14.83
CA GLU B 661 16.76 23.08 -14.30
C GLU B 661 16.72 21.94 -15.30
N TYR B 662 15.55 21.71 -15.95
CA TYR B 662 15.38 20.70 -17.00
C TYR B 662 16.34 20.98 -18.15
N LEU B 663 16.50 22.25 -18.57
CA LEU B 663 17.40 22.65 -19.62
C LEU B 663 18.88 22.48 -19.21
N ILE B 664 19.22 22.70 -17.91
CA ILE B 664 20.60 22.52 -17.39
C ILE B 664 20.99 21.04 -17.54
N LYS B 665 20.02 20.13 -17.23
CA LYS B 665 20.19 18.68 -17.28
C LYS B 665 20.38 18.19 -18.71
N ARG B 666 19.58 18.69 -19.67
CA ARG B 666 19.74 18.35 -21.08
C ARG B 666 21.09 18.85 -21.59
N LEU B 667 21.55 20.01 -21.10
CA LEU B 667 22.84 20.56 -21.51
C LEU B 667 23.99 19.73 -20.94
N SER B 668 23.83 19.18 -19.72
CA SER B 668 24.84 18.38 -19.04
C SER B 668 25.26 17.15 -19.87
N HIS B 669 24.29 16.49 -20.55
CA HIS B 669 24.51 15.34 -21.41
C HIS B 669 25.29 15.73 -22.66
N GLN B 670 24.75 16.69 -23.42
CA GLN B 670 25.25 17.20 -24.70
C GLN B 670 26.62 17.90 -24.69
N VAL B 671 27.26 18.06 -23.51
CA VAL B 671 28.57 18.70 -23.41
C VAL B 671 29.61 17.89 -22.60
N GLY B 672 29.16 17.31 -21.48
CA GLY B 672 29.90 16.43 -20.59
C GLY B 672 30.57 17.09 -19.39
N GLU B 673 31.02 18.33 -19.55
CA GLU B 673 31.66 19.10 -18.49
C GLU B 673 30.95 20.44 -18.31
N ALA B 674 31.71 21.50 -17.95
CA ALA B 674 31.31 22.89 -17.73
C ALA B 674 30.54 23.13 -16.44
N SER B 675 30.78 24.29 -15.79
CA SER B 675 30.13 24.68 -14.54
C SER B 675 28.64 24.98 -14.74
N ARG B 676 27.86 25.05 -13.62
CA ARG B 676 26.43 25.38 -13.62
C ARG B 676 26.23 26.74 -14.31
N LEU B 677 27.07 27.73 -13.94
CA LEU B 677 27.08 29.10 -14.44
C LEU B 677 27.27 29.17 -15.94
N GLU B 678 28.16 28.30 -16.48
CA GLU B 678 28.46 28.20 -17.90
C GLU B 678 27.27 27.62 -18.66
N LYS B 679 26.58 26.64 -18.04
CA LYS B 679 25.40 25.97 -18.58
C LYS B 679 24.21 26.94 -18.61
N ILE B 680 23.95 27.60 -17.46
CA ILE B 680 22.84 28.54 -17.34
C ILE B 680 22.99 29.78 -18.20
N ALA B 681 24.23 30.27 -18.39
CA ALA B 681 24.51 31.42 -19.28
C ALA B 681 24.17 31.01 -20.70
N ARG B 682 24.58 29.80 -21.11
CA ARG B 682 24.34 29.25 -22.45
C ARG B 682 22.85 29.14 -22.73
N ILE B 683 22.07 28.62 -21.76
CA ILE B 683 20.63 28.46 -21.88
C ILE B 683 19.95 29.82 -22.00
N ARG B 684 20.32 30.77 -21.12
CA ARG B 684 19.77 32.12 -21.11
C ARG B 684 20.14 32.96 -22.34
N SER B 685 21.24 32.58 -23.02
CA SER B 685 21.68 33.26 -24.23
C SER B 685 20.79 32.85 -25.41
N TRP B 686 20.03 31.76 -25.27
CA TRP B 686 19.12 31.30 -26.32
C TRP B 686 17.80 32.06 -26.32
N TYR B 687 17.47 32.69 -25.17
CA TYR B 687 16.25 33.45 -24.98
C TYR B 687 16.28 34.68 -25.90
N PRO B 688 15.16 35.03 -26.58
CA PRO B 688 15.16 36.23 -27.42
C PRO B 688 15.39 37.50 -26.59
N ALA B 689 15.76 38.59 -27.29
CA ALA B 689 16.01 39.92 -26.71
C ALA B 689 14.77 40.48 -25.97
N SER B 690 13.57 40.11 -26.45
CA SER B 690 12.26 40.46 -25.91
C SER B 690 11.96 39.82 -24.54
N VAL B 691 12.62 38.71 -24.24
CA VAL B 691 12.43 38.01 -22.98
C VAL B 691 13.23 38.66 -21.84
N ASP B 692 12.53 39.03 -20.76
CA ASP B 692 13.15 39.60 -19.55
C ASP B 692 13.61 38.41 -18.76
N HIS B 693 14.92 38.24 -18.58
CA HIS B 693 15.47 37.11 -17.81
C HIS B 693 14.95 37.10 -16.36
N GLU B 694 14.59 38.28 -15.84
CA GLU B 694 14.09 38.47 -14.48
C GLU B 694 12.61 38.18 -14.31
N ASP B 695 11.85 38.11 -15.42
CA ASP B 695 10.44 37.77 -15.34
C ASP B 695 10.24 36.24 -15.43
N ASP B 696 9.92 35.62 -14.28
CA ASP B 696 9.67 34.20 -14.14
C ASP B 696 8.66 33.68 -15.15
N ARG B 697 7.48 34.33 -15.20
CA ARG B 697 6.39 33.95 -16.09
C ARG B 697 6.77 34.05 -17.54
N GLN B 698 7.50 35.09 -17.96
CA GLN B 698 7.91 35.20 -19.35
C GLN B 698 8.89 34.10 -19.71
N VAL B 699 9.96 33.92 -18.89
CA VAL B 699 10.99 32.88 -19.03
C VAL B 699 10.29 31.54 -19.14
N ALA B 700 9.49 31.17 -18.12
CA ALA B 700 8.74 29.92 -18.10
C ALA B 700 7.81 29.74 -19.31
N THR B 701 7.09 30.78 -19.69
CA THR B 701 6.18 30.73 -20.85
C THR B 701 6.94 30.49 -22.18
N TRP B 702 8.10 31.16 -22.36
CA TRP B 702 8.88 31.02 -23.57
C TRP B 702 9.46 29.62 -23.73
N ILE B 703 10.11 29.10 -22.67
CA ILE B 703 10.73 27.77 -22.68
C ILE B 703 9.69 26.72 -23.07
N GLU B 704 8.50 26.78 -22.46
CA GLU B 704 7.41 25.85 -22.73
C GLU B 704 6.85 25.99 -24.14
N GLU B 705 6.82 27.21 -24.67
CA GLU B 705 6.35 27.47 -26.03
C GLU B 705 7.34 27.04 -27.09
N ASN B 706 8.66 27.12 -26.79
CA ASN B 706 9.69 26.79 -27.78
C ASN B 706 10.37 25.45 -27.54
N TYR B 707 9.61 24.42 -27.11
CA TYR B 707 10.16 23.08 -26.86
C TYR B 707 10.86 22.43 -28.07
N LYS B 708 10.39 22.75 -29.30
CA LYS B 708 11.01 22.26 -30.54
C LYS B 708 12.29 23.04 -30.85
N THR B 709 12.25 24.37 -30.77
CA THR B 709 13.42 25.24 -31.04
C THR B 709 14.57 24.90 -30.05
N LEU B 710 14.20 24.52 -28.81
CA LEU B 710 15.14 24.17 -27.74
C LEU B 710 15.73 22.78 -27.96
N ASP B 711 14.90 21.77 -28.26
CA ASP B 711 15.40 20.40 -28.48
C ASP B 711 16.37 20.36 -29.68
N ASP B 712 16.11 21.19 -30.71
CA ASP B 712 16.92 21.32 -31.92
C ASP B 712 18.25 21.97 -31.60
N LYS B 713 18.24 23.04 -30.77
CA LYS B 713 19.43 23.77 -30.33
C LYS B 713 20.34 22.89 -29.47
N LEU B 714 19.75 21.99 -28.66
CA LEU B 714 20.49 21.07 -27.79
C LEU B 714 21.19 19.99 -28.60
N LYS B 715 20.50 19.46 -29.64
CA LYS B 715 21.02 18.42 -30.53
C LYS B 715 22.08 18.98 -31.51
N GLY B 716 21.88 20.24 -31.96
CA GLY B 716 22.81 20.94 -32.84
C GLY B 716 24.08 21.37 -32.13
N LEU B 717 24.08 21.24 -30.79
CA LEU B 717 25.19 21.57 -29.89
C LEU B 717 26.07 20.35 -29.60
N LYS B 718 25.77 19.21 -30.27
CA LYS B 718 26.53 17.96 -30.17
C LYS B 718 27.79 18.04 -31.06
N LEU B 719 28.55 19.15 -30.89
CA LEU B 719 29.79 19.49 -31.57
C LEU B 719 30.86 19.77 -30.51
N GLN C 22 51.47 42.02 24.50
CA GLN C 22 51.04 41.55 25.83
C GLN C 22 49.55 41.73 26.19
N PRO C 23 48.91 42.92 26.07
CA PRO C 23 47.47 43.01 26.39
C PRO C 23 46.60 41.96 25.73
N LYS C 24 46.80 41.71 24.41
CA LYS C 24 46.08 40.69 23.63
C LYS C 24 46.33 39.27 24.21
N ARG C 25 47.57 38.98 24.64
CA ARG C 25 47.88 37.69 25.25
C ARG C 25 47.14 37.52 26.59
N TYR C 26 47.04 38.62 27.41
CA TYR C 26 46.31 38.63 28.67
C TYR C 26 44.80 38.36 28.44
N LYS C 27 44.14 39.07 27.45
CA LYS C 27 42.71 38.85 27.06
C LYS C 27 42.54 37.37 26.81
N ALA C 28 43.44 36.75 25.98
CA ALA C 28 43.46 35.31 25.68
C ALA C 28 43.67 34.46 26.94
N HIS C 29 44.71 34.75 27.74
CA HIS C 29 44.98 34.01 28.98
C HIS C 29 43.79 34.00 29.92
N LEU C 30 43.16 35.17 30.09
CA LEU C 30 41.99 35.39 30.95
C LEU C 30 40.82 34.49 30.58
N MET C 31 40.73 34.16 29.30
CA MET C 31 39.70 33.35 28.69
C MET C 31 40.11 31.89 28.54
N GLY C 32 41.20 31.50 29.20
CA GLY C 32 41.73 30.15 29.20
C GLY C 32 42.27 29.63 27.87
N THR C 33 42.53 30.52 26.93
CA THR C 33 43.06 30.13 25.64
C THR C 33 44.48 30.68 25.41
N THR C 34 45.07 30.26 24.31
CA THR C 34 46.39 30.68 23.83
C THR C 34 46.12 31.79 22.79
N TYR C 35 46.85 32.91 22.89
CA TYR C 35 46.75 33.96 21.88
C TYR C 35 47.07 33.30 20.52
N VAL C 36 46.18 33.53 19.54
CA VAL C 36 46.23 32.96 18.19
C VAL C 36 47.63 32.83 17.56
N TYR C 37 48.44 33.87 17.58
CA TYR C 37 49.77 33.78 16.97
C TYR C 37 50.79 32.87 17.66
N ASP C 38 50.50 32.49 18.91
CA ASP C 38 51.35 31.59 19.70
C ASP C 38 50.95 30.13 19.50
N PHE C 39 49.97 29.84 18.63
CA PHE C 39 49.53 28.49 18.34
C PHE C 39 50.51 27.75 17.41
N PRO C 40 51.00 28.34 16.29
CA PRO C 40 52.01 27.61 15.48
C PRO C 40 53.17 27.04 16.30
N GLU C 41 53.58 27.74 17.37
CA GLU C 41 54.65 27.28 18.28
C GLU C 41 54.26 25.99 18.99
N LEU C 42 52.98 25.86 19.43
CA LEU C 42 52.47 24.62 20.05
C LEU C 42 52.54 23.50 19.05
N PHE C 43 52.31 23.79 17.74
CA PHE C 43 52.42 22.81 16.66
C PHE C 43 53.90 22.38 16.46
N ARG C 44 54.85 23.32 16.65
CA ARG C 44 56.27 23.02 16.55
C ARG C 44 56.67 22.14 17.74
N GLN C 45 56.24 22.52 18.96
CA GLN C 45 56.52 21.75 20.18
C GLN C 45 56.02 20.30 20.07
N ALA C 46 54.77 20.12 19.57
CA ALA C 46 54.11 18.84 19.39
C ALA C 46 54.78 17.97 18.33
N SER C 47 55.14 18.58 17.19
CA SER C 47 55.83 17.92 16.08
C SER C 47 57.21 17.41 16.51
N SER C 48 57.90 18.20 17.34
CA SER C 48 59.20 17.87 17.92
C SER C 48 59.05 16.69 18.89
N SER C 49 57.95 16.68 19.71
CA SER C 49 57.68 15.60 20.66
C SER C 49 57.44 14.32 19.89
N GLN C 50 56.69 14.41 18.76
CA GLN C 50 56.39 13.31 17.84
C GLN C 50 57.72 12.61 17.47
N TRP C 51 58.74 13.38 17.12
CA TRP C 51 60.06 12.86 16.78
C TRP C 51 60.77 12.20 17.94
N LYS C 52 60.76 12.84 19.13
CA LYS C 52 61.41 12.29 20.33
C LYS C 52 60.82 10.96 20.79
N ASN C 53 59.49 10.82 20.66
CA ASN C 53 58.78 9.60 21.02
C ASN C 53 59.02 8.49 19.99
N PHE C 54 59.26 8.87 18.71
CA PHE C 54 59.54 7.96 17.60
C PHE C 54 61.00 7.47 17.63
N SER C 55 61.96 8.38 17.48
CA SER C 55 63.37 8.07 17.56
C SER C 55 64.01 9.14 18.39
N ALA C 56 64.31 8.82 19.65
CA ALA C 56 64.92 9.74 20.61
C ALA C 56 66.23 10.36 20.12
N ASP C 57 66.96 9.62 19.26
CA ASP C 57 68.25 10.03 18.73
C ASP C 57 68.23 11.03 17.56
N VAL C 58 67.05 11.35 16.98
CA VAL C 58 66.95 12.29 15.86
C VAL C 58 67.39 13.70 16.23
N LYS C 59 68.32 14.24 15.44
CA LYS C 59 68.86 15.60 15.60
C LYS C 59 67.96 16.46 14.73
N LEU C 60 67.09 17.24 15.38
CA LEU C 60 66.10 18.05 14.69
C LEU C 60 66.53 19.48 14.53
N THR C 61 66.37 20.04 13.31
CA THR C 61 66.69 21.45 13.02
C THR C 61 65.39 22.26 12.82
N ASP C 62 65.46 23.60 12.82
CA ASP C 62 64.27 24.45 12.70
C ASP C 62 63.49 24.39 11.37
N ASP C 63 64.17 23.99 10.26
CA ASP C 63 63.62 23.83 8.91
C ASP C 63 62.68 22.60 8.79
N PHE C 64 62.55 21.81 9.87
CA PHE C 64 61.66 20.66 9.94
C PHE C 64 60.21 21.15 10.04
N PHE C 65 60.02 22.39 10.55
CA PHE C 65 58.71 23.00 10.75
C PHE C 65 58.71 24.42 10.21
N ILE C 66 57.72 24.73 9.35
CA ILE C 66 57.54 26.04 8.74
C ILE C 66 56.07 26.43 8.86
N SER C 67 55.81 27.57 9.48
CA SER C 67 54.47 28.12 9.61
C SER C 67 54.50 29.44 8.84
N ASN C 68 53.53 29.64 7.93
CA ASN C 68 53.44 30.83 7.08
C ASN C 68 52.00 31.27 7.11
N GLU C 69 51.76 32.47 7.64
CA GLU C 69 50.43 33.02 7.73
C GLU C 69 49.87 33.26 6.34
N LEU C 70 48.58 32.98 6.16
CA LEU C 70 47.85 33.18 4.91
C LEU C 70 46.97 34.38 5.11
N ILE C 71 46.98 35.29 4.13
CA ILE C 71 46.14 36.48 4.11
C ILE C 71 45.64 36.69 2.71
N GLU C 72 44.53 37.39 2.56
CA GLU C 72 43.97 37.68 1.25
C GLU C 72 44.74 38.82 0.58
N ASP C 73 45.12 38.65 -0.70
CA ASP C 73 45.79 39.69 -1.49
C ASP C 73 44.75 40.71 -2.01
N GLU C 74 45.22 41.68 -2.85
CA GLU C 74 44.43 42.75 -3.48
C GLU C 74 43.16 42.23 -4.18
N ASN C 75 43.22 41.00 -4.75
CA ASN C 75 42.11 40.35 -5.45
C ASN C 75 41.37 39.30 -4.60
N GLY C 76 41.59 39.31 -3.29
CA GLY C 76 40.97 38.37 -2.35
C GLY C 76 41.52 36.97 -2.44
N GLU C 77 42.68 36.82 -3.13
CA GLU C 77 43.37 35.53 -3.29
C GLU C 77 44.36 35.31 -2.14
N LEU C 78 44.26 34.16 -1.47
CA LEU C 78 45.13 33.84 -0.35
C LEU C 78 46.60 33.70 -0.74
N THR C 79 47.49 34.37 0.00
CA THR C 79 48.95 34.26 -0.19
C THR C 79 49.64 34.19 1.14
N GLU C 80 50.89 33.71 1.13
CA GLU C 80 51.69 33.62 2.33
C GLU C 80 52.36 34.92 2.67
N VAL C 81 52.44 35.21 3.96
CA VAL C 81 53.07 36.41 4.47
C VAL C 81 53.95 36.12 5.67
N GLU C 82 54.96 37.01 5.81
CA GLU C 82 55.83 37.08 6.96
C GLU C 82 55.64 38.49 7.46
N ARG C 83 54.82 38.64 8.48
CA ARG C 83 54.49 39.90 9.10
C ARG C 83 54.51 39.69 10.60
N GLU C 84 54.47 40.79 11.37
CA GLU C 84 54.49 40.66 12.82
C GLU C 84 53.12 40.22 13.34
N PRO C 85 53.09 39.38 14.40
CA PRO C 85 51.79 38.94 14.92
C PRO C 85 50.98 40.10 15.48
N GLY C 86 49.67 40.03 15.29
CA GLY C 86 48.71 41.01 15.79
C GLY C 86 48.27 42.03 14.79
N ALA C 87 48.77 41.93 13.55
CA ALA C 87 48.50 42.91 12.48
C ALA C 87 47.24 42.58 11.68
N ASN C 88 46.49 41.56 12.13
CA ASN C 88 45.27 41.11 11.50
C ASN C 88 44.18 42.19 11.58
N ALA C 89 43.64 42.55 10.40
CA ALA C 89 42.56 43.52 10.25
C ALA C 89 41.18 42.86 10.42
N ILE C 90 41.14 41.50 10.39
CA ILE C 90 39.92 40.70 10.60
C ILE C 90 40.09 39.77 11.81
N GLY C 91 38.99 39.25 12.36
CA GLY C 91 39.00 38.39 13.53
C GLY C 91 39.22 36.92 13.28
N MET C 92 39.70 36.58 12.08
CA MET C 92 39.97 35.20 11.64
C MET C 92 41.37 35.17 11.09
N VAL C 93 42.14 34.16 11.46
CA VAL C 93 43.56 34.05 11.08
C VAL C 93 43.86 32.64 10.60
N ALA C 94 44.80 32.50 9.64
CA ALA C 94 45.18 31.18 9.10
C ALA C 94 46.66 31.06 8.81
N PHE C 95 47.18 29.84 8.95
CA PHE C 95 48.59 29.50 8.72
C PHE C 95 48.69 28.28 7.87
N LYS C 96 49.62 28.25 6.92
CA LYS C 96 49.96 27.05 6.16
C LYS C 96 51.19 26.49 6.85
N ILE C 97 51.06 25.25 7.36
CA ILE C 97 52.12 24.53 8.06
C ILE C 97 52.72 23.42 7.20
N THR C 98 54.04 23.40 7.08
CA THR C 98 54.80 22.39 6.35
C THR C 98 55.74 21.80 7.40
N VAL C 99 55.48 20.53 7.75
CA VAL C 99 56.24 19.84 8.79
C VAL C 99 56.77 18.48 8.36
N LYS C 100 58.04 18.18 8.71
CA LYS C 100 58.68 16.88 8.46
C LYS C 100 58.31 16.02 9.69
N THR C 101 57.48 14.98 9.50
CA THR C 101 57.02 14.12 10.60
C THR C 101 57.60 12.72 10.41
N PRO C 102 57.57 11.80 11.41
CA PRO C 102 58.09 10.45 11.18
C PRO C 102 57.46 9.72 9.98
N GLU C 103 56.17 9.95 9.69
CA GLU C 103 55.43 9.36 8.55
C GLU C 103 55.78 10.05 7.24
N TYR C 104 55.99 11.39 7.29
CA TYR C 104 56.33 12.20 6.13
C TYR C 104 57.64 12.95 6.36
N PRO C 105 58.78 12.23 6.35
CA PRO C 105 60.06 12.88 6.64
C PRO C 105 60.53 13.95 5.65
N ARG C 106 59.95 13.94 4.42
CA ARG C 106 60.28 14.97 3.43
C ARG C 106 59.29 16.15 3.57
N GLY C 107 58.27 16.00 4.44
CA GLY C 107 57.30 17.02 4.74
C GLY C 107 55.86 16.72 4.36
N ARG C 108 54.92 17.26 5.17
CA ARG C 108 53.46 17.21 4.95
C ARG C 108 52.88 18.60 5.18
N GLN C 109 51.78 18.93 4.48
CA GLN C 109 51.15 20.24 4.66
C GLN C 109 49.71 20.17 5.16
N PHE C 110 49.29 21.22 5.85
CA PHE C 110 47.94 21.45 6.39
C PHE C 110 47.72 22.92 6.73
N VAL C 111 46.45 23.36 6.74
CA VAL C 111 46.10 24.73 7.16
C VAL C 111 45.52 24.74 8.58
N VAL C 112 45.82 25.79 9.31
CA VAL C 112 45.27 26.03 10.64
C VAL C 112 44.47 27.35 10.55
N VAL C 113 43.13 27.33 10.71
CA VAL C 113 42.23 28.52 10.75
C VAL C 113 41.90 28.72 12.21
N ALA C 114 41.81 29.94 12.64
CA ALA C 114 41.49 30.18 14.04
C ALA C 114 40.79 31.51 14.21
N ASN C 115 39.92 31.60 15.22
CA ASN C 115 39.29 32.87 15.58
C ASN C 115 40.30 33.67 16.41
N ASP C 116 40.23 35.00 16.36
CA ASP C 116 41.09 35.78 17.25
C ASP C 116 40.16 36.26 18.34
N ILE C 117 40.16 35.56 19.49
CA ILE C 117 39.32 35.91 20.66
C ILE C 117 39.51 37.36 21.07
N THR C 118 40.70 37.94 20.82
CA THR C 118 40.96 39.35 21.14
C THR C 118 40.32 40.32 20.11
N PHE C 119 39.95 39.86 18.89
CA PHE C 119 39.37 40.74 17.88
C PHE C 119 37.85 40.68 17.95
N LYS C 120 37.21 41.73 18.49
CA LYS C 120 35.75 41.84 18.65
C LYS C 120 35.17 40.53 19.22
N ILE C 121 35.74 40.08 20.36
CA ILE C 121 35.39 38.88 21.14
C ILE C 121 35.38 37.56 20.37
N GLY C 122 36.10 37.52 19.23
CA GLY C 122 36.18 36.37 18.32
C GLY C 122 34.88 36.12 17.57
N SER C 123 33.97 37.13 17.57
CA SER C 123 32.68 37.10 16.89
C SER C 123 32.87 36.90 15.38
N PHE C 124 31.85 36.37 14.70
CA PHE C 124 31.92 36.14 13.26
C PHE C 124 31.17 37.23 12.51
N GLY C 125 31.92 38.08 11.84
CA GLY C 125 31.34 39.10 10.98
C GLY C 125 31.44 38.55 9.57
N PRO C 126 30.91 39.28 8.55
CA PRO C 126 31.01 38.77 7.17
C PRO C 126 32.41 38.52 6.63
N GLN C 127 33.38 39.31 7.08
CA GLN C 127 34.77 39.23 6.67
C GLN C 127 35.50 38.01 7.20
N GLU C 128 35.15 37.59 8.43
CA GLU C 128 35.73 36.41 9.08
C GLU C 128 35.16 35.19 8.35
N ASP C 129 33.84 35.23 8.04
CA ASP C 129 33.10 34.20 7.32
C ASP C 129 33.65 34.02 5.92
N GLU C 130 33.78 35.14 5.15
CA GLU C 130 34.38 35.10 3.82
C GLU C 130 35.79 34.50 3.85
N PHE C 131 36.62 34.91 4.83
CA PHE C 131 37.99 34.39 4.95
C PHE C 131 38.04 32.91 5.33
N PHE C 132 37.22 32.49 6.34
CA PHE C 132 37.15 31.09 6.78
C PHE C 132 36.78 30.23 5.61
N ASN C 133 35.77 30.64 4.82
CA ASN C 133 35.35 29.93 3.61
C ASN C 133 36.51 29.85 2.58
N LYS C 134 37.21 30.96 2.32
CA LYS C 134 38.33 31.00 1.40
C LYS C 134 39.48 30.03 1.81
N VAL C 135 39.71 29.89 3.14
CA VAL C 135 40.76 29.00 3.69
C VAL C 135 40.31 27.56 3.49
N THR C 136 39.04 27.27 3.77
CA THR C 136 38.45 25.94 3.59
C THR C 136 38.64 25.47 2.13
N GLU C 137 38.29 26.34 1.18
CA GLU C 137 38.41 26.11 -0.26
C GLU C 137 39.85 25.91 -0.72
N TYR C 138 40.79 26.68 -0.13
CA TYR C 138 42.23 26.62 -0.35
C TYR C 138 42.71 25.22 0.01
N ALA C 139 42.38 24.74 1.24
CA ALA C 139 42.72 23.43 1.78
C ALA C 139 42.15 22.34 0.88
N ARG C 140 40.81 22.39 0.60
CA ARG C 140 40.06 21.45 -0.24
C ARG C 140 40.61 21.31 -1.65
N LYS C 141 40.91 22.44 -2.33
CA LYS C 141 41.48 22.42 -3.68
C LYS C 141 42.81 21.63 -3.67
N ARG C 142 43.61 21.81 -2.60
CA ARG C 142 44.91 21.17 -2.42
C ARG C 142 44.84 19.77 -1.82
N GLY C 143 43.69 19.40 -1.27
CA GLY C 143 43.50 18.10 -0.65
C GLY C 143 44.13 17.96 0.72
N ILE C 144 44.68 19.05 1.26
CA ILE C 144 45.40 19.05 2.53
C ILE C 144 44.46 19.24 3.72
N PRO C 145 44.80 18.65 4.91
CA PRO C 145 43.92 18.77 6.09
C PRO C 145 43.63 20.20 6.53
N ARG C 146 42.44 20.42 7.12
CA ARG C 146 42.05 21.73 7.67
C ARG C 146 41.74 21.61 9.17
N ILE C 147 42.62 22.19 9.98
CA ILE C 147 42.51 22.27 11.44
C ILE C 147 41.85 23.61 11.77
N TYR C 148 40.75 23.60 12.51
CA TYR C 148 40.09 24.83 12.98
C TYR C 148 40.27 24.96 14.50
N LEU C 149 40.72 26.11 14.95
CA LEU C 149 40.87 26.40 16.39
C LEU C 149 39.73 27.36 16.77
N ALA C 150 38.74 26.84 17.48
CA ALA C 150 37.51 27.51 17.85
C ALA C 150 37.62 28.24 19.17
N ALA C 151 37.49 29.56 19.14
CA ALA C 151 37.55 30.48 20.29
C ALA C 151 36.71 31.69 19.89
N ASN C 152 35.39 31.58 20.04
CA ASN C 152 34.50 32.63 19.56
C ASN C 152 33.27 32.98 20.44
N SER C 153 32.54 34.03 19.98
CA SER C 153 31.29 34.58 20.53
C SER C 153 30.12 34.38 19.57
N GLY C 154 30.31 33.57 18.52
CA GLY C 154 29.32 33.30 17.48
C GLY C 154 29.18 34.48 16.56
N ALA C 155 28.05 34.56 15.82
CA ALA C 155 27.80 35.69 14.89
C ALA C 155 27.88 37.01 15.59
N ARG C 156 28.45 38.02 14.92
CA ARG C 156 28.60 39.38 15.43
C ARG C 156 27.21 40.03 15.52
N ILE C 157 26.99 40.84 16.57
CA ILE C 157 25.72 41.52 16.76
C ILE C 157 25.92 43.03 16.91
N GLY C 158 25.09 43.80 16.21
CA GLY C 158 25.17 45.25 16.23
C GLY C 158 23.87 45.97 16.01
N MET C 159 23.96 47.31 16.09
CA MET C 159 22.87 48.26 15.87
C MET C 159 23.42 49.45 15.09
N ALA C 160 22.53 50.19 14.38
CA ALA C 160 22.92 51.38 13.65
C ALA C 160 23.09 52.49 14.71
N GLU C 161 24.30 52.52 15.29
CA GLU C 161 24.71 53.41 16.38
C GLU C 161 24.67 54.88 16.04
N GLU C 162 24.55 55.20 14.74
CA GLU C 162 24.42 56.58 14.27
C GLU C 162 22.98 57.09 14.42
N ILE C 163 21.99 56.18 14.41
CA ILE C 163 20.58 56.51 14.57
C ILE C 163 20.24 56.66 16.06
N VAL C 164 21.07 56.05 16.93
CA VAL C 164 20.94 56.09 18.39
C VAL C 164 20.82 57.55 18.90
N PRO C 165 21.75 58.49 18.56
CA PRO C 165 21.59 59.87 19.04
C PRO C 165 20.64 60.75 18.21
N LEU C 166 20.17 60.25 17.07
CA LEU C 166 19.32 61.03 16.16
C LEU C 166 17.82 60.81 16.28
N PHE C 167 17.39 59.56 16.53
CA PHE C 167 15.97 59.21 16.62
C PHE C 167 15.15 60.04 17.62
N GLN C 168 13.86 60.19 17.30
CA GLN C 168 12.88 60.92 18.10
C GLN C 168 11.67 60.02 18.31
N VAL C 169 10.86 60.28 19.33
CA VAL C 169 9.70 59.45 19.62
C VAL C 169 8.40 60.22 19.63
N ALA C 170 7.40 59.75 18.84
CA ALA C 170 6.08 60.37 18.73
C ALA C 170 5.18 59.86 19.84
N TRP C 171 5.21 60.58 20.98
CA TRP C 171 4.45 60.27 22.19
C TRP C 171 2.98 60.42 21.95
N ASN C 172 2.18 59.73 22.77
CA ASN C 172 0.73 59.84 22.73
C ASN C 172 0.33 61.18 23.38
N ASP C 173 1.06 61.56 24.44
CA ASP C 173 0.97 62.82 25.18
C ASP C 173 2.39 63.10 25.68
N ALA C 174 2.99 64.18 25.18
CA ALA C 174 4.37 64.57 25.50
C ALA C 174 4.63 64.88 26.98
N ALA C 175 3.63 65.43 27.71
CA ALA C 175 3.71 65.76 29.14
C ALA C 175 3.87 64.51 30.03
N ASN C 176 3.23 63.39 29.62
CA ASN C 176 3.27 62.09 30.32
C ASN C 176 3.85 61.00 29.40
N PRO C 177 5.20 60.80 29.43
CA PRO C 177 5.82 59.80 28.55
C PRO C 177 5.31 58.37 28.73
N ASP C 178 5.04 57.93 29.99
CA ASP C 178 4.55 56.57 30.22
C ASP C 178 3.11 56.29 29.74
N LYS C 179 2.47 57.28 29.09
CA LYS C 179 1.15 57.11 28.47
C LYS C 179 1.28 56.33 27.12
N GLY C 180 2.51 56.17 26.62
CA GLY C 180 2.85 55.44 25.40
C GLY C 180 3.40 56.26 24.25
N PHE C 181 3.69 55.58 23.12
CA PHE C 181 4.20 56.20 21.89
C PHE C 181 3.64 55.52 20.62
N GLN C 182 3.59 56.27 19.50
CA GLN C 182 3.04 55.86 18.19
C GLN C 182 4.06 55.28 17.20
N TYR C 183 5.24 55.92 17.07
CA TYR C 183 6.33 55.55 16.16
C TYR C 183 7.64 56.25 16.56
N LEU C 184 8.73 55.92 15.88
CA LEU C 184 10.03 56.58 16.03
C LEU C 184 10.24 57.40 14.74
N TYR C 185 10.94 58.54 14.83
CA TYR C 185 11.16 59.41 13.67
C TYR C 185 12.47 60.21 13.71
N LEU C 186 12.76 60.86 12.60
CA LEU C 186 13.91 61.75 12.44
C LEU C 186 13.39 63.13 12.06
N THR C 187 14.11 64.18 12.46
CA THR C 187 13.76 65.55 12.10
C THR C 187 14.60 65.91 10.85
N SER C 188 14.36 67.09 10.26
CA SER C 188 15.13 67.57 9.10
C SER C 188 16.62 67.62 9.49
N GLU C 189 16.89 67.96 10.78
CA GLU C 189 18.19 68.05 11.44
C GLU C 189 18.87 66.67 11.48
N GLY C 190 18.10 65.66 11.86
CA GLY C 190 18.55 64.27 11.88
C GLY C 190 18.85 63.77 10.48
N MET C 191 17.92 64.05 9.53
CA MET C 191 18.03 63.69 8.11
C MET C 191 19.28 64.30 7.48
N GLU C 192 19.57 65.58 7.81
CA GLU C 192 20.73 66.29 7.31
C GLU C 192 22.03 65.73 7.92
N THR C 193 22.01 65.38 9.23
CA THR C 193 23.16 64.79 9.94
C THR C 193 23.66 63.55 9.18
N LEU C 194 22.72 62.65 8.78
CA LEU C 194 22.98 61.45 7.99
C LEU C 194 23.49 61.82 6.58
N LYS C 195 22.82 62.78 5.91
CA LYS C 195 23.16 63.30 4.57
C LYS C 195 24.62 63.81 4.53
N LYS C 196 25.03 64.55 5.58
CA LYS C 196 26.35 65.15 5.81
C LYS C 196 27.47 64.11 5.90
N PHE C 197 27.21 62.96 6.54
CA PHE C 197 28.20 61.90 6.74
C PHE C 197 28.10 60.76 5.71
N ASP C 198 27.30 60.98 4.64
CA ASP C 198 27.00 60.04 3.55
C ASP C 198 26.40 58.71 4.08
N LYS C 199 25.56 58.84 5.12
CA LYS C 199 24.87 57.76 5.81
C LYS C 199 23.36 57.91 5.54
N GLU C 200 22.99 58.41 4.34
CA GLU C 200 21.61 58.60 3.87
C GLU C 200 20.87 57.26 3.79
N ASN C 201 21.61 56.16 3.49
CA ASN C 201 21.15 54.78 3.34
C ASN C 201 21.00 54.03 4.68
N SER C 202 21.32 54.70 5.82
CA SER C 202 21.24 54.14 7.18
C SER C 202 19.80 53.85 7.64
N VAL C 203 18.81 54.60 7.09
CA VAL C 203 17.37 54.43 7.40
C VAL C 203 16.48 54.49 6.16
N LEU C 204 15.28 53.97 6.33
CA LEU C 204 14.20 54.01 5.36
C LEU C 204 13.10 54.81 6.03
N THR C 205 12.86 56.01 5.54
CA THR C 205 11.89 56.94 6.13
C THR C 205 10.66 57.21 5.27
N GLU C 206 9.63 57.78 5.88
CA GLU C 206 8.38 58.15 5.22
C GLU C 206 7.93 59.47 5.82
N ARG C 207 8.01 60.54 5.01
CA ARG C 207 7.66 61.89 5.42
C ARG C 207 6.16 62.10 5.63
N THR C 208 5.82 62.80 6.72
CA THR C 208 4.48 63.25 7.13
C THR C 208 4.67 64.61 7.82
N VAL C 209 3.57 65.35 7.98
CA VAL C 209 3.56 66.64 8.66
C VAL C 209 2.59 66.58 9.84
N ILE C 210 3.14 66.71 11.06
CA ILE C 210 2.37 66.67 12.30
C ILE C 210 2.44 68.03 12.99
N ASN C 211 1.28 68.71 13.02
CA ASN C 211 1.07 70.04 13.61
C ASN C 211 2.13 71.06 13.16
N GLY C 212 2.36 71.12 11.85
CA GLY C 212 3.31 72.04 11.23
C GLY C 212 4.72 71.48 11.06
N GLU C 213 5.20 70.67 12.03
CA GLU C 213 6.54 70.07 12.02
C GLU C 213 6.55 68.88 11.07
N GLU C 214 7.65 68.72 10.29
CA GLU C 214 7.82 67.58 9.41
C GLU C 214 8.63 66.48 10.10
N ARG C 215 8.02 65.29 10.22
CA ARG C 215 8.56 64.08 10.83
C ARG C 215 8.85 63.06 9.74
N PHE C 216 10.05 62.49 9.77
CA PHE C 216 10.48 61.43 8.85
C PHE C 216 10.43 60.12 9.63
N VAL C 217 9.26 59.46 9.53
CA VAL C 217 8.90 58.20 10.21
C VAL C 217 9.89 57.09 9.84
N ILE C 218 10.61 56.55 10.84
CA ILE C 218 11.55 55.44 10.62
C ILE C 218 10.73 54.19 10.37
N LYS C 219 10.89 53.62 9.18
CA LYS C 219 10.15 52.43 8.76
C LYS C 219 11.03 51.18 8.82
N THR C 220 12.35 51.36 8.67
CA THR C 220 13.38 50.33 8.75
C THR C 220 14.72 51.02 9.11
N ILE C 221 15.49 50.40 10.03
CA ILE C 221 16.84 50.88 10.39
C ILE C 221 17.80 49.89 9.70
N ILE C 222 18.58 50.35 8.71
CA ILE C 222 19.54 49.53 7.97
C ILE C 222 20.94 49.60 8.60
N GLY C 223 21.48 50.81 8.77
CA GLY C 223 22.81 51.02 9.36
C GLY C 223 23.92 51.11 8.33
N SER C 224 24.99 51.86 8.68
CA SER C 224 26.15 52.07 7.81
C SER C 224 27.20 50.98 8.01
N GLU C 225 27.45 50.58 9.28
CA GLU C 225 28.41 49.54 9.64
C GLU C 225 27.90 48.17 9.17
N ASP C 226 28.76 47.41 8.46
CA ASP C 226 28.42 46.06 7.99
C ASP C 226 28.69 45.07 9.13
N GLY C 227 27.85 44.06 9.26
CA GLY C 227 28.01 43.05 10.28
C GLY C 227 27.22 43.29 11.55
N LEU C 228 25.93 43.67 11.42
CA LEU C 228 25.03 43.92 12.57
C LEU C 228 24.03 42.78 12.83
N GLY C 229 23.55 42.15 11.76
CA GLY C 229 22.52 41.12 11.86
C GLY C 229 22.53 40.05 10.81
N VAL C 230 21.49 40.05 9.94
CA VAL C 230 21.23 39.03 8.89
C VAL C 230 22.40 38.67 8.01
N GLU C 231 23.24 39.66 7.64
CA GLU C 231 24.46 39.45 6.85
C GLU C 231 25.44 38.53 7.59
N CYS C 232 25.41 38.55 8.95
CA CYS C 232 26.24 37.69 9.79
C CYS C 232 25.72 36.29 9.76
N LEU C 233 24.36 36.17 9.69
CA LEU C 233 23.65 34.89 9.60
C LEU C 233 23.86 34.26 8.22
N ARG C 234 23.91 35.09 7.16
CA ARG C 234 24.21 34.63 5.80
C ARG C 234 25.60 34.04 5.76
N GLY C 235 26.58 34.78 6.27
CA GLY C 235 27.97 34.36 6.34
C GLY C 235 28.16 33.08 7.12
N SER C 236 27.39 32.92 8.23
CA SER C 236 27.44 31.73 9.09
C SER C 236 27.01 30.54 8.30
N GLY C 237 25.90 30.69 7.56
CA GLY C 237 25.34 29.68 6.70
C GLY C 237 26.32 29.21 5.66
N LEU C 238 27.01 30.19 5.01
CA LEU C 238 28.04 29.92 4.01
C LEU C 238 29.15 29.01 4.62
N ILE C 239 29.68 29.38 5.79
CA ILE C 239 30.72 28.58 6.44
C ILE C 239 30.23 27.23 6.99
N ALA C 240 28.92 27.12 7.32
CA ALA C 240 28.33 25.85 7.76
C ALA C 240 28.28 24.87 6.60
N GLY C 241 27.91 25.37 5.42
CA GLY C 241 27.84 24.54 4.22
C GLY C 241 29.21 24.14 3.73
N ALA C 242 30.14 25.12 3.77
CA ALA C 242 31.55 24.97 3.43
C ALA C 242 32.18 23.85 4.23
N THR C 243 31.91 23.82 5.57
CA THR C 243 32.49 22.80 6.48
C THR C 243 31.87 21.42 6.26
N SER C 244 30.55 21.38 6.00
CA SER C 244 29.80 20.16 5.68
C SER C 244 30.46 19.47 4.48
N ARG C 245 30.78 20.26 3.41
CA ARG C 245 31.43 19.84 2.18
C ARG C 245 32.89 19.43 2.43
N ALA C 246 33.62 20.19 3.26
CA ALA C 246 35.02 19.94 3.58
C ALA C 246 35.18 18.58 4.24
N TYR C 247 34.27 18.18 5.20
CA TYR C 247 34.35 16.90 5.91
C TYR C 247 34.44 15.67 4.99
N HIS C 248 33.75 15.74 3.83
CA HIS C 248 33.70 14.71 2.78
C HIS C 248 34.85 14.74 1.81
N ASP C 249 35.73 15.72 1.96
CA ASP C 249 36.76 15.99 0.98
C ASP C 249 38.15 15.93 1.54
N ILE C 250 38.36 16.46 2.74
CA ILE C 250 39.66 16.54 3.39
C ILE C 250 39.55 16.17 4.86
N PHE C 251 40.71 15.99 5.50
CA PHE C 251 40.69 15.69 6.92
C PHE C 251 40.33 17.00 7.64
N THR C 252 39.26 16.98 8.42
CA THR C 252 38.81 18.14 9.18
C THR C 252 38.83 17.78 10.69
N ILE C 253 39.46 18.63 11.46
CA ILE C 253 39.53 18.50 12.91
C ILE C 253 39.36 19.90 13.51
N THR C 254 38.78 19.97 14.71
CA THR C 254 38.56 21.22 15.44
C THR C 254 39.03 21.07 16.91
N LEU C 255 39.82 22.06 17.39
CA LEU C 255 40.23 22.15 18.77
C LEU C 255 39.42 23.32 19.36
N VAL C 256 38.57 22.99 20.36
CA VAL C 256 37.74 23.93 21.12
C VAL C 256 38.69 24.40 22.22
N THR C 257 39.49 25.42 21.86
CA THR C 257 40.52 26.07 22.68
C THR C 257 39.88 27.05 23.68
N CYS C 258 38.78 27.70 23.26
CA CYS C 258 38.00 28.58 24.12
C CYS C 258 36.53 28.33 23.81
N ARG C 259 35.63 29.06 24.45
CA ARG C 259 34.21 28.91 24.22
C ARG C 259 33.88 29.01 22.70
N SER C 260 32.94 28.20 22.23
CA SER C 260 32.49 28.14 20.84
C SER C 260 30.98 28.26 20.90
N VAL C 261 30.47 29.41 20.42
CA VAL C 261 29.07 29.83 20.49
C VAL C 261 28.37 29.85 19.11
N GLY C 262 27.11 29.39 19.07
CA GLY C 262 26.25 29.42 17.89
C GLY C 262 26.85 28.79 16.65
N ILE C 263 27.20 29.64 15.64
CA ILE C 263 27.86 29.10 14.44
C ILE C 263 29.15 28.35 14.85
N GLY C 264 29.87 28.88 15.85
CA GLY C 264 31.06 28.24 16.41
C GLY C 264 30.80 26.79 16.82
N ALA C 265 29.65 26.51 17.48
CA ALA C 265 29.22 25.18 17.91
C ALA C 265 28.92 24.27 16.72
N TYR C 266 28.21 24.81 15.72
CA TYR C 266 27.88 24.04 14.52
C TYR C 266 29.11 23.68 13.71
N LEU C 267 30.07 24.60 13.64
CA LEU C 267 31.36 24.37 12.99
C LEU C 267 32.11 23.23 13.67
N VAL C 268 32.06 23.16 15.02
CA VAL C 268 32.69 22.08 15.80
C VAL C 268 32.16 20.74 15.31
N ARG C 269 30.82 20.63 15.29
CA ARG C 269 30.10 19.45 14.83
C ARG C 269 30.27 19.17 13.34
N LEU C 270 30.04 20.16 12.43
CA LEU C 270 30.16 19.98 10.97
C LEU C 270 31.53 19.43 10.47
N GLY C 271 32.61 19.77 11.17
CA GLY C 271 33.96 19.27 10.91
C GLY C 271 34.16 17.89 11.51
N GLN C 272 33.18 17.45 12.33
CA GLN C 272 33.04 16.14 12.99
C GLN C 272 34.06 15.85 14.06
N ARG C 273 35.34 15.64 13.66
CA ARG C 273 36.46 15.35 14.56
C ARG C 273 36.73 16.57 15.45
N ALA C 274 36.53 16.41 16.77
CA ALA C 274 36.69 17.50 17.75
C ALA C 274 37.39 17.10 19.07
N ILE C 275 38.31 17.93 19.53
CA ILE C 275 39.02 17.78 20.80
C ILE C 275 38.62 18.99 21.63
N GLN C 276 38.02 18.79 22.83
CA GLN C 276 37.53 19.89 23.66
C GLN C 276 38.40 20.11 24.87
N VAL C 277 38.88 21.34 25.07
CA VAL C 277 39.72 21.63 26.21
C VAL C 277 38.82 21.74 27.44
N GLU C 278 39.21 21.05 28.52
CA GLU C 278 38.46 21.04 29.77
C GLU C 278 38.17 22.46 30.23
N GLY C 279 36.89 22.75 30.45
CA GLY C 279 36.49 24.06 30.92
C GLY C 279 36.09 25.04 29.85
N GLN C 280 36.16 24.64 28.55
CA GLN C 280 35.77 25.50 27.40
C GLN C 280 34.42 25.02 26.85
N PRO C 281 33.30 25.78 27.05
CA PRO C 281 32.00 25.27 26.60
C PRO C 281 31.68 25.38 25.11
N ILE C 282 30.87 24.43 24.62
CA ILE C 282 30.35 24.44 23.26
C ILE C 282 28.86 24.74 23.44
N ILE C 283 28.44 25.98 23.21
CA ILE C 283 27.05 26.36 23.44
C ILE C 283 26.35 26.99 22.23
N LEU C 284 25.03 27.09 22.37
CA LEU C 284 24.11 27.75 21.45
C LEU C 284 23.66 28.98 22.28
N THR C 285 22.39 29.07 22.72
CA THR C 285 22.01 30.20 23.59
C THR C 285 22.61 29.93 24.99
N GLY C 286 23.34 30.90 25.53
CA GLY C 286 23.98 30.79 26.84
C GLY C 286 23.00 30.70 27.99
N ALA C 287 23.47 30.20 29.14
CA ALA C 287 22.69 29.99 30.35
C ALA C 287 21.91 31.21 30.81
N SER C 288 22.57 32.39 30.87
CA SER C 288 21.97 33.65 31.30
C SER C 288 20.79 34.03 30.41
N ALA C 289 20.96 34.00 29.08
CA ALA C 289 19.91 34.29 28.12
C ALA C 289 18.72 33.34 28.28
N LEU C 290 19.00 32.03 28.42
CA LEU C 290 17.97 30.99 28.62
C LEU C 290 17.13 31.22 29.88
N ASN C 291 17.77 31.64 30.98
CA ASN C 291 17.10 31.96 32.23
C ASN C 291 16.12 33.10 32.03
N LYS C 292 16.55 34.11 31.26
CA LYS C 292 15.72 35.28 30.93
C LYS C 292 14.51 34.85 30.09
N VAL C 293 14.67 33.90 29.17
CA VAL C 293 13.58 33.39 28.33
C VAL C 293 12.60 32.56 29.19
N LEU C 294 13.13 31.64 30.02
CA LEU C 294 12.38 30.75 30.91
C LEU C 294 11.74 31.51 32.09
N GLY C 295 12.25 32.71 32.40
CA GLY C 295 11.77 33.55 33.47
C GLY C 295 12.02 33.00 34.86
N ARG C 296 13.07 32.19 34.99
CA ARG C 296 13.45 31.51 36.23
C ARG C 296 14.96 31.25 36.18
N GLU C 297 15.63 31.23 37.34
CA GLU C 297 17.06 30.96 37.43
C GLU C 297 17.34 29.44 37.35
N VAL C 298 17.10 28.87 36.14
CA VAL C 298 17.22 27.44 35.77
C VAL C 298 18.65 26.94 35.69
N TYR C 299 19.51 27.63 34.91
CA TYR C 299 20.90 27.24 34.70
C TYR C 299 21.90 28.02 35.56
N THR C 300 23.09 27.43 35.78
CA THR C 300 24.16 27.98 36.63
C THR C 300 25.30 28.59 35.84
N SER C 301 25.78 27.86 34.79
CA SER C 301 26.89 28.30 33.92
C SER C 301 26.69 27.79 32.51
N ASN C 302 27.53 28.26 31.57
CA ASN C 302 27.55 27.79 30.20
C ASN C 302 28.11 26.37 30.13
N LEU C 303 28.98 26.01 31.08
CA LEU C 303 29.60 24.68 31.16
C LEU C 303 28.57 23.59 31.44
N GLN C 304 27.49 23.98 32.14
CA GLN C 304 26.38 23.10 32.45
C GLN C 304 25.72 22.69 31.13
N LEU C 305 25.62 23.62 30.16
CA LEU C 305 25.01 23.42 28.82
C LEU C 305 25.96 22.75 27.81
N GLY C 306 27.21 23.21 27.74
CA GLY C 306 28.16 22.70 26.77
C GLY C 306 29.56 22.34 27.21
N GLY C 307 29.76 21.99 28.49
CA GLY C 307 31.06 21.55 28.98
C GLY C 307 31.38 20.13 28.52
N THR C 308 32.56 19.59 28.89
CA THR C 308 32.98 18.24 28.49
C THR C 308 32.05 17.15 29.04
N GLN C 309 31.44 17.37 30.22
CA GLN C 309 30.48 16.42 30.82
C GLN C 309 29.19 16.30 29.98
N ILE C 310 29.06 17.17 28.96
CA ILE C 310 27.98 17.14 27.97
C ILE C 310 28.55 16.61 26.66
N MET C 311 29.44 17.38 26.02
CA MET C 311 29.96 17.11 24.70
C MET C 311 30.83 15.87 24.49
N TYR C 312 31.66 15.54 25.48
CA TYR C 312 32.50 14.33 25.43
C TYR C 312 31.61 13.10 25.67
N ASN C 313 30.64 13.20 26.57
CA ASN C 313 29.67 12.15 26.88
C ASN C 313 28.66 11.92 25.73
N ASN C 314 28.37 12.98 24.95
CA ASN C 314 27.48 13.10 23.78
C ASN C 314 28.07 12.37 22.60
N GLY C 315 29.41 12.48 22.46
CA GLY C 315 30.16 12.02 21.31
C GLY C 315 30.34 13.14 20.31
N VAL C 316 30.00 14.40 20.72
CA VAL C 316 30.22 15.62 19.90
C VAL C 316 31.73 15.87 19.95
N SER C 317 32.32 15.74 21.17
CA SER C 317 33.75 15.85 21.45
C SER C 317 34.34 14.42 21.42
N HIS C 318 35.27 14.19 20.50
CA HIS C 318 35.91 12.90 20.30
C HIS C 318 36.90 12.60 21.37
N LEU C 319 37.50 13.64 21.94
CA LEU C 319 38.54 13.58 22.98
C LEU C 319 38.51 14.85 23.76
N THR C 320 39.00 14.81 25.01
CA THR C 320 39.20 16.01 25.83
C THR C 320 40.72 16.27 25.90
N ALA C 321 41.09 17.49 26.29
CA ALA C 321 42.47 17.93 26.44
C ALA C 321 42.54 18.76 27.70
N VAL C 322 43.62 18.55 28.43
CA VAL C 322 43.90 19.20 29.70
C VAL C 322 44.23 20.68 29.56
N ASP C 323 44.89 21.04 28.43
CA ASP C 323 45.28 22.41 28.02
C ASP C 323 45.52 22.42 26.50
N ASP C 324 45.83 23.61 25.89
CA ASP C 324 46.02 23.73 24.44
C ASP C 324 47.12 22.87 23.87
N LEU C 325 48.25 22.78 24.60
CA LEU C 325 49.33 21.92 24.13
C LEU C 325 48.91 20.45 24.04
N ALA C 326 48.20 19.91 25.06
CA ALA C 326 47.66 18.54 25.02
C ALA C 326 46.77 18.39 23.80
N GLY C 327 45.89 19.39 23.56
CA GLY C 327 44.98 19.40 22.42
C GLY C 327 45.73 19.37 21.11
N VAL C 328 46.75 20.20 21.00
CA VAL C 328 47.59 20.24 19.81
C VAL C 328 48.34 18.90 19.61
N GLU C 329 48.88 18.27 20.72
CA GLU C 329 49.57 16.98 20.70
C GLU C 329 48.63 15.91 20.17
N LYS C 330 47.32 15.95 20.56
CA LYS C 330 46.29 15.01 20.09
C LYS C 330 45.94 15.19 18.61
N ILE C 331 45.88 16.44 18.08
CA ILE C 331 45.67 16.71 16.64
C ILE C 331 46.83 16.09 15.85
N VAL C 332 48.05 16.42 16.28
CA VAL C 332 49.30 15.96 15.70
C VAL C 332 49.34 14.41 15.62
N GLU C 333 49.02 13.74 16.75
CA GLU C 333 48.94 12.28 16.91
C GLU C 333 47.84 11.68 16.01
N TRP C 334 46.67 12.29 16.00
CA TRP C 334 45.57 11.83 15.15
C TRP C 334 45.99 11.87 13.66
N MET C 335 46.64 12.96 13.23
CA MET C 335 47.12 13.19 11.86
C MET C 335 48.18 12.19 11.39
N SER C 336 48.89 11.55 12.35
CA SER C 336 49.96 10.59 12.04
C SER C 336 49.41 9.33 11.34
N TYR C 337 48.10 9.18 11.32
CA TYR C 337 47.44 8.04 10.72
C TYR C 337 46.83 8.40 9.39
N VAL C 338 46.80 9.68 9.06
CA VAL C 338 46.11 10.23 7.91
C VAL C 338 47.03 10.56 6.73
N PRO C 339 46.63 10.24 5.47
CA PRO C 339 47.47 10.64 4.31
C PRO C 339 47.84 12.13 4.31
N ALA C 340 48.99 12.48 3.73
CA ALA C 340 49.46 13.88 3.65
C ALA C 340 48.44 14.77 2.95
N LYS C 341 47.79 14.22 1.92
CA LYS C 341 46.75 14.89 1.18
C LYS C 341 45.77 13.89 0.59
N ARG C 342 44.59 14.38 0.19
CA ARG C 342 43.51 13.56 -0.40
C ARG C 342 44.04 12.69 -1.53
N ASN C 343 43.70 11.41 -1.50
CA ASN C 343 44.05 10.39 -2.49
C ASN C 343 45.49 9.90 -2.50
N MET C 344 46.29 10.37 -1.56
CA MET C 344 47.65 9.88 -1.39
C MET C 344 47.57 8.60 -0.53
N PRO C 345 48.47 7.61 -0.71
CA PRO C 345 48.38 6.39 0.11
C PRO C 345 48.46 6.67 1.60
N VAL C 346 47.83 5.82 2.43
CA VAL C 346 47.85 5.89 3.90
C VAL C 346 49.30 5.84 4.40
N PRO C 347 49.68 6.65 5.43
CA PRO C 347 51.08 6.70 5.85
C PRO C 347 51.58 5.50 6.65
N ILE C 348 52.47 4.69 6.03
CA ILE C 348 53.10 3.55 6.72
C ILE C 348 54.13 4.06 7.84
N LEU C 349 54.04 3.51 9.06
CA LEU C 349 54.98 3.81 10.13
C LEU C 349 55.33 2.56 10.92
N GLU C 350 56.32 1.84 10.36
CA GLU C 350 56.85 0.63 10.95
C GLU C 350 57.69 1.03 12.16
N THR C 351 57.46 0.36 13.31
CA THR C 351 58.18 0.55 14.59
C THR C 351 58.85 -0.76 15.00
N LYS C 352 59.44 -0.81 16.24
CA LYS C 352 60.13 -1.97 16.85
C LYS C 352 59.26 -3.24 16.79
N ASP C 353 57.91 -3.09 16.87
CA ASP C 353 56.93 -4.17 16.81
C ASP C 353 56.56 -4.44 15.36
N THR C 354 57.26 -5.41 14.79
CA THR C 354 57.12 -5.82 13.42
C THR C 354 55.99 -6.83 13.23
N TRP C 355 55.52 -7.00 11.98
CA TRP C 355 54.44 -7.96 11.64
C TRP C 355 54.80 -9.42 11.99
N ASP C 356 56.08 -9.79 11.87
CA ASP C 356 56.51 -11.16 12.03
C ASP C 356 56.63 -11.66 13.45
N ARG C 357 55.46 -11.90 14.07
CA ARG C 357 55.30 -12.43 15.43
C ARG C 357 53.87 -12.96 15.64
N PRO C 358 53.66 -13.87 16.63
CA PRO C 358 52.28 -14.27 16.94
C PRO C 358 51.61 -13.20 17.84
N VAL C 359 50.27 -13.34 18.03
CA VAL C 359 49.46 -12.49 18.90
C VAL C 359 49.50 -13.24 20.23
N ASP C 360 49.88 -12.55 21.31
CA ASP C 360 50.04 -13.13 22.65
C ASP C 360 48.76 -13.10 23.49
N PHE C 361 48.14 -11.92 23.66
CA PHE C 361 46.90 -11.87 24.44
C PHE C 361 45.78 -12.60 23.71
N THR C 362 45.25 -13.66 24.34
CA THR C 362 44.16 -14.47 23.83
C THR C 362 42.99 -14.47 24.84
N PRO C 363 41.76 -14.06 24.46
CA PRO C 363 40.66 -14.10 25.42
C PRO C 363 40.21 -15.54 25.74
N THR C 364 39.62 -15.72 26.94
CA THR C 364 39.07 -17.02 27.35
C THR C 364 37.58 -16.82 27.64
N ASN C 365 36.80 -17.90 27.59
CA ASN C 365 35.35 -17.78 27.81
C ASN C 365 35.00 -17.52 29.28
N ASP C 366 35.74 -18.19 30.17
CA ASP C 366 35.60 -18.13 31.62
C ASP C 366 36.12 -16.85 32.27
N GLU C 367 36.95 -16.06 31.54
CA GLU C 367 37.56 -14.83 32.05
C GLU C 367 37.17 -13.57 31.30
N THR C 368 36.82 -12.55 32.08
CA THR C 368 36.47 -11.21 31.60
C THR C 368 37.73 -10.55 31.08
N TYR C 369 37.60 -9.84 29.96
CA TYR C 369 38.72 -9.13 29.37
C TYR C 369 38.28 -7.76 28.90
N ASP C 370 39.27 -6.90 28.69
CA ASP C 370 39.12 -5.59 28.10
C ASP C 370 39.52 -5.83 26.64
N VAL C 371 38.63 -5.51 25.68
CA VAL C 371 38.88 -5.71 24.26
C VAL C 371 40.13 -4.97 23.79
N ARG C 372 40.47 -3.86 24.47
CA ARG C 372 41.68 -3.07 24.18
C ARG C 372 42.93 -3.94 24.27
N TRP C 373 42.93 -4.99 25.14
CA TRP C 373 44.02 -5.94 25.32
C TRP C 373 44.24 -6.74 24.04
N MET C 374 43.14 -7.07 23.32
CA MET C 374 43.23 -7.83 22.07
C MET C 374 43.78 -6.94 20.99
N ILE C 375 43.42 -5.65 21.07
CA ILE C 375 43.83 -4.62 20.12
C ILE C 375 45.31 -4.26 20.28
N GLU C 376 45.70 -3.79 21.47
CA GLU C 376 47.03 -3.27 21.72
C GLU C 376 47.90 -4.05 22.64
N GLY C 377 47.35 -5.09 23.24
CA GLY C 377 48.08 -5.93 24.17
C GLY C 377 47.91 -5.42 25.58
N ARG C 378 48.59 -6.06 26.54
CA ARG C 378 48.54 -5.68 27.95
C ARG C 378 49.77 -6.00 28.76
N GLU C 379 50.08 -5.12 29.72
CA GLU C 379 51.18 -5.33 30.64
C GLU C 379 50.74 -6.33 31.71
N THR C 380 51.61 -7.27 32.04
CA THR C 380 51.42 -8.26 33.10
C THR C 380 52.71 -8.28 33.93
N GLU C 381 52.70 -9.06 35.04
CA GLU C 381 53.87 -9.19 35.91
C GLU C 381 54.94 -10.00 35.19
N SER C 382 54.52 -11.00 34.36
CA SER C 382 55.43 -11.83 33.57
C SER C 382 56.01 -11.11 32.32
N GLY C 383 55.40 -9.98 31.94
CA GLY C 383 55.82 -9.17 30.80
C GLY C 383 54.68 -8.67 29.92
N PHE C 384 55.02 -8.00 28.82
CA PHE C 384 54.00 -7.49 27.91
C PHE C 384 53.45 -8.58 26.98
N GLU C 385 52.11 -8.71 26.93
CA GLU C 385 51.42 -9.64 26.03
C GLU C 385 51.01 -8.79 24.85
N TYR C 386 51.61 -9.05 23.70
CA TYR C 386 51.35 -8.31 22.47
C TYR C 386 49.99 -8.64 21.92
N GLY C 387 49.28 -7.64 21.45
CA GLY C 387 47.98 -7.85 20.85
C GLY C 387 48.06 -7.99 19.35
N LEU C 388 46.91 -7.79 18.66
CA LEU C 388 46.78 -7.88 17.20
C LEU C 388 47.56 -6.75 16.50
N PHE C 389 47.48 -5.55 17.05
CA PHE C 389 48.08 -4.36 16.47
C PHE C 389 49.41 -3.97 17.10
N ASP C 390 50.15 -3.06 16.43
CA ASP C 390 51.49 -2.67 16.89
C ASP C 390 51.45 -2.05 18.30
N LYS C 391 52.42 -2.44 19.14
CA LYS C 391 52.55 -1.95 20.50
C LYS C 391 52.57 -0.42 20.52
N GLY C 392 51.65 0.14 21.31
CA GLY C 392 51.51 1.58 21.50
C GLY C 392 50.90 2.34 20.36
N SER C 393 50.29 1.65 19.38
CA SER C 393 49.67 2.33 18.23
C SER C 393 48.16 2.60 18.39
N PHE C 394 47.54 2.11 19.49
CA PHE C 394 46.11 2.35 19.66
C PHE C 394 45.77 3.72 20.19
N PHE C 395 45.22 4.53 19.28
CA PHE C 395 44.76 5.89 19.53
C PHE C 395 43.21 5.84 19.51
N GLU C 396 42.60 5.73 20.70
CA GLU C 396 41.15 5.65 20.91
C GLU C 396 40.50 7.01 20.80
N THR C 397 39.35 7.06 20.10
CA THR C 397 38.56 8.28 19.89
C THR C 397 37.10 7.98 20.24
N LEU C 398 36.30 9.02 20.54
CA LEU C 398 34.90 8.94 20.99
C LEU C 398 34.84 8.14 22.29
N SER C 399 35.94 8.20 23.06
CA SER C 399 36.10 7.44 24.29
C SER C 399 35.13 7.75 25.43
N GLY C 400 34.49 8.91 25.38
CA GLY C 400 33.56 9.35 26.43
C GLY C 400 32.12 8.99 26.21
N TRP C 401 31.79 8.56 24.97
CA TRP C 401 30.44 8.23 24.52
C TRP C 401 30.30 6.78 24.13
N ALA C 402 29.09 6.23 24.35
CA ALA C 402 28.68 4.87 24.00
C ALA C 402 29.85 3.88 24.11
N LYS C 403 30.38 3.77 25.35
CA LYS C 403 31.53 2.94 25.70
C LYS C 403 31.44 1.41 25.38
N GLY C 404 30.26 0.95 24.90
CA GLY C 404 30.00 -0.43 24.47
C GLY C 404 30.75 -0.81 23.22
N VAL C 405 31.08 0.19 22.36
CA VAL C 405 31.90 0.04 21.15
C VAL C 405 33.20 0.75 21.44
N VAL C 406 34.31 0.17 20.97
CA VAL C 406 35.62 0.74 21.16
C VAL C 406 36.13 1.15 19.79
N VAL C 407 36.32 2.47 19.56
CA VAL C 407 36.81 2.95 18.26
C VAL C 407 38.10 3.71 18.42
N GLY C 408 39.00 3.47 17.48
CA GLY C 408 40.29 4.14 17.45
C GLY C 408 41.07 3.88 16.19
N ARG C 409 42.27 4.45 16.10
CA ARG C 409 43.19 4.21 15.00
C ARG C 409 44.27 3.28 15.58
N ALA C 410 44.91 2.49 14.70
CA ALA C 410 46.02 1.61 15.07
C ALA C 410 46.93 1.37 13.85
N ARG C 411 48.01 0.59 14.04
CA ARG C 411 48.92 0.22 12.98
C ARG C 411 49.11 -1.32 13.01
N LEU C 412 49.19 -1.96 11.83
CA LEU C 412 49.36 -3.40 11.66
C LEU C 412 50.63 -3.57 10.81
N GLY C 413 51.74 -3.84 11.49
CA GLY C 413 53.07 -3.93 10.88
C GLY C 413 53.47 -2.65 10.16
N GLY C 414 52.87 -1.53 10.59
CA GLY C 414 53.10 -0.20 10.04
C GLY C 414 51.98 0.34 9.20
N ILE C 415 50.98 -0.51 8.86
CA ILE C 415 49.85 -0.05 8.05
C ILE C 415 48.86 0.64 8.99
N PRO C 416 48.53 1.96 8.78
CA PRO C 416 47.51 2.62 9.64
C PRO C 416 46.06 2.21 9.25
N LEU C 417 45.17 2.08 10.24
CA LEU C 417 43.79 1.70 9.94
C LEU C 417 42.85 2.08 11.07
N GLY C 418 41.56 2.08 10.77
CA GLY C 418 40.53 2.29 11.76
C GLY C 418 40.16 0.95 12.36
N VAL C 419 39.96 0.93 13.67
CA VAL C 419 39.63 -0.29 14.41
C VAL C 419 38.30 -0.07 15.18
N ILE C 420 37.38 -1.05 15.07
CA ILE C 420 36.14 -1.11 15.85
C ILE C 420 36.13 -2.45 16.58
N GLY C 421 36.08 -2.38 17.90
CA GLY C 421 36.00 -3.52 18.81
C GLY C 421 34.78 -3.44 19.69
N VAL C 422 34.41 -4.56 20.34
CA VAL C 422 33.22 -4.66 21.18
C VAL C 422 33.59 -4.79 22.66
N GLU C 423 33.07 -3.87 23.49
CA GLU C 423 33.24 -3.90 24.94
C GLU C 423 32.32 -5.01 25.47
N THR C 424 32.91 -6.07 26.02
CA THR C 424 32.19 -7.23 26.55
C THR C 424 31.58 -6.99 27.92
N ARG C 425 32.14 -6.04 28.67
CA ARG C 425 31.67 -5.64 29.99
C ARG C 425 30.40 -4.76 29.90
N THR C 426 29.51 -4.84 30.90
CA THR C 426 28.30 -4.03 31.00
C THR C 426 28.75 -2.58 31.12
N VAL C 427 28.13 -1.70 30.36
CA VAL C 427 28.46 -0.29 30.37
C VAL C 427 27.35 0.49 31.07
N GLU C 428 27.73 1.40 31.97
CA GLU C 428 26.81 2.32 32.66
C GLU C 428 27.01 3.76 32.18
N ASN C 429 25.93 4.49 31.99
CA ASN C 429 25.93 5.91 31.62
C ASN C 429 24.89 6.60 32.47
N LEU C 430 25.29 7.68 33.11
CA LEU C 430 24.41 8.45 33.98
C LEU C 430 23.77 9.58 33.15
N ILE C 431 22.44 9.59 33.06
CA ILE C 431 21.76 10.63 32.31
C ILE C 431 21.45 11.76 33.29
N PRO C 432 22.02 12.97 33.11
CA PRO C 432 21.80 14.04 34.09
C PRO C 432 20.36 14.49 34.26
N ALA C 433 20.07 15.13 35.40
CA ALA C 433 18.75 15.65 35.72
C ALA C 433 18.55 16.94 34.94
N ASP C 434 17.34 17.12 34.35
CA ASP C 434 16.97 18.32 33.60
C ASP C 434 16.74 19.46 34.60
N PRO C 435 17.54 20.55 34.55
CA PRO C 435 17.34 21.66 35.52
C PRO C 435 16.01 22.41 35.34
N ALA C 436 15.42 22.32 34.13
CA ALA C 436 14.14 22.93 33.75
C ALA C 436 12.92 22.14 34.27
N ASN C 437 13.16 20.89 34.74
CA ASN C 437 12.10 20.06 35.33
C ASN C 437 12.40 19.83 36.82
N PRO C 438 11.54 20.38 37.74
CA PRO C 438 11.80 20.20 39.19
C PRO C 438 11.56 18.76 39.67
N ASN C 439 10.73 18.00 38.91
CA ASN C 439 10.44 16.60 39.17
C ASN C 439 11.27 15.70 38.24
N SER C 440 12.57 16.01 38.18
CA SER C 440 13.55 15.26 37.39
C SER C 440 14.75 14.97 38.23
N ALA C 441 15.21 13.74 38.10
CA ALA C 441 16.37 13.21 38.78
C ALA C 441 17.24 12.54 37.74
N GLU C 442 18.54 12.43 38.06
CA GLU C 442 19.51 11.76 37.20
C GLU C 442 19.18 10.27 37.14
N THR C 443 19.36 9.65 35.98
CA THR C 443 19.08 8.22 35.81
C THR C 443 20.30 7.48 35.27
N LEU C 444 20.53 6.27 35.80
CA LEU C 444 21.64 5.42 35.41
C LEU C 444 21.13 4.29 34.51
N ILE C 445 21.68 4.21 33.30
CA ILE C 445 21.28 3.22 32.30
C ILE C 445 22.36 2.17 32.13
N GLN C 446 22.00 0.94 32.34
CA GLN C 446 22.91 -0.16 32.16
C GLN C 446 22.67 -0.76 30.78
N GLN C 447 23.75 -1.08 30.07
CA GLN C 447 23.65 -1.69 28.77
C GLN C 447 24.52 -2.93 28.72
N ALA C 448 23.88 -4.08 28.43
CA ALA C 448 24.51 -5.40 28.29
C ALA C 448 25.63 -5.33 27.27
N GLY C 449 26.68 -6.11 27.52
CA GLY C 449 27.83 -6.18 26.62
C GLY C 449 27.48 -6.98 25.38
N GLN C 450 28.19 -6.75 24.27
CA GLN C 450 27.98 -7.44 22.99
C GLN C 450 26.56 -7.28 22.39
N VAL C 451 25.81 -6.24 22.82
CA VAL C 451 24.47 -5.89 22.32
C VAL C 451 24.49 -4.45 21.80
N TRP C 452 24.05 -4.24 20.51
CA TRP C 452 23.97 -2.92 19.91
C TRP C 452 22.77 -2.17 20.46
N PHE C 453 23.02 -0.94 20.94
CA PHE C 453 21.99 -0.05 21.44
C PHE C 453 21.94 1.17 20.53
N PRO C 454 20.90 2.03 20.60
CA PRO C 454 20.89 3.22 19.72
C PRO C 454 22.21 3.99 19.68
N ASN C 455 22.78 4.28 20.88
CA ASN C 455 24.02 5.04 21.03
C ASN C 455 25.25 4.36 20.42
N SER C 456 25.44 3.05 20.71
CA SER C 456 26.56 2.25 20.20
C SER C 456 26.45 2.01 18.70
N ALA C 457 25.23 1.90 18.15
CA ALA C 457 25.02 1.75 16.70
C ALA C 457 25.36 3.09 15.99
N PHE C 458 24.96 4.21 16.59
CA PHE C 458 25.26 5.55 16.13
C PHE C 458 26.77 5.76 16.10
N LYS C 459 27.47 5.42 17.20
CA LYS C 459 28.92 5.52 17.32
C LYS C 459 29.61 4.69 16.24
N THR C 460 29.06 3.48 15.93
CA THR C 460 29.63 2.56 14.94
C THR C 460 29.57 3.18 13.56
N ALA C 461 28.41 3.67 13.14
CA ALA C 461 28.22 4.32 11.85
C ALA C 461 29.12 5.53 11.75
N GLN C 462 29.17 6.33 12.82
CA GLN C 462 29.98 7.54 12.92
C GLN C 462 31.43 7.23 12.69
N ALA C 463 31.97 6.21 13.41
CA ALA C 463 33.36 5.77 13.30
C ALA C 463 33.70 5.35 11.87
N ILE C 464 32.85 4.55 11.23
CA ILE C 464 32.99 4.08 9.85
C ILE C 464 33.10 5.29 8.91
N ASN C 465 32.21 6.28 9.10
CA ASN C 465 32.21 7.46 8.25
C ASN C 465 33.43 8.31 8.46
N ASP C 466 33.85 8.48 9.74
CA ASP C 466 35.00 9.28 10.13
C ASP C 466 36.29 8.64 9.69
N PHE C 467 36.33 7.33 9.52
CA PHE C 467 37.49 6.63 8.97
C PHE C 467 37.54 6.83 7.46
N ASN C 468 36.39 6.85 6.81
CA ASN C 468 36.29 6.92 5.35
C ASN C 468 36.57 8.31 4.79
N ASN C 469 35.79 9.31 5.25
CA ASN C 469 35.88 10.69 4.84
C ASN C 469 37.13 11.32 5.47
N GLY C 470 37.90 11.98 4.63
CA GLY C 470 39.12 12.65 5.07
C GLY C 470 40.25 11.75 5.49
N GLU C 471 40.02 10.89 6.51
CA GLU C 471 41.02 9.91 6.98
C GLU C 471 41.42 8.91 5.87
N GLN C 472 40.41 8.45 5.05
CA GLN C 472 40.63 7.57 3.90
C GLN C 472 41.43 6.35 4.27
N LEU C 473 41.09 5.77 5.45
CA LEU C 473 41.73 4.62 6.06
C LEU C 473 41.05 3.28 5.78
N PRO C 474 41.81 2.13 5.75
CA PRO C 474 41.14 0.83 5.70
C PRO C 474 40.55 0.60 7.10
N MET C 475 39.65 -0.37 7.24
CA MET C 475 39.03 -0.61 8.53
C MET C 475 39.00 -2.08 8.86
N MET C 476 39.18 -2.38 10.16
CA MET C 476 38.94 -3.68 10.74
C MET C 476 37.85 -3.56 11.85
N ILE C 477 36.76 -4.35 11.68
CA ILE C 477 35.75 -4.46 12.68
C ILE C 477 35.92 -5.86 13.28
N LEU C 478 36.33 -5.93 14.57
CA LEU C 478 36.49 -7.12 15.38
C LEU C 478 35.06 -7.44 15.88
N ALA C 479 34.17 -7.85 14.91
CA ALA C 479 32.72 -8.09 15.05
C ALA C 479 32.37 -9.09 16.11
N ASN C 480 31.66 -8.66 17.14
CA ASN C 480 31.32 -9.52 18.27
C ASN C 480 30.04 -9.05 18.96
N TRP C 481 28.94 -9.09 18.23
CA TRP C 481 27.65 -8.65 18.76
C TRP C 481 26.64 -9.76 18.72
N ARG C 482 25.83 -9.89 19.78
CA ARG C 482 24.75 -10.87 19.90
C ARG C 482 23.55 -10.41 19.07
N GLY C 483 23.41 -9.10 18.88
CA GLY C 483 22.33 -8.49 18.12
C GLY C 483 22.05 -7.08 18.55
N PHE C 484 20.91 -6.55 18.17
CA PHE C 484 20.47 -5.21 18.54
C PHE C 484 19.52 -5.37 19.68
N SER C 485 19.40 -4.37 20.53
CA SER C 485 18.43 -4.37 21.63
C SER C 485 17.03 -4.14 21.02
N GLY C 486 16.21 -5.18 21.05
CA GLY C 486 14.86 -5.16 20.49
C GLY C 486 13.78 -4.82 21.49
N GLY C 487 14.20 -4.41 22.70
CA GLY C 487 13.29 -4.06 23.77
C GLY C 487 12.47 -2.82 23.47
N GLN C 488 11.47 -2.55 24.34
CA GLN C 488 10.57 -1.45 24.11
C GLN C 488 11.23 -0.08 24.09
N ARG C 489 12.03 0.21 25.15
CA ARG C 489 12.75 1.47 25.30
C ARG C 489 13.67 1.75 24.11
N ASP C 490 14.52 0.75 23.75
CA ASP C 490 15.47 0.86 22.64
C ASP C 490 14.84 0.93 21.27
N MET C 491 13.68 0.28 21.07
CA MET C 491 12.91 0.34 19.82
C MET C 491 12.25 1.71 19.69
N PHE C 492 11.67 2.23 20.80
CA PHE C 492 11.10 3.56 20.84
C PHE C 492 12.19 4.59 20.56
N ASN C 493 13.40 4.39 21.14
CA ASN C 493 14.55 5.29 20.91
C ASN C 493 15.25 5.06 19.57
N GLU C 494 14.50 4.54 18.59
CA GLU C 494 14.89 4.42 17.19
C GLU C 494 16.13 3.60 16.85
N VAL C 495 16.38 2.47 17.53
CA VAL C 495 17.54 1.62 17.26
C VAL C 495 17.66 1.24 15.75
N LEU C 496 16.53 1.05 15.06
CA LEU C 496 16.48 0.66 13.65
C LEU C 496 17.09 1.70 12.74
N LYS C 497 16.98 2.98 13.14
CA LYS C 497 17.50 4.13 12.40
C LYS C 497 19.02 4.08 12.47
N TYR C 498 19.58 3.88 13.68
CA TYR C 498 21.03 3.90 13.90
C TYR C 498 21.74 2.69 13.34
N GLY C 499 21.04 1.54 13.40
CA GLY C 499 21.50 0.28 12.83
C GLY C 499 21.60 0.42 11.33
N SER C 500 20.62 1.14 10.72
CA SER C 500 20.56 1.39 9.28
C SER C 500 21.69 2.29 8.81
N PHE C 501 22.11 3.28 9.66
CA PHE C 501 23.23 4.16 9.37
C PHE C 501 24.54 3.35 9.18
N ILE C 502 24.71 2.20 9.88
CA ILE C 502 25.86 1.33 9.75
C ILE C 502 25.93 0.84 8.30
N VAL C 503 24.83 0.25 7.79
CA VAL C 503 24.72 -0.22 6.41
C VAL C 503 25.16 0.90 5.40
N ASP C 504 24.57 2.09 5.53
CA ASP C 504 24.86 3.27 4.69
C ASP C 504 26.34 3.67 4.72
N ALA C 505 26.96 3.61 5.91
CA ALA C 505 28.38 3.95 6.12
C ALA C 505 29.32 2.98 5.38
N LEU C 506 28.96 1.69 5.36
CA LEU C 506 29.66 0.59 4.70
C LEU C 506 29.46 0.68 3.19
N VAL C 507 28.26 1.06 2.72
CA VAL C 507 27.97 1.21 1.27
C VAL C 507 28.93 2.27 0.69
N ASP C 508 29.11 3.37 1.42
CA ASP C 508 29.94 4.52 1.05
C ASP C 508 31.47 4.31 1.20
N TYR C 509 31.89 3.22 1.88
CA TYR C 509 33.30 2.95 2.16
C TYR C 509 34.17 2.73 0.91
N LYS C 510 35.31 3.45 0.82
CA LYS C 510 36.15 3.40 -0.40
C LYS C 510 37.53 2.76 -0.26
N GLN C 511 37.85 2.21 0.93
CA GLN C 511 39.15 1.56 1.24
C GLN C 511 38.91 0.11 1.75
N PRO C 512 39.92 -0.81 1.66
CA PRO C 512 39.73 -2.16 2.15
C PRO C 512 39.03 -2.27 3.52
N ILE C 513 38.06 -3.22 3.65
CA ILE C 513 37.40 -3.50 4.93
C ILE C 513 37.68 -4.96 5.28
N ILE C 514 37.91 -5.22 6.57
CA ILE C 514 38.11 -6.57 7.12
C ILE C 514 37.14 -6.71 8.31
N ILE C 515 36.21 -7.69 8.22
CA ILE C 515 35.30 -8.03 9.32
C ILE C 515 35.87 -9.35 9.84
N TYR C 516 36.19 -9.40 11.12
CA TYR C 516 36.77 -10.58 11.74
C TYR C 516 36.10 -10.91 13.07
N ILE C 517 35.37 -12.03 13.13
CA ILE C 517 34.72 -12.48 14.37
C ILE C 517 35.86 -13.12 15.16
N PRO C 518 36.29 -12.48 16.26
CA PRO C 518 37.48 -12.95 16.99
C PRO C 518 37.30 -14.25 17.79
N PRO C 519 38.36 -14.82 18.43
CA PRO C 519 38.15 -15.98 19.31
C PRO C 519 37.23 -15.59 20.47
N THR C 520 36.35 -16.51 20.92
CA THR C 520 35.31 -16.31 21.97
C THR C 520 34.19 -15.39 21.47
N GLY C 521 34.35 -14.88 20.25
CA GLY C 521 33.43 -13.97 19.61
C GLY C 521 32.20 -14.61 19.00
N GLU C 522 31.17 -13.80 18.76
CA GLU C 522 29.92 -14.23 18.15
C GLU C 522 29.27 -13.15 17.30
N LEU C 523 28.49 -13.55 16.30
CA LEU C 523 27.80 -12.61 15.44
C LEU C 523 26.47 -13.26 15.07
N ARG C 524 25.36 -12.69 15.58
CA ARG C 524 24.03 -13.28 15.38
C ARG C 524 23.07 -12.32 14.74
N GLY C 525 21.97 -12.87 14.21
CA GLY C 525 20.85 -12.15 13.61
C GLY C 525 21.19 -10.84 12.95
N GLY C 526 20.49 -9.80 13.38
CA GLY C 526 20.67 -8.44 12.86
C GLY C 526 22.07 -7.87 12.93
N SER C 527 22.89 -8.34 13.87
CA SER C 527 24.27 -7.89 13.98
C SER C 527 25.07 -8.34 12.77
N TRP C 528 24.83 -9.57 12.26
CA TRP C 528 25.48 -10.05 11.06
C TRP C 528 25.00 -9.24 9.87
N VAL C 529 23.67 -9.18 9.67
CA VAL C 529 22.98 -8.50 8.55
C VAL C 529 23.68 -7.19 8.14
N VAL C 530 23.83 -6.30 9.12
CA VAL C 530 24.35 -4.93 9.11
C VAL C 530 25.85 -4.79 8.83
N VAL C 531 26.61 -5.88 8.91
CA VAL C 531 28.07 -5.88 8.75
C VAL C 531 28.56 -6.91 7.68
N ASP C 532 27.61 -7.52 6.94
CA ASP C 532 27.92 -8.53 5.91
C ASP C 532 28.68 -7.97 4.71
N PRO C 533 29.74 -8.70 4.21
CA PRO C 533 30.49 -8.20 3.03
C PRO C 533 29.74 -7.98 1.72
N THR C 534 28.48 -8.42 1.58
CA THR C 534 27.68 -8.18 0.36
C THR C 534 27.10 -6.76 0.27
N ILE C 535 27.14 -6.03 1.43
CA ILE C 535 26.74 -4.61 1.52
C ILE C 535 27.71 -3.81 0.62
N ASN C 536 28.97 -4.26 0.56
CA ASN C 536 29.98 -3.62 -0.28
C ASN C 536 31.01 -4.66 -0.70
N ALA C 537 30.65 -5.49 -1.72
CA ALA C 537 31.54 -6.55 -2.22
C ALA C 537 32.91 -6.05 -2.72
N ASP C 538 32.98 -4.80 -3.20
CA ASP C 538 34.19 -4.16 -3.70
C ASP C 538 35.24 -3.99 -2.65
N GLN C 539 34.84 -3.61 -1.41
CA GLN C 539 35.79 -3.37 -0.33
C GLN C 539 35.78 -4.41 0.80
N MET C 540 34.61 -4.98 1.06
CA MET C 540 34.43 -5.88 2.18
C MET C 540 34.87 -7.31 2.01
N GLU C 541 35.26 -7.91 3.16
CA GLU C 541 35.80 -9.25 3.30
C GLU C 541 35.53 -9.72 4.71
N MET C 542 35.02 -10.95 4.88
CA MET C 542 34.76 -11.47 6.21
C MET C 542 35.60 -12.69 6.56
N TYR C 543 36.00 -12.73 7.84
CA TYR C 543 36.79 -13.79 8.42
C TYR C 543 36.20 -14.17 9.77
N ALA C 544 36.35 -15.42 10.14
CA ALA C 544 35.89 -15.86 11.45
C ALA C 544 36.98 -16.75 12.06
N ASP C 545 37.23 -16.56 13.35
CA ASP C 545 38.21 -17.35 14.06
C ASP C 545 37.63 -18.74 14.23
N VAL C 546 38.51 -19.71 14.45
CA VAL C 546 38.12 -21.09 14.68
C VAL C 546 37.34 -21.24 16.01
N ASN C 547 37.47 -20.26 16.91
CA ASN C 547 36.77 -20.18 18.20
C ASN C 547 35.61 -19.19 18.25
N ALA C 548 35.24 -18.71 17.08
CA ALA C 548 34.10 -17.83 16.88
C ALA C 548 32.83 -18.66 16.67
N ARG C 549 31.66 -18.03 16.84
CA ARG C 549 30.36 -18.64 16.60
C ARG C 549 29.51 -17.67 15.83
N ALA C 550 28.58 -18.15 15.01
CA ALA C 550 27.67 -17.30 14.24
C ALA C 550 26.50 -18.12 13.71
N GLY C 551 25.31 -17.54 13.81
CA GLY C 551 24.06 -18.12 13.34
C GLY C 551 22.94 -17.10 13.46
N VAL C 552 21.75 -17.40 12.90
CA VAL C 552 20.58 -16.50 12.97
C VAL C 552 20.28 -16.21 14.45
N LEU C 553 20.13 -17.27 15.25
CA LEU C 553 19.90 -17.23 16.69
C LEU C 553 21.09 -17.84 17.42
N GLU C 554 21.07 -17.84 18.75
CA GLU C 554 22.08 -18.49 19.56
C GLU C 554 21.56 -19.93 19.83
N PRO C 555 22.41 -20.92 20.25
CA PRO C 555 21.89 -22.28 20.50
C PRO C 555 20.59 -22.37 21.31
N GLU C 556 20.36 -21.43 22.28
CA GLU C 556 19.14 -21.41 23.09
C GLU C 556 17.88 -21.12 22.29
N GLY C 557 18.00 -20.23 21.31
CA GLY C 557 16.91 -19.87 20.41
C GLY C 557 16.66 -20.92 19.34
N THR C 558 17.74 -21.44 18.73
CA THR C 558 17.69 -22.49 17.70
C THR C 558 16.91 -23.70 18.25
N VAL C 559 17.25 -24.12 19.48
CA VAL C 559 16.61 -25.20 20.22
C VAL C 559 15.13 -24.85 20.47
N GLU C 560 14.83 -23.65 21.03
CA GLU C 560 13.47 -23.17 21.31
C GLU C 560 12.56 -23.24 20.07
N ILE C 561 13.09 -22.91 18.88
CA ILE C 561 12.33 -22.89 17.63
C ILE C 561 12.32 -24.21 16.86
N LYS C 562 13.52 -24.86 16.70
CA LYS C 562 13.69 -26.06 15.88
C LYS C 562 13.89 -27.42 16.56
N PHE C 563 14.33 -27.45 17.84
CA PHE C 563 14.54 -28.70 18.62
C PHE C 563 13.64 -28.71 19.86
N ARG C 564 12.33 -28.68 19.60
CA ARG C 564 11.28 -28.61 20.63
C ARG C 564 11.08 -29.93 21.42
N ARG C 565 10.05 -29.98 22.31
CA ARG C 565 9.70 -31.13 23.17
C ARG C 565 9.58 -32.47 22.47
N GLU C 566 8.83 -32.53 21.34
CA GLU C 566 8.62 -33.76 20.56
C GLU C 566 9.94 -34.31 20.02
N LYS C 567 10.77 -33.44 19.40
CA LYS C 567 12.09 -33.79 18.85
C LYS C 567 13.00 -34.38 19.95
N LEU C 568 12.91 -33.86 21.19
CA LEU C 568 13.69 -34.38 22.31
C LEU C 568 13.22 -35.77 22.70
N LEU C 569 11.88 -35.97 22.77
CA LEU C 569 11.31 -37.26 23.14
C LEU C 569 11.65 -38.38 22.13
N ASP C 570 11.69 -38.05 20.82
CA ASP C 570 12.08 -38.98 19.76
C ASP C 570 13.57 -39.30 19.86
N THR C 571 14.38 -38.34 20.36
CA THR C 571 15.82 -38.49 20.54
C THR C 571 16.06 -39.40 21.74
N MET C 572 15.30 -39.18 22.84
CA MET C 572 15.32 -40.01 24.06
C MET C 572 14.97 -41.46 23.68
N ASN C 573 13.93 -41.59 22.81
CA ASN C 573 13.39 -42.82 22.21
C ASN C 573 14.45 -43.59 21.43
N ARG C 574 15.45 -42.87 20.89
CA ARG C 574 16.54 -43.42 20.08
C ARG C 574 17.80 -43.73 20.90
N LEU C 575 18.19 -42.82 21.82
CA LEU C 575 19.43 -42.90 22.61
C LEU C 575 19.39 -43.54 23.99
N ASP C 576 18.25 -43.48 24.69
CA ASP C 576 18.18 -44.01 26.04
C ASP C 576 17.59 -45.44 26.10
N ASP C 577 18.38 -46.40 26.65
CA ASP C 577 17.92 -47.78 26.77
C ASP C 577 16.61 -47.87 27.58
N LYS C 578 16.49 -47.07 28.66
CA LYS C 578 15.26 -47.02 29.49
C LYS C 578 14.20 -46.18 28.76
N LYS C 601 2.27 -42.93 31.93
CA LYS C 601 2.40 -42.34 33.25
C LYS C 601 3.85 -42.45 33.76
N GLN C 602 4.41 -43.68 33.72
CA GLN C 602 5.75 -44.05 34.19
C GLN C 602 6.91 -43.49 33.30
N LEU C 603 6.57 -42.91 32.11
CA LEU C 603 7.51 -42.28 31.17
C LEU C 603 7.95 -40.95 31.74
N ALA C 604 6.98 -40.19 32.31
CA ALA C 604 7.19 -38.87 32.89
C ALA C 604 8.33 -38.86 33.91
N ASP C 605 8.50 -39.97 34.67
CA ASP C 605 9.55 -40.12 35.66
C ASP C 605 10.96 -40.03 35.05
N ARG C 606 11.27 -40.86 34.01
CA ARG C 606 12.58 -40.82 33.32
C ARG C 606 12.74 -39.57 32.45
N GLU C 607 11.61 -39.00 31.96
CA GLU C 607 11.56 -37.77 31.16
C GLU C 607 12.16 -36.61 31.99
N ARG C 608 11.69 -36.43 33.24
CA ARG C 608 12.16 -35.43 34.22
C ARG C 608 13.64 -35.67 34.59
N GLU C 609 14.08 -36.95 34.53
CA GLU C 609 15.44 -37.36 34.82
C GLU C 609 16.39 -36.98 33.70
N LEU C 610 16.00 -37.29 32.43
CA LEU C 610 16.79 -37.08 31.20
C LEU C 610 16.83 -35.65 30.69
N LEU C 611 15.70 -34.92 30.76
CA LEU C 611 15.56 -33.55 30.28
C LEU C 611 16.74 -32.58 30.53
N PRO C 612 17.34 -32.49 31.75
CA PRO C 612 18.48 -31.58 31.92
C PRO C 612 19.65 -31.86 30.98
N ILE C 613 20.05 -33.13 30.82
CA ILE C 613 21.15 -33.48 29.94
C ILE C 613 20.76 -33.51 28.46
N TYR C 614 19.50 -33.83 28.14
CA TYR C 614 19.05 -33.88 26.74
C TYR C 614 18.88 -32.49 26.14
N GLY C 615 18.59 -31.52 27.03
CA GLY C 615 18.51 -30.11 26.71
C GLY C 615 19.91 -29.59 26.43
N GLN C 616 20.92 -30.24 27.04
CA GLN C 616 22.33 -29.92 26.82
C GLN C 616 22.83 -30.58 25.52
N ILE C 617 22.28 -31.75 25.15
CA ILE C 617 22.61 -32.45 23.90
C ILE C 617 22.19 -31.57 22.72
N SER C 618 20.93 -31.10 22.74
CA SER C 618 20.32 -30.28 21.70
C SER C 618 21.06 -28.95 21.54
N LEU C 619 21.49 -28.36 22.68
CA LEU C 619 22.25 -27.10 22.73
C LEU C 619 23.60 -27.32 22.03
N GLN C 620 24.23 -28.49 22.28
CA GLN C 620 25.49 -28.88 21.63
C GLN C 620 25.26 -29.18 20.14
N PHE C 621 24.14 -29.88 19.81
CA PHE C 621 23.74 -30.19 18.44
C PHE C 621 23.58 -28.88 17.65
N ALA C 622 22.90 -27.86 18.25
CA ALA C 622 22.69 -26.54 17.67
C ALA C 622 24.02 -25.80 17.50
N ASP C 623 24.89 -25.80 18.54
CA ASP C 623 26.20 -25.15 18.52
C ASP C 623 27.12 -25.68 17.43
N LEU C 624 26.93 -26.94 17.00
CA LEU C 624 27.78 -27.55 15.98
C LEU C 624 27.55 -27.02 14.58
N HIS C 625 26.45 -26.25 14.39
CA HIS C 625 26.14 -25.62 13.11
C HIS C 625 26.75 -24.22 13.07
N ASP C 626 26.99 -23.60 14.25
CA ASP C 626 27.51 -22.23 14.46
C ASP C 626 29.05 -22.07 14.28
N ARG C 627 29.73 -23.09 13.76
CA ARG C 627 31.18 -23.09 13.61
C ARG C 627 31.67 -22.42 12.33
N SER C 628 32.91 -21.86 12.38
CA SER C 628 33.56 -21.24 11.23
C SER C 628 33.65 -22.19 10.01
N SER C 629 33.72 -23.50 10.26
CA SER C 629 33.79 -24.56 9.24
C SER C 629 32.55 -24.60 8.36
N ARG C 630 31.38 -24.25 8.92
CA ARG C 630 30.12 -24.20 8.18
C ARG C 630 30.06 -22.89 7.39
N MET C 631 30.65 -21.81 7.99
CA MET C 631 30.74 -20.49 7.39
C MET C 631 31.58 -20.58 6.13
N VAL C 632 32.76 -21.23 6.22
CA VAL C 632 33.67 -21.54 5.11
C VAL C 632 32.93 -22.38 4.03
N ALA C 633 32.32 -23.51 4.45
CA ALA C 633 31.57 -24.42 3.57
C ALA C 633 30.44 -23.73 2.84
N LYS C 634 29.72 -22.84 3.52
CA LYS C 634 28.63 -22.11 2.93
C LYS C 634 29.06 -20.81 2.21
N GLY C 635 30.39 -20.61 2.13
CA GLY C 635 31.04 -19.49 1.46
C GLY C 635 30.63 -18.11 1.91
N VAL C 636 30.44 -17.93 3.24
CA VAL C 636 30.03 -16.64 3.81
C VAL C 636 31.21 -15.84 4.43
N ILE C 637 32.40 -16.50 4.53
CA ILE C 637 33.65 -15.95 5.05
C ILE C 637 34.76 -16.30 4.04
N SER C 638 35.77 -15.42 3.90
CA SER C 638 36.86 -15.63 2.94
C SER C 638 37.75 -16.78 3.39
N LYS C 639 37.97 -16.87 4.71
CA LYS C 639 38.81 -17.87 5.36
C LYS C 639 38.46 -17.99 6.84
N GLU C 640 38.72 -19.16 7.43
CA GLU C 640 38.63 -19.34 8.88
C GLU C 640 40.06 -19.17 9.41
N LEU C 641 40.25 -18.39 10.48
CA LEU C 641 41.60 -18.05 10.96
C LEU C 641 41.92 -18.50 12.38
N GLU C 642 43.22 -18.49 12.73
CA GLU C 642 43.74 -18.80 14.07
C GLU C 642 44.28 -17.50 14.61
N TRP C 643 43.66 -16.99 15.68
CA TRP C 643 43.98 -15.74 16.37
C TRP C 643 45.48 -15.49 16.54
N THR C 644 46.23 -16.47 17.01
CA THR C 644 47.66 -16.27 17.19
C THR C 644 48.39 -15.94 15.91
N GLU C 645 47.91 -16.50 14.77
CA GLU C 645 48.51 -16.29 13.45
C GLU C 645 47.88 -15.15 12.59
N ALA C 646 46.87 -14.44 13.17
CA ALA C 646 46.06 -13.39 12.56
C ALA C 646 46.78 -12.09 12.19
N ARG C 647 47.72 -11.66 13.02
CA ARG C 647 48.53 -10.47 12.76
C ARG C 647 49.34 -10.70 11.47
N ARG C 648 49.98 -11.88 11.35
CA ARG C 648 50.75 -12.21 10.16
C ARG C 648 49.87 -12.26 8.93
N PHE C 649 48.72 -12.92 9.05
CA PHE C 649 47.82 -13.09 7.92
C PHE C 649 47.30 -11.76 7.39
N PHE C 650 46.72 -10.94 8.29
CA PHE C 650 46.12 -9.66 7.98
C PHE C 650 47.12 -8.62 7.50
N PHE C 651 48.38 -8.73 7.97
CA PHE C 651 49.41 -7.81 7.55
C PHE C 651 49.65 -7.99 6.07
N TRP C 652 49.83 -9.24 5.62
CA TRP C 652 50.06 -9.49 4.21
C TRP C 652 48.79 -9.35 3.35
N ARG C 653 47.60 -9.51 3.97
CA ARG C 653 46.34 -9.36 3.28
C ARG C 653 46.07 -7.88 3.00
N LEU C 654 46.28 -7.00 4.00
CA LEU C 654 46.01 -5.58 3.84
C LEU C 654 47.03 -4.96 2.87
N ARG C 655 48.33 -5.32 3.05
CA ARG C 655 49.42 -4.91 2.16
C ARG C 655 49.12 -5.37 0.72
N ARG C 656 48.66 -6.63 0.52
CA ARG C 656 48.28 -7.14 -0.81
C ARG C 656 47.20 -6.27 -1.50
N ARG C 657 46.08 -6.13 -0.76
CA ARG C 657 44.88 -5.38 -1.12
C ARG C 657 45.17 -3.94 -1.46
N LEU C 658 46.03 -3.25 -0.67
CA LEU C 658 46.36 -1.84 -0.91
C LEU C 658 47.06 -1.65 -2.27
N ASN C 659 47.97 -2.57 -2.60
CA ASN C 659 48.73 -2.60 -3.83
C ASN C 659 47.80 -2.88 -4.99
N GLU C 660 46.84 -3.84 -4.84
CA GLU C 660 45.82 -4.15 -5.88
C GLU C 660 44.88 -2.97 -6.11
N GLU C 661 44.37 -2.32 -4.99
CA GLU C 661 43.51 -1.11 -5.00
C GLU C 661 44.19 0.01 -5.80
N TYR C 662 45.52 0.21 -5.57
CA TYR C 662 46.33 1.19 -6.29
C TYR C 662 46.27 0.95 -7.78
N LEU C 663 46.43 -0.31 -8.19
CA LEU C 663 46.41 -0.72 -9.59
C LEU C 663 45.01 -0.58 -10.20
N ILE C 664 43.93 -0.80 -9.41
CA ILE C 664 42.54 -0.65 -9.89
C ILE C 664 42.29 0.81 -10.23
N LYS C 665 42.80 1.73 -9.38
CA LYS C 665 42.68 3.19 -9.53
C LYS C 665 43.41 3.69 -10.78
N ARG C 666 44.64 3.22 -11.01
CA ARG C 666 45.42 3.59 -12.19
C ARG C 666 44.71 3.08 -13.45
N LEU C 667 44.08 1.91 -13.36
CA LEU C 667 43.35 1.35 -14.50
C LEU C 667 42.08 2.13 -14.78
N SER C 668 41.42 2.64 -13.73
CA SER C 668 40.18 3.42 -13.82
C SER C 668 40.32 4.63 -14.73
N HIS C 669 41.46 5.34 -14.64
CA HIS C 669 41.79 6.50 -15.45
C HIS C 669 41.89 6.13 -16.93
N GLN C 670 42.71 5.09 -17.24
CA GLN C 670 42.98 4.56 -18.58
C GLN C 670 41.73 4.47 -19.47
N VAL C 671 40.85 3.48 -19.20
CA VAL C 671 39.62 3.30 -19.97
C VAL C 671 38.57 4.40 -19.62
N GLY C 672 38.09 4.36 -18.38
CA GLY C 672 37.00 5.19 -17.87
C GLY C 672 35.75 4.35 -17.62
N GLU C 673 35.52 3.31 -18.50
CA GLU C 673 34.35 2.41 -18.44
C GLU C 673 34.57 0.88 -18.58
N ALA C 674 34.46 0.18 -17.42
CA ALA C 674 34.58 -1.27 -17.11
C ALA C 674 34.33 -1.50 -15.61
N SER C 675 33.79 -2.68 -15.25
CA SER C 675 33.50 -3.07 -13.86
C SER C 675 34.77 -3.32 -13.05
N ARG C 676 34.65 -3.37 -11.71
CA ARG C 676 35.78 -3.64 -10.79
C ARG C 676 36.41 -5.00 -11.15
N LEU C 677 35.56 -6.00 -11.37
CA LEU C 677 35.90 -7.37 -11.73
C LEU C 677 36.71 -7.45 -13.01
N GLU C 678 36.34 -6.62 -14.02
CA GLU C 678 37.02 -6.53 -15.31
C GLU C 678 38.40 -5.91 -15.13
N LYS C 679 38.50 -4.89 -14.24
CA LYS C 679 39.74 -4.18 -13.90
C LYS C 679 40.70 -5.10 -13.15
N ILE C 680 40.23 -5.69 -12.03
CA ILE C 680 41.04 -6.60 -11.22
C ILE C 680 41.52 -7.87 -11.97
N ALA C 681 40.74 -8.34 -12.95
CA ALA C 681 41.10 -9.50 -13.78
C ALA C 681 42.21 -9.10 -14.73
N ARG C 682 42.11 -7.90 -15.34
CA ARG C 682 43.11 -7.34 -16.25
C ARG C 682 44.45 -7.20 -15.50
N ILE C 683 44.40 -6.69 -14.24
CA ILE C 683 45.57 -6.49 -13.39
C ILE C 683 46.20 -7.83 -13.06
N ARG C 684 45.36 -8.81 -12.65
CA ARG C 684 45.82 -10.15 -12.28
C ARG C 684 46.35 -10.96 -13.45
N SER C 685 45.96 -10.59 -14.67
CA SER C 685 46.43 -11.26 -15.88
C SER C 685 47.88 -10.82 -16.20
N TRP C 686 48.34 -9.69 -15.58
CA TRP C 686 49.69 -9.18 -15.77
C TRP C 686 50.71 -9.91 -14.92
N TYR C 687 50.23 -10.55 -13.83
CA TYR C 687 51.04 -11.31 -12.88
C TYR C 687 51.66 -12.49 -13.63
N PRO C 688 52.93 -12.85 -13.39
CA PRO C 688 53.50 -14.03 -14.07
C PRO C 688 52.67 -15.28 -13.73
N ALA C 689 52.72 -16.27 -14.63
CA ALA C 689 51.95 -17.51 -14.49
C ALA C 689 52.25 -18.26 -13.18
N SER C 690 53.51 -18.15 -12.72
CA SER C 690 54.02 -18.75 -11.50
C SER C 690 53.49 -18.11 -10.23
N VAL C 691 53.04 -16.84 -10.29
CA VAL C 691 52.50 -16.17 -9.11
C VAL C 691 51.13 -16.77 -8.74
N ASP C 692 50.98 -17.19 -7.45
CA ASP C 692 49.73 -17.70 -6.91
C ASP C 692 48.90 -16.47 -6.57
N HIS C 693 47.77 -16.27 -7.26
CA HIS C 693 46.89 -15.12 -7.01
C HIS C 693 46.36 -15.09 -5.56
N GLU C 694 46.29 -16.26 -4.90
CA GLU C 694 45.83 -16.43 -3.54
C GLU C 694 46.91 -16.18 -2.47
N ASP C 695 48.19 -16.02 -2.90
CA ASP C 695 49.33 -15.77 -2.01
C ASP C 695 49.59 -14.27 -1.92
N ASP C 696 49.01 -13.68 -0.85
CA ASP C 696 49.05 -12.29 -0.49
C ASP C 696 50.45 -11.71 -0.42
N ARG C 697 51.38 -12.38 0.30
CA ARG C 697 52.76 -11.92 0.44
C ARG C 697 53.43 -11.85 -0.92
N GLN C 698 53.29 -12.89 -1.74
CA GLN C 698 53.89 -13.03 -3.04
C GLN C 698 53.33 -12.01 -4.01
N VAL C 699 52.00 -11.81 -3.97
CA VAL C 699 51.31 -10.84 -4.83
C VAL C 699 51.83 -9.41 -4.52
N ALA C 700 51.92 -9.05 -3.23
CA ALA C 700 52.45 -7.76 -2.81
C ALA C 700 53.94 -7.64 -3.20
N THR C 701 54.74 -8.68 -2.94
CA THR C 701 56.17 -8.71 -3.28
C THR C 701 56.41 -8.45 -4.77
N TRP C 702 55.62 -9.07 -5.64
CA TRP C 702 55.75 -8.88 -7.08
C TRP C 702 55.37 -7.47 -7.53
N ILE C 703 54.22 -6.95 -7.07
CA ILE C 703 53.72 -5.62 -7.41
C ILE C 703 54.75 -4.57 -7.00
N GLU C 704 55.21 -4.60 -5.72
CA GLU C 704 56.26 -3.67 -5.26
C GLU C 704 57.59 -3.82 -6.00
N GLU C 705 57.94 -5.01 -6.51
CA GLU C 705 59.17 -5.22 -7.32
C GLU C 705 59.01 -4.67 -8.75
N ASN C 706 57.74 -4.51 -9.22
CA ASN C 706 57.39 -4.11 -10.58
C ASN C 706 56.48 -2.88 -10.75
N TYR C 707 56.35 -1.97 -9.74
CA TYR C 707 55.50 -0.75 -9.89
C TYR C 707 55.85 0.08 -11.16
N LYS C 708 57.16 0.28 -11.42
CA LYS C 708 57.64 1.10 -12.54
C LYS C 708 57.47 0.34 -13.85
N THR C 709 57.50 -1.02 -13.81
CA THR C 709 57.26 -1.89 -14.95
C THR C 709 55.76 -1.85 -15.32
N LEU C 710 54.90 -2.00 -14.31
CA LEU C 710 53.44 -1.92 -14.42
C LEU C 710 53.04 -0.52 -14.91
N ASP C 711 53.72 0.52 -14.37
CA ASP C 711 53.53 1.89 -14.80
C ASP C 711 53.76 1.99 -16.31
N ASP C 712 54.79 1.28 -16.84
CA ASP C 712 55.06 1.21 -18.26
C ASP C 712 53.85 0.62 -19.03
N LYS C 713 53.36 -0.62 -18.70
CA LYS C 713 52.17 -1.21 -19.38
C LYS C 713 51.00 -0.25 -19.34
N LEU C 714 50.77 0.41 -18.17
CA LEU C 714 49.69 1.39 -18.00
C LEU C 714 49.83 2.57 -18.97
N LYS C 715 51.06 3.10 -19.12
CA LYS C 715 51.34 4.21 -20.04
C LYS C 715 51.28 3.78 -21.51
N GLY C 716 51.65 2.53 -21.80
CA GLY C 716 51.61 1.95 -23.14
C GLY C 716 50.19 1.74 -23.64
N LEU C 717 49.27 1.47 -22.69
CA LEU C 717 47.84 1.26 -22.92
C LEU C 717 47.13 2.53 -23.45
N LYS C 718 47.76 3.73 -23.24
CA LYS C 718 47.30 5.04 -23.73
C LYS C 718 47.63 5.12 -25.25
N LEU C 719 46.96 4.24 -26.02
CA LEU C 719 47.12 4.03 -27.46
C LEU C 719 45.78 4.34 -28.14
CBE B36 D . -70.30 -37.27 -23.97
CAK B36 D . -69.03 -37.65 -23.56
CAE B36 D . -68.22 -38.35 -24.42
CAC B36 D . -68.68 -38.65 -25.68
CAI B36 D . -69.94 -38.28 -26.11
CBB B36 D . -70.74 -37.57 -25.24
CAP B36 D . -72.01 -37.21 -25.65
CBC B36 D . -72.83 -36.53 -24.78
CAJ B36 D . -74.09 -36.18 -25.21
CAD B36 D . -74.95 -35.54 -24.33
CAF B36 D . -74.53 -35.24 -23.06
CAL B36 D . -73.26 -35.57 -22.64
CBF B36 D . -72.41 -36.23 -23.49
CAZ B36 D . -71.13 -36.61 -23.09
CAW B36 D . -70.65 -36.36 -21.71
OAB B36 D . -70.88 -37.26 -20.90
NBH B36 D . -69.91 -35.20 -21.48
CAT B36 D . -69.40 -34.95 -20.15
CAR B36 D . -70.12 -33.76 -19.56
CAS B36 D . -69.85 -34.11 -22.43
CAQ B36 D . -70.48 -32.85 -21.88
CBG B36 D . -69.94 -32.56 -20.48
CAU B36 D . -70.54 -31.32 -19.86
CAY B36 D . -70.41 -30.14 -20.76
CAO B36 D . -71.55 -29.49 -21.15
CBA B36 D . -71.45 -28.39 -21.99
CAM B36 D . -72.62 -27.76 -22.34
CAG B36 D . -72.55 -26.65 -23.15
CAX B36 D . -71.31 -26.23 -23.58
CAA B36 D . -71.27 -25.04 -24.46
NAV B36 D . -70.15 -26.84 -23.26
CBD B36 D . -70.23 -27.92 -22.45
CAN B36 D . -69.10 -28.58 -22.04
CAH B36 D . -69.18 -29.67 -21.21
CBE B36 E . 15.69 36.87 24.53
CAK B36 E . 14.57 36.60 23.79
CAE B36 E . 13.31 36.63 24.34
CAC B36 E . 13.18 36.97 25.67
CAI B36 E . 14.30 37.28 26.43
CBB B36 E . 15.56 37.24 25.87
CAP B36 E . 16.67 37.54 26.64
CBC B36 E . 17.93 37.47 26.07
CAJ B36 E . 19.02 37.80 26.84
CAD B36 E . 20.29 37.73 26.28
CAF B36 E . 20.46 37.35 24.97
CAL B36 E . 19.37 37.00 24.21
CBF B36 E . 18.09 37.06 24.76
CAZ B36 E . 16.96 36.76 24.00
CAW B36 E . 17.07 36.40 22.57
OAB B36 E . 16.82 37.30 21.78
NBH B36 E . 17.42 35.09 22.22
CAT B36 E . 17.40 34.74 20.81
CAR B36 E . 16.17 33.93 20.49
CAS B36 E . 17.36 33.98 23.15
CAQ B36 E . 16.18 33.07 22.82
CBG B36 E . 16.13 32.68 21.34
CAU B36 E . 14.97 31.75 20.97
CAY B36 E . 14.90 30.54 21.86
CAO B36 E . 13.75 30.20 22.54
CBA B36 E . 13.72 29.10 23.38
CAM B36 E . 12.55 28.79 24.04
CAG B36 E . 12.52 27.69 24.86
CAX B36 E . 13.67 26.93 24.99
CAA B36 E . 13.61 25.74 25.88
NAV B36 E . 14.83 27.20 24.38
CBD B36 E . 14.83 28.28 23.57
CAN B36 E . 15.98 28.63 22.87
CAH B36 E . 16.00 29.73 22.04
CBE B36 F . 15.93 -17.07 21.78
CAK B36 F . 15.44 -16.91 20.49
CAE B36 F . 14.14 -17.26 20.22
CAC B36 F . 13.30 -17.75 21.21
CAI B36 F . 13.78 -17.88 22.50
CBB B36 F . 15.09 -17.56 22.78
CAP B36 F . 15.56 -17.72 24.06
CBC B36 F . 16.87 -17.40 24.37
CAJ B36 F . 17.32 -17.54 25.67
CAD B36 F . 18.62 -17.21 26.00
CAF B36 F . 19.48 -16.78 25.02
CAL B36 F . 19.04 -16.65 23.71
CBF B36 F . 17.73 -16.94 23.38
CAZ B36 F . 17.25 -16.77 22.09
CAW B36 F . 18.18 -16.30 21.05
OAB B36 F . 18.97 -17.12 20.59
NBH B36 F . 18.10 -14.95 20.68
CAT B36 F . 18.97 -14.44 19.65
CAR B36 F . 20.15 -13.76 20.30
CAS B36 F . 17.55 -13.93 21.57
CAQ B36 F . 18.62 -12.99 22.09
CBG B36 F . 19.60 -12.56 21.04
CAU B36 F . 20.72 -11.70 21.61
CAY B36 F . 20.14 -10.53 22.34
CAO B36 F . 20.53 -10.27 23.63
CBA B36 F . 19.99 -9.20 24.31
CAM B36 F . 20.39 -8.96 25.60
CAG B36 F . 19.86 -7.86 26.27
CAX B36 F . 18.93 -7.09 25.60
CAA B36 F . 18.33 -5.92 26.28
NAV B36 F . 18.52 -7.31 24.35
CBD B36 F . 19.05 -8.36 23.71
CAN B36 F . 18.69 -8.63 22.41
CAH B36 F . 19.24 -9.69 21.72
#